data_6NHY
#
_entry.id   6NHY
#
_entity_poly.entity_id   1
_entity_poly.type   'polypeptide(L)'
_entity_poly.pdbx_seq_one_letter_code
;MPGSLSGIIIYVTVAAVVLIVAVFVCKSLLWKKVLP
;
_entity_poly.pdbx_strand_id   A,B,C
#
# COMPACT_ATOMS: atom_id res chain seq x y z
N MET A 1 -1.15 -32.92 -4.34
CA MET A 1 -1.73 -31.82 -5.16
C MET A 1 -2.98 -31.24 -4.38
N PRO A 2 -2.84 -30.77 -3.09
CA PRO A 2 -4.03 -30.20 -2.31
C PRO A 2 -4.43 -28.80 -2.87
N GLY A 3 -3.40 -28.05 -3.33
CA GLY A 3 -3.57 -26.66 -3.92
C GLY A 3 -4.09 -25.66 -2.86
N SER A 4 -3.64 -24.38 -2.95
CA SER A 4 -4.07 -23.27 -1.98
C SER A 4 -3.66 -21.90 -2.57
N LEU A 5 -3.75 -21.81 -3.92
CA LEU A 5 -3.41 -20.54 -4.69
C LEU A 5 -4.51 -19.47 -4.48
N SER A 6 -5.72 -19.92 -4.15
CA SER A 6 -6.90 -18.98 -3.88
C SER A 6 -6.68 -18.21 -2.55
N GLY A 7 -5.85 -18.82 -1.66
CA GLY A 7 -5.53 -18.23 -0.31
C GLY A 7 -4.56 -17.02 -0.37
N ILE A 8 -3.40 -17.18 -1.10
CA ILE A 8 -2.35 -16.07 -1.20
C ILE A 8 -2.90 -14.85 -1.98
N ILE A 9 -3.72 -15.11 -3.06
CA ILE A 9 -4.34 -14.00 -3.92
C ILE A 9 -5.28 -13.08 -3.05
N ILE A 10 -6.10 -13.68 -2.16
CA ILE A 10 -7.04 -12.89 -1.25
C ILE A 10 -6.21 -12.11 -0.18
N TYR A 11 -5.22 -12.83 0.41
CA TYR A 11 -4.34 -12.30 1.55
C TYR A 11 -3.38 -11.14 1.13
N VAL A 12 -2.73 -11.21 -0.08
CA VAL A 12 -1.71 -10.15 -0.52
C VAL A 12 -2.34 -8.72 -0.53
N THR A 13 -3.66 -8.66 -0.82
CA THR A 13 -4.44 -7.34 -0.87
C THR A 13 -4.60 -6.77 0.56
N VAL A 14 -5.04 -7.65 1.49
CA VAL A 14 -5.27 -7.29 2.95
C VAL A 14 -3.90 -6.98 3.62
N ALA A 15 -2.84 -7.71 3.17
CA ALA A 15 -1.43 -7.56 3.71
C ALA A 15 -0.91 -6.10 3.52
N ALA A 16 -1.32 -5.48 2.38
CA ALA A 16 -0.91 -4.06 2.02
C ALA A 16 -1.59 -3.02 2.96
N VAL A 17 -2.91 -3.22 3.22
CA VAL A 17 -3.75 -2.28 4.08
C VAL A 17 -3.26 -2.27 5.56
N VAL A 18 -2.99 -3.46 6.16
CA VAL A 18 -2.54 -3.56 7.63
C VAL A 18 -1.14 -2.92 7.80
N LEU A 19 -0.28 -3.04 6.74
CA LEU A 19 1.15 -2.53 6.75
C LEU A 19 1.21 -0.98 6.88
N ILE A 20 0.24 -0.25 6.25
CA ILE A 20 0.21 1.29 6.27
C ILE A 20 -0.15 1.80 7.70
N VAL A 21 -1.27 1.30 8.29
CA VAL A 21 -1.74 1.74 9.67
C VAL A 21 -0.76 1.28 10.81
N ALA A 22 -0.17 0.06 10.67
CA ALA A 22 0.74 -0.56 11.74
C ALA A 22 1.99 0.34 12.05
N VAL A 23 2.69 0.83 11.00
CA VAL A 23 3.92 1.72 11.16
C VAL A 23 3.52 3.05 11.87
N PHE A 24 2.29 3.57 11.59
CA PHE A 24 1.76 4.87 12.24
C PHE A 24 1.48 4.62 13.76
N VAL A 25 0.86 3.46 14.10
CA VAL A 25 0.53 3.06 15.54
C VAL A 25 1.86 2.78 16.31
N CYS A 26 2.89 2.26 15.59
CA CYS A 26 4.24 1.92 16.20
C CYS A 26 4.95 3.21 16.71
N LYS A 27 4.83 4.31 15.92
CA LYS A 27 5.45 5.66 16.24
C LYS A 27 4.62 6.39 17.33
N SER A 28 3.28 6.19 17.33
CA SER A 28 2.34 6.86 18.35
C SER A 28 2.68 6.38 19.79
N LEU A 29 3.29 5.17 19.88
CA LEU A 29 3.72 4.53 21.18
C LEU A 29 5.09 5.13 21.64
N LEU A 30 5.95 5.48 20.64
CA LEU A 30 7.37 6.03 20.86
C LEU A 30 7.40 7.59 20.88
N TRP A 31 6.25 8.24 20.53
CA TRP A 31 6.06 9.77 20.55
C TRP A 31 5.00 10.03 21.60
N LYS A 32 4.73 8.99 22.41
CA LYS A 32 3.75 9.01 23.53
C LYS A 32 4.24 10.02 24.58
N LYS A 33 3.38 10.29 25.52
CA LYS A 33 3.63 11.27 26.69
C LYS A 33 4.95 10.92 27.45
N VAL A 34 5.55 9.72 27.14
CA VAL A 34 6.89 9.27 27.71
C VAL A 34 7.68 8.74 26.48
N LEU A 35 8.86 9.36 26.22
CA LEU A 35 9.80 9.02 25.06
C LEU A 35 11.25 8.89 25.65
N PRO A 36 12.16 7.94 25.20
CA PRO A 36 13.57 7.82 25.80
C PRO A 36 14.46 9.00 25.35
N MET B 1 -28.99 -14.99 -1.90
CA MET B 1 -29.89 -13.80 -1.96
C MET B 1 -29.00 -12.50 -2.14
N PRO B 2 -28.11 -12.09 -1.16
CA PRO B 2 -27.24 -10.83 -1.32
C PRO B 2 -26.30 -10.94 -2.57
N GLY B 3 -25.20 -11.72 -2.44
CA GLY B 3 -24.19 -11.96 -3.55
C GLY B 3 -23.56 -10.64 -4.06
N SER B 4 -22.65 -10.05 -3.23
CA SER B 4 -21.93 -8.76 -3.54
C SER B 4 -20.64 -8.64 -2.71
N LEU B 5 -20.16 -9.80 -2.22
CA LEU B 5 -18.88 -9.94 -1.39
C LEU B 5 -17.67 -9.85 -2.36
N SER B 6 -17.84 -10.47 -3.56
CA SER B 6 -16.79 -10.49 -4.66
C SER B 6 -16.34 -9.06 -5.06
N GLY B 7 -17.27 -8.10 -4.90
CA GLY B 7 -17.04 -6.63 -5.22
C GLY B 7 -16.12 -5.96 -4.17
N ILE B 8 -16.28 -6.39 -2.88
CA ILE B 8 -15.49 -5.84 -1.70
C ILE B 8 -13.99 -6.22 -1.85
N ILE B 9 -13.71 -7.44 -2.37
CA ILE B 9 -12.29 -7.97 -2.56
C ILE B 9 -11.54 -7.11 -3.62
N ILE B 10 -12.25 -6.74 -4.72
CA ILE B 10 -11.66 -5.88 -5.85
C ILE B 10 -11.44 -4.43 -5.34
N TYR B 11 -12.40 -3.95 -4.50
CA TYR B 11 -12.41 -2.53 -3.94
C TYR B 11 -11.17 -2.21 -3.05
N VAL B 12 -10.81 -3.11 -2.09
CA VAL B 12 -9.65 -2.87 -1.13
C VAL B 12 -8.30 -2.67 -1.91
N THR B 13 -8.20 -3.28 -3.13
CA THR B 13 -6.94 -3.17 -4.01
C THR B 13 -6.76 -1.71 -4.49
N VAL B 14 -7.86 -1.14 -5.01
CA VAL B 14 -7.89 0.29 -5.56
C VAL B 14 -7.71 1.29 -4.38
N ALA B 15 -8.54 1.13 -3.32
CA ALA B 15 -8.49 2.03 -2.10
C ALA B 15 -7.05 2.09 -1.48
N ALA B 16 -6.31 0.94 -1.55
CA ALA B 16 -4.89 0.84 -0.99
C ALA B 16 -3.92 1.80 -1.75
N VAL B 17 -4.01 1.82 -3.10
CA VAL B 17 -3.13 2.70 -3.99
C VAL B 17 -3.53 4.19 -3.80
N VAL B 18 -4.86 4.47 -3.84
CA VAL B 18 -5.43 5.87 -3.67
C VAL B 18 -5.02 6.46 -2.28
N LEU B 19 -4.91 5.59 -1.23
CA LEU B 19 -4.53 6.03 0.18
C LEU B 19 -3.07 6.57 0.21
N ILE B 20 -2.15 5.90 -0.56
CA ILE B 20 -0.68 6.31 -0.66
C ILE B 20 -0.58 7.65 -1.45
N VAL B 21 -1.27 7.73 -2.60
CA VAL B 21 -1.27 8.95 -3.51
C VAL B 21 -1.96 10.18 -2.83
N ALA B 22 -3.02 9.93 -2.02
CA ALA B 22 -3.82 11.06 -1.36
C ALA B 22 -2.94 11.98 -0.45
N VAL B 23 -1.87 11.43 0.19
CA VAL B 23 -0.94 12.26 1.10
C VAL B 23 -0.15 13.28 0.25
N PHE B 24 0.39 12.82 -0.92
CA PHE B 24 1.20 13.70 -1.88
C PHE B 24 0.29 14.81 -2.49
N VAL B 25 -0.95 14.42 -2.90
CA VAL B 25 -1.95 15.41 -3.50
C VAL B 25 -2.37 16.46 -2.42
N CYS B 26 -2.53 16.01 -1.15
CA CYS B 26 -2.94 16.92 0.01
C CYS B 26 -1.82 17.96 0.34
N LYS B 27 -0.57 17.47 0.48
CA LYS B 27 0.64 18.33 0.83
C LYS B 27 1.04 19.25 -0.37
N SER B 28 1.00 18.70 -1.60
CA SER B 28 1.39 19.48 -2.86
C SER B 28 0.42 20.67 -3.10
N LEU B 29 -0.74 20.69 -2.39
CA LEU B 29 -1.80 21.78 -2.51
C LEU B 29 -1.51 22.91 -1.46
N LEU B 30 -1.06 22.49 -0.24
CA LEU B 30 -0.75 23.44 0.91
C LEU B 30 0.65 24.08 0.73
N TRP B 31 1.57 23.36 0.04
CA TRP B 31 3.01 23.85 -0.24
C TRP B 31 3.07 24.64 -1.57
N LYS B 32 1.92 24.72 -2.32
CA LYS B 32 1.85 25.48 -3.65
C LYS B 32 1.95 27.01 -3.39
N LYS B 33 1.96 27.39 -2.09
CA LYS B 33 2.11 28.82 -1.60
C LYS B 33 0.84 29.65 -1.91
N VAL B 34 -0.24 29.00 -2.43
CA VAL B 34 -1.57 29.70 -2.75
C VAL B 34 -2.41 29.70 -1.44
N LEU B 35 -2.84 30.89 -0.95
CA LEU B 35 -3.66 31.06 0.33
C LEU B 35 -5.17 31.18 -0.12
N PRO B 36 -6.13 30.23 0.20
CA PRO B 36 -7.62 30.38 -0.21
C PRO B 36 -8.22 31.79 0.10
N MET C 1 -12.19 -13.35 -28.13
CA MET C 1 -10.94 -12.63 -27.78
C MET C 1 -11.30 -11.30 -27.02
N PRO C 2 -12.08 -11.33 -25.89
CA PRO C 2 -12.44 -10.05 -25.10
C PRO C 2 -11.22 -9.57 -24.25
N GLY C 3 -10.01 -9.63 -24.87
CA GLY C 3 -8.70 -9.22 -24.20
C GLY C 3 -8.34 -10.17 -23.05
N SER C 4 -8.07 -9.61 -21.84
CA SER C 4 -7.69 -10.42 -20.61
C SER C 4 -7.75 -9.49 -19.36
N LEU C 5 -9.00 -9.10 -18.96
CA LEU C 5 -9.24 -8.18 -17.76
C LEU C 5 -8.80 -8.86 -16.45
N SER C 6 -8.65 -10.20 -16.48
CA SER C 6 -8.20 -11.01 -15.27
C SER C 6 -6.70 -10.72 -14.97
N GLY C 7 -5.97 -10.25 -16.01
CA GLY C 7 -4.50 -9.92 -15.90
C GLY C 7 -4.21 -8.62 -15.13
N ILE C 8 -4.91 -7.50 -15.50
CA ILE C 8 -4.68 -6.13 -14.83
C ILE C 8 -5.14 -6.16 -13.35
N ILE C 9 -6.27 -6.89 -13.05
CA ILE C 9 -6.83 -7.01 -11.63
C ILE C 9 -5.78 -7.69 -10.68
N ILE C 10 -5.07 -8.74 -11.16
CA ILE C 10 -4.01 -9.46 -10.33
C ILE C 10 -2.77 -8.53 -10.14
N TYR C 11 -2.43 -7.80 -11.21
CA TYR C 11 -1.20 -6.88 -11.27
C TYR C 11 -1.26 -5.69 -10.25
N VAL C 12 -2.42 -4.96 -10.18
CA VAL C 12 -2.55 -3.72 -9.28
C VAL C 12 -2.26 -4.08 -7.78
N THR C 13 -2.52 -5.35 -7.39
CA THR C 13 -2.27 -5.85 -5.97
C THR C 13 -0.75 -5.94 -5.68
N VAL C 14 -0.02 -6.57 -6.64
CA VAL C 14 1.48 -6.76 -6.54
C VAL C 14 2.18 -5.38 -6.64
N ALA C 15 1.77 -4.55 -7.63
CA ALA C 15 2.34 -3.16 -7.86
C ALA C 15 2.29 -2.30 -6.55
N ALA C 16 1.22 -2.50 -5.73
CA ALA C 16 1.02 -1.75 -4.42
C ALA C 16 2.12 -2.12 -3.39
N VAL C 17 2.43 -3.44 -3.28
CA VAL C 17 3.49 -3.97 -2.31
C VAL C 17 4.90 -3.55 -2.79
N VAL C 18 5.14 -3.63 -4.13
CA VAL C 18 6.47 -3.26 -4.77
C VAL C 18 6.76 -1.75 -4.54
N LEU C 19 5.69 -0.90 -4.55
CA LEU C 19 5.82 0.61 -4.37
C LEU C 19 6.38 0.99 -2.96
N ILE C 20 5.87 0.30 -1.89
CA ILE C 20 6.28 0.58 -0.45
C ILE C 20 7.78 0.20 -0.19
N VAL C 21 8.18 -1.04 -0.56
CA VAL C 21 9.60 -1.55 -0.33
C VAL C 21 10.67 -0.81 -1.19
N ALA C 22 10.29 -0.44 -2.45
CA ALA C 22 11.26 0.19 -3.46
C ALA C 22 11.91 1.50 -2.94
N VAL C 23 11.13 2.43 -2.32
CA VAL C 23 11.70 3.75 -1.80
C VAL C 23 12.81 3.49 -0.73
N PHE C 24 12.65 2.40 0.11
CA PHE C 24 13.69 2.02 1.17
C PHE C 24 14.97 1.46 0.47
N VAL C 25 14.79 0.60 -0.57
CA VAL C 25 15.94 -0.03 -1.36
C VAL C 25 16.69 1.09 -2.14
N CYS C 26 15.93 2.05 -2.72
CA CYS C 26 16.52 3.22 -3.50
C CYS C 26 17.32 4.15 -2.54
N LYS C 27 16.76 4.36 -1.32
CA LYS C 27 17.40 5.24 -0.24
C LYS C 27 18.60 4.51 0.39
N SER C 28 18.57 3.15 0.40
CA SER C 28 19.69 2.30 0.97
C SER C 28 20.96 2.41 0.07
N LEU C 29 20.72 2.47 -1.27
CA LEU C 29 21.83 2.54 -2.32
C LEU C 29 22.71 3.81 -2.18
N LEU C 30 22.08 4.97 -1.81
CA LEU C 30 22.83 6.30 -1.62
C LEU C 30 23.51 6.30 -0.22
N TRP C 31 22.92 5.55 0.74
CA TRP C 31 23.47 5.42 2.18
C TRP C 31 24.49 4.25 2.26
N LYS C 32 24.67 3.49 1.15
CA LYS C 32 25.67 2.32 1.08
C LYS C 32 27.06 2.87 0.69
N LYS C 33 27.06 4.03 -0.02
CA LYS C 33 28.33 4.73 -0.52
C LYS C 33 29.17 5.24 0.68
N VAL C 34 28.45 5.64 1.75
CA VAL C 34 29.04 6.16 3.06
C VAL C 34 28.36 5.40 4.23
N LEU C 35 29.17 4.71 5.08
CA LEU C 35 28.70 3.87 6.27
C LEU C 35 28.77 4.78 7.55
N PRO C 36 27.81 4.73 8.54
CA PRO C 36 27.87 5.64 9.78
C PRO C 36 29.02 5.18 10.73
N MET A 1 5.57 -28.22 -0.29
CA MET A 1 4.86 -27.84 -1.55
C MET A 1 3.47 -27.23 -1.15
N PRO A 2 2.86 -26.26 -1.93
CA PRO A 2 1.50 -25.65 -1.55
C PRO A 2 0.36 -26.68 -1.80
N GLY A 3 -0.90 -26.20 -1.77
CA GLY A 3 -2.14 -27.04 -1.98
C GLY A 3 -3.36 -26.14 -2.24
N SER A 4 -3.09 -25.00 -2.92
CA SER A 4 -4.13 -23.95 -3.28
C SER A 4 -3.52 -22.98 -4.31
N LEU A 5 -4.33 -21.98 -4.75
CA LEU A 5 -3.89 -20.93 -5.76
C LEU A 5 -4.84 -19.70 -5.65
N SER A 6 -6.14 -19.98 -5.42
CA SER A 6 -7.19 -18.89 -5.23
C SER A 6 -6.97 -18.19 -3.86
N GLY A 7 -6.44 -18.98 -2.90
CA GLY A 7 -6.17 -18.53 -1.48
C GLY A 7 -5.16 -17.36 -1.36
N ILE A 8 -3.97 -17.48 -2.02
CA ILE A 8 -2.87 -16.39 -1.94
C ILE A 8 -3.43 -15.02 -2.46
N ILE A 9 -4.31 -15.05 -3.49
CA ILE A 9 -4.95 -13.80 -4.09
C ILE A 9 -5.74 -12.98 -3.01
N ILE A 10 -6.38 -13.69 -2.04
CA ILE A 10 -7.19 -13.02 -0.92
C ILE A 10 -6.22 -12.25 0.03
N TYR A 11 -5.13 -12.94 0.38
CA TYR A 11 -4.07 -12.45 1.37
C TYR A 11 -3.24 -11.22 0.88
N VAL A 12 -2.74 -11.23 -0.38
CA VAL A 12 -1.81 -10.11 -0.89
C VAL A 12 -2.45 -8.69 -0.80
N THR A 13 -3.77 -8.58 -1.14
CA THR A 13 -4.52 -7.25 -1.14
C THR A 13 -4.64 -6.63 0.29
N VAL A 14 -5.07 -7.45 1.29
CA VAL A 14 -5.23 -6.97 2.73
C VAL A 14 -3.83 -6.75 3.36
N ALA A 15 -2.83 -7.56 2.93
CA ALA A 15 -1.40 -7.48 3.48
C ALA A 15 -0.77 -6.06 3.26
N ALA A 16 -1.12 -5.40 2.13
CA ALA A 16 -0.57 -4.02 1.80
C ALA A 16 -1.15 -2.92 2.74
N VAL A 17 -2.41 -3.11 3.17
CA VAL A 17 -3.16 -2.13 4.07
C VAL A 17 -2.55 -2.08 5.51
N VAL A 18 -2.36 -3.26 6.17
CA VAL A 18 -1.77 -3.33 7.59
C VAL A 18 -0.33 -2.75 7.59
N LEU A 19 0.39 -2.93 6.44
CA LEU A 19 1.84 -2.46 6.27
C LEU A 19 1.97 -0.93 6.62
N ILE A 20 1.02 -0.09 6.09
CA ILE A 20 1.01 1.42 6.34
C ILE A 20 0.67 1.72 7.84
N VAL A 21 -0.33 0.99 8.40
CA VAL A 21 -0.81 1.18 9.83
C VAL A 21 0.28 0.78 10.87
N ALA A 22 1.02 -0.32 10.60
CA ALA A 22 2.07 -0.87 11.58
C ALA A 22 3.18 0.19 11.89
N VAL A 23 3.71 0.83 10.84
CA VAL A 23 4.78 1.92 10.96
C VAL A 23 4.13 3.18 11.62
N PHE A 24 2.82 3.42 11.32
CA PHE A 24 2.04 4.64 11.88
C PHE A 24 1.97 4.59 13.44
N VAL A 25 1.70 3.36 14.00
CA VAL A 25 1.60 3.14 15.50
C VAL A 25 2.99 3.36 16.18
N CYS A 26 4.10 3.02 15.45
CA CYS A 26 5.52 3.15 16.00
C CYS A 26 5.89 4.64 16.28
N LYS A 27 5.56 5.54 15.31
CA LYS A 27 5.84 7.04 15.43
C LYS A 27 4.93 7.70 16.50
N SER A 28 3.67 7.23 16.58
CA SER A 28 2.63 7.76 17.55
C SER A 28 3.04 7.50 19.03
N LEU A 29 3.81 6.42 19.25
CA LEU A 29 4.30 5.99 20.63
C LEU A 29 5.43 6.94 21.11
N LEU A 30 6.31 7.36 20.16
CA LEU A 30 7.50 8.27 20.43
C LEU A 30 7.09 9.77 20.35
N TRP A 31 6.04 10.08 19.55
CA TRP A 31 5.52 11.51 19.34
C TRP A 31 4.46 11.86 20.41
N LYS A 32 4.27 10.97 21.42
CA LYS A 32 3.30 11.18 22.57
C LYS A 32 3.95 12.17 23.58
N LYS A 33 5.27 12.40 23.40
CA LYS A 33 6.14 13.31 24.24
C LYS A 33 6.45 12.67 25.62
N VAL A 34 5.65 11.64 26.02
CA VAL A 34 5.82 10.86 27.32
C VAL A 34 5.61 9.35 26.98
N LEU A 35 6.57 8.47 27.44
CA LEU A 35 6.55 6.97 27.19
C LEU A 35 5.84 6.31 28.43
N PRO A 36 4.99 5.23 28.30
CA PRO A 36 4.28 4.60 29.51
C PRO A 36 5.28 3.81 30.38
N MET B 1 -25.64 -12.20 1.73
CA MET B 1 -25.23 -12.81 3.02
C MET B 1 -24.99 -14.37 2.89
N PRO B 2 -25.76 -15.18 2.07
CA PRO B 2 -25.55 -16.70 1.98
C PRO B 2 -24.39 -17.04 0.97
N GLY B 3 -23.14 -17.08 1.50
CA GLY B 3 -21.90 -17.40 0.68
C GLY B 3 -21.55 -16.25 -0.26
N SER B 4 -20.55 -16.50 -1.14
CA SER B 4 -20.02 -15.50 -2.16
C SER B 4 -19.43 -14.23 -1.49
N LEU B 5 -18.41 -13.62 -2.16
CA LEU B 5 -17.70 -12.37 -1.68
C LEU B 5 -16.77 -11.84 -2.81
N SER B 6 -17.18 -12.08 -4.08
CA SER B 6 -16.39 -11.64 -5.29
C SER B 6 -16.42 -10.10 -5.45
N GLY B 7 -17.45 -9.45 -4.86
CA GLY B 7 -17.64 -7.94 -4.93
C GLY B 7 -16.68 -7.15 -4.02
N ILE B 8 -16.60 -7.54 -2.72
CA ILE B 8 -15.76 -6.80 -1.67
C ILE B 8 -14.24 -6.88 -1.98
N ILE B 9 -13.72 -8.06 -2.43
CA ILE B 9 -12.23 -8.21 -2.73
C ILE B 9 -11.73 -7.14 -3.76
N ILE B 10 -12.60 -6.73 -4.74
CA ILE B 10 -12.22 -5.69 -5.80
C ILE B 10 -11.91 -4.32 -5.12
N TYR B 11 -12.78 -3.92 -4.15
CA TYR B 11 -12.67 -2.59 -3.40
C TYR B 11 -11.32 -2.49 -2.60
N VAL B 12 -10.84 -3.62 -2.01
CA VAL B 12 -9.53 -3.59 -1.20
C VAL B 12 -8.32 -3.13 -2.07
N THR B 13 -8.32 -3.52 -3.38
CA THR B 13 -7.15 -3.22 -4.32
C THR B 13 -6.99 -1.72 -4.64
N VAL B 14 -8.09 -1.04 -5.02
CA VAL B 14 -8.08 0.45 -5.36
C VAL B 14 -7.89 1.27 -4.05
N ALA B 15 -8.43 0.73 -2.92
CA ALA B 15 -8.34 1.41 -1.56
C ALA B 15 -6.85 1.57 -1.11
N ALA B 16 -6.01 0.56 -1.44
CA ALA B 16 -4.55 0.54 -1.07
C ALA B 16 -3.72 1.60 -1.87
N VAL B 17 -3.99 1.70 -3.20
CA VAL B 17 -3.24 2.63 -4.14
C VAL B 17 -3.55 4.14 -3.84
N VAL B 18 -4.84 4.50 -3.59
CA VAL B 18 -5.23 5.97 -3.32
C VAL B 18 -4.62 6.45 -1.97
N LEU B 19 -4.49 5.51 -0.99
CA LEU B 19 -3.93 5.83 0.39
C LEU B 19 -2.49 6.43 0.30
N ILE B 20 -1.66 5.90 -0.64
CA ILE B 20 -0.23 6.40 -0.86
C ILE B 20 -0.27 7.86 -1.41
N VAL B 21 -1.05 8.02 -2.48
CA VAL B 21 -1.26 9.31 -3.26
C VAL B 21 -1.99 10.41 -2.44
N ALA B 22 -2.96 10.02 -1.59
CA ALA B 22 -3.85 11.00 -0.83
C ALA B 22 -3.05 12.01 0.07
N VAL B 23 -1.88 11.61 0.62
CA VAL B 23 -1.05 12.55 1.52
C VAL B 23 -0.43 13.69 0.68
N PHE B 24 0.01 13.35 -0.57
CA PHE B 24 0.64 14.36 -1.53
C PHE B 24 -0.44 15.37 -2.03
N VAL B 25 -1.66 14.86 -2.35
CA VAL B 25 -2.82 15.73 -2.85
C VAL B 25 -3.22 16.78 -1.75
N CYS B 26 -3.09 16.40 -0.45
CA CYS B 26 -3.43 17.35 0.72
C CYS B 26 -2.39 18.52 0.75
N LYS B 27 -1.10 18.14 0.58
CA LYS B 27 0.08 19.10 0.59
C LYS B 27 0.06 20.02 -0.66
N SER B 28 -0.56 19.52 -1.76
CA SER B 28 -0.65 20.27 -3.07
C SER B 28 -1.55 21.53 -2.96
N LEU B 29 -2.38 21.61 -1.88
CA LEU B 29 -3.35 22.77 -1.64
C LEU B 29 -2.69 23.91 -0.78
N LEU B 30 -1.84 23.52 0.22
CA LEU B 30 -1.16 24.51 1.18
C LEU B 30 0.09 25.15 0.50
N TRP B 31 0.72 24.40 -0.45
CA TRP B 31 1.98 24.86 -1.20
C TRP B 31 1.58 25.63 -2.50
N LYS B 32 0.26 25.71 -2.79
CA LYS B 32 -0.31 26.45 -4.03
C LYS B 32 -1.39 27.47 -3.55
N LYS B 33 -1.18 28.03 -2.33
CA LYS B 33 -2.10 29.07 -1.70
C LYS B 33 -1.24 30.06 -0.88
N VAL B 34 -0.39 29.51 0.03
CA VAL B 34 0.55 30.33 0.91
C VAL B 34 1.83 30.63 0.07
N LEU B 35 2.16 31.94 -0.10
CA LEU B 35 3.37 32.42 -0.90
C LEU B 35 4.55 32.61 0.13
N PRO B 36 5.85 32.29 -0.17
CA PRO B 36 6.99 32.46 0.85
C PRO B 36 7.29 33.97 1.10
N MET C 1 -11.09 -5.67 -29.62
CA MET C 1 -11.80 -6.96 -29.47
C MET C 1 -11.32 -7.66 -28.15
N PRO C 2 -11.43 -7.01 -26.94
CA PRO C 2 -10.97 -7.65 -25.62
C PRO C 2 -11.95 -8.78 -25.20
N GLY C 3 -11.52 -9.64 -24.24
CA GLY C 3 -12.35 -10.79 -23.71
C GLY C 3 -11.60 -11.53 -22.59
N SER C 4 -10.82 -10.74 -21.79
CA SER C 4 -10.01 -11.26 -20.63
C SER C 4 -9.53 -10.08 -19.77
N LEU C 5 -10.47 -9.13 -19.52
CA LEU C 5 -10.24 -7.88 -18.70
C LEU C 5 -10.00 -8.22 -17.21
N SER C 6 -10.20 -9.51 -16.85
CA SER C 6 -9.95 -10.03 -15.44
C SER C 6 -8.43 -10.08 -15.16
N GLY C 7 -7.62 -10.09 -16.25
CA GLY C 7 -6.11 -10.18 -16.20
C GLY C 7 -5.44 -8.95 -15.54
N ILE C 8 -5.79 -7.71 -15.98
CA ILE C 8 -5.16 -6.42 -15.40
C ILE C 8 -5.46 -6.30 -13.88
N ILE C 9 -6.67 -6.75 -13.46
CA ILE C 9 -7.12 -6.72 -11.99
C ILE C 9 -6.07 -7.46 -11.08
N ILE C 10 -5.42 -8.52 -11.61
CA ILE C 10 -4.38 -9.32 -10.83
C ILE C 10 -3.10 -8.45 -10.62
N TYR C 11 -2.71 -7.73 -11.69
CA TYR C 11 -1.44 -6.87 -11.74
C TYR C 11 -1.46 -5.64 -10.78
N VAL C 12 -2.60 -4.88 -10.66
CA VAL C 12 -2.64 -3.63 -9.77
C VAL C 12 -2.27 -3.96 -8.29
N THR C 13 -2.64 -5.19 -7.83
CA THR C 13 -2.36 -5.69 -6.42
C THR C 13 -0.83 -5.86 -6.19
N VAL C 14 -0.17 -6.54 -7.14
CA VAL C 14 1.33 -6.82 -7.09
C VAL C 14 2.12 -5.49 -7.23
N ALA C 15 1.59 -4.57 -8.07
CA ALA C 15 2.21 -3.21 -8.32
C ALA C 15 2.27 -2.35 -7.02
N ALA C 16 1.23 -2.52 -6.16
CA ALA C 16 1.09 -1.74 -4.86
C ALA C 16 2.17 -2.16 -3.81
N VAL C 17 2.51 -3.48 -3.75
CA VAL C 17 3.51 -4.03 -2.74
C VAL C 17 4.95 -3.53 -3.04
N VAL C 18 5.40 -3.59 -4.34
CA VAL C 18 6.82 -3.15 -4.73
C VAL C 18 6.97 -1.62 -4.53
N LEU C 19 5.87 -0.84 -4.74
CA LEU C 19 5.86 0.67 -4.61
C LEU C 19 6.27 1.11 -3.17
N ILE C 20 5.71 0.40 -2.15
CA ILE C 20 5.99 0.67 -0.67
C ILE C 20 7.45 0.23 -0.32
N VAL C 21 7.78 -1.03 -0.63
CA VAL C 21 9.13 -1.69 -0.31
C VAL C 21 10.34 -1.07 -1.07
N ALA C 22 10.17 -0.66 -2.34
CA ALA C 22 11.34 -0.16 -3.20
C ALA C 22 12.09 1.08 -2.59
N VAL C 23 11.38 2.02 -1.92
CA VAL C 23 12.06 3.26 -1.32
C VAL C 23 12.96 2.88 -0.10
N PHE C 24 12.50 1.87 0.73
CA PHE C 24 13.29 1.40 1.95
C PHE C 24 14.57 0.63 1.50
N VAL C 25 14.45 -0.23 0.47
CA VAL C 25 15.64 -1.04 -0.08
C VAL C 25 16.65 -0.06 -0.77
N CYS C 26 16.12 1.00 -1.43
CA CYS C 26 16.98 2.03 -2.16
C CYS C 26 17.83 2.88 -1.18
N LYS C 27 17.18 3.40 -0.10
CA LYS C 27 17.85 4.31 0.94
C LYS C 27 19.00 3.57 1.69
N SER C 28 18.93 2.21 1.74
CA SER C 28 19.97 1.36 2.46
C SER C 28 21.37 1.50 1.81
N LEU C 29 21.43 1.97 0.54
CA LEU C 29 22.74 2.17 -0.23
C LEU C 29 23.32 3.57 0.14
N LEU C 30 22.42 4.57 0.33
CA LEU C 30 22.79 6.01 0.67
C LEU C 30 23.01 6.18 2.20
N TRP C 31 22.36 5.31 3.02
CA TRP C 31 22.45 5.35 4.54
C TRP C 31 23.64 4.49 5.03
N LYS C 32 24.39 3.88 4.08
CA LYS C 32 25.61 3.00 4.36
C LYS C 32 26.80 3.56 3.55
N LYS C 33 26.82 4.91 3.40
CA LYS C 33 27.90 5.67 2.65
C LYS C 33 27.87 7.14 3.16
N VAL C 34 26.77 7.86 2.83
CA VAL C 34 26.52 9.31 3.22
C VAL C 34 25.67 9.29 4.53
N LEU C 35 26.07 10.10 5.56
CA LEU C 35 25.35 10.21 6.90
C LEU C 35 24.32 11.41 6.83
N PRO C 36 22.98 11.28 7.12
CA PRO C 36 22.02 12.47 7.04
C PRO C 36 22.16 13.37 8.30
N MET A 1 -0.86 -31.47 -10.21
CA MET A 1 -2.21 -30.98 -9.84
C MET A 1 -2.03 -29.82 -8.79
N PRO A 2 -2.94 -28.79 -8.69
CA PRO A 2 -2.78 -27.65 -7.67
C PRO A 2 -3.10 -28.18 -6.25
N GLY A 3 -3.28 -27.24 -5.29
CA GLY A 3 -3.59 -27.58 -3.84
C GLY A 3 -4.07 -26.34 -3.08
N SER A 4 -3.99 -26.37 -1.73
CA SER A 4 -4.42 -25.24 -0.82
C SER A 4 -3.70 -23.89 -1.17
N LEU A 5 -4.31 -23.10 -2.10
CA LEU A 5 -3.77 -21.76 -2.59
C LEU A 5 -4.92 -20.72 -2.68
N SER A 6 -6.13 -21.08 -2.16
CA SER A 6 -7.34 -20.17 -2.17
C SER A 6 -7.11 -18.94 -1.25
N GLY A 7 -6.47 -19.20 -0.10
CA GLY A 7 -6.15 -18.15 0.94
C GLY A 7 -5.05 -17.19 0.45
N ILE A 8 -4.05 -17.75 -0.29
CA ILE A 8 -2.86 -16.99 -0.86
C ILE A 8 -3.33 -15.84 -1.83
N ILE A 9 -4.40 -16.11 -2.63
CA ILE A 9 -4.97 -15.07 -3.61
C ILE A 9 -5.63 -13.92 -2.80
N ILE A 10 -6.30 -14.26 -1.68
CA ILE A 10 -6.97 -13.25 -0.75
C ILE A 10 -5.87 -12.45 0.00
N TYR A 11 -4.77 -13.14 0.36
CA TYR A 11 -3.61 -12.58 1.17
C TYR A 11 -2.90 -11.35 0.53
N VAL A 12 -2.53 -11.44 -0.79
CA VAL A 12 -1.74 -10.31 -1.49
C VAL A 12 -2.47 -8.92 -1.40
N THR A 13 -3.82 -8.96 -1.38
CA THR A 13 -4.70 -7.71 -1.29
C THR A 13 -4.61 -7.10 0.13
N VAL A 14 -4.77 -7.98 1.14
CA VAL A 14 -4.72 -7.60 2.61
C VAL A 14 -3.26 -7.22 3.00
N ALA A 15 -2.27 -7.86 2.33
CA ALA A 15 -0.79 -7.62 2.60
C ALA A 15 -0.39 -6.11 2.47
N ALA A 16 -1.03 -5.37 1.53
CA ALA A 16 -0.71 -3.90 1.29
C ALA A 16 -1.23 -3.01 2.47
N VAL A 17 -2.49 -3.27 2.89
CA VAL A 17 -3.21 -2.48 3.97
C VAL A 17 -2.56 -2.64 5.38
N VAL A 18 -2.08 -3.87 5.76
CA VAL A 18 -1.48 -4.10 7.15
C VAL A 18 -0.16 -3.29 7.35
N LEU A 19 0.63 -3.09 6.25
CA LEU A 19 1.96 -2.34 6.34
C LEU A 19 1.78 -0.84 6.74
N ILE A 20 0.85 -0.10 6.08
CA ILE A 20 0.66 1.39 6.36
C ILE A 20 0.00 1.68 7.76
N VAL A 21 -1.08 0.95 8.16
CA VAL A 21 -1.79 1.20 9.51
C VAL A 21 -0.89 0.85 10.74
N ALA A 22 -0.15 -0.29 10.64
CA ALA A 22 0.68 -0.85 11.80
C ALA A 22 1.78 0.13 12.31
N VAL A 23 2.50 0.80 11.37
CA VAL A 23 3.63 1.77 11.74
C VAL A 23 3.06 2.97 12.58
N PHE A 24 1.79 3.43 12.33
CA PHE A 24 1.18 4.58 13.14
C PHE A 24 0.84 4.08 14.59
N VAL A 25 0.27 2.85 14.68
CA VAL A 25 -0.13 2.22 16.02
C VAL A 25 1.14 1.88 16.85
N CYS A 26 2.24 1.48 16.15
CA CYS A 26 3.55 1.09 16.81
C CYS A 26 4.22 2.33 17.49
N LYS A 27 4.20 3.48 16.77
CA LYS A 27 4.82 4.80 17.24
C LYS A 27 4.13 5.31 18.53
N SER A 28 2.80 5.04 18.66
CA SER A 28 1.97 5.50 19.85
C SER A 28 2.45 4.84 21.18
N LEU A 29 3.26 3.75 21.06
CA LEU A 29 3.82 2.97 22.26
C LEU A 29 5.20 3.53 22.71
N LEU A 30 6.06 3.94 21.73
CA LEU A 30 7.48 4.47 22.01
C LEU A 30 7.43 5.99 22.36
N TRP A 31 6.42 6.72 21.84
CA TRP A 31 6.20 8.23 22.08
C TRP A 31 5.12 8.42 23.18
N LYS A 32 4.77 7.31 23.89
CA LYS A 32 3.74 7.31 25.00
C LYS A 32 4.21 8.21 26.18
N LYS A 33 5.56 8.34 26.33
CA LYS A 33 6.21 9.16 27.44
C LYS A 33 7.72 9.36 27.14
N VAL A 34 8.35 8.33 26.52
CA VAL A 34 9.83 8.33 26.17
C VAL A 34 10.02 9.08 24.82
N LEU A 35 10.93 10.10 24.78
CA LEU A 35 11.25 10.96 23.55
C LEU A 35 12.76 10.74 23.18
N PRO A 36 13.20 10.67 21.88
CA PRO A 36 14.68 10.44 21.53
C PRO A 36 15.53 11.69 21.83
N MET B 1 -26.97 -15.16 6.56
CA MET B 1 -27.77 -15.90 5.54
C MET B 1 -27.22 -15.61 4.09
N PRO B 2 -26.77 -14.36 3.69
CA PRO B 2 -26.26 -14.07 2.28
C PRO B 2 -24.75 -14.37 2.16
N GLY B 3 -24.13 -13.92 1.03
CA GLY B 3 -22.66 -14.13 0.75
C GLY B 3 -22.25 -13.35 -0.51
N SER B 4 -21.36 -13.97 -1.35
CA SER B 4 -20.83 -13.35 -2.63
C SER B 4 -20.05 -12.04 -2.36
N LEU B 5 -19.14 -12.13 -1.36
CA LEU B 5 -18.25 -10.98 -0.90
C LEU B 5 -17.05 -10.82 -1.88
N SER B 6 -17.16 -11.37 -3.12
CA SER B 6 -16.06 -11.23 -4.17
C SER B 6 -15.90 -9.75 -4.60
N GLY B 7 -16.97 -8.95 -4.35
CA GLY B 7 -17.02 -7.48 -4.71
C GLY B 7 -16.16 -6.59 -3.79
N ILE B 8 -16.30 -6.78 -2.43
CA ILE B 8 -15.53 -5.94 -1.39
C ILE B 8 -14.00 -6.07 -1.61
N ILE B 9 -13.55 -7.30 -2.00
CA ILE B 9 -12.08 -7.59 -2.29
C ILE B 9 -11.52 -6.65 -3.41
N ILE B 10 -12.37 -6.28 -4.41
CA ILE B 10 -11.94 -5.37 -5.56
C ILE B 10 -11.63 -3.93 -5.04
N TYR B 11 -12.49 -3.48 -4.10
CA TYR B 11 -12.44 -2.07 -3.49
C TYR B 11 -11.15 -1.80 -2.66
N VAL B 12 -10.74 -2.73 -1.76
CA VAL B 12 -9.52 -2.49 -0.84
C VAL B 12 -8.19 -2.32 -1.66
N THR B 13 -8.07 -3.04 -2.81
CA THR B 13 -6.82 -2.99 -3.69
C THR B 13 -6.62 -1.61 -4.35
N VAL B 14 -7.69 -1.06 -4.98
CA VAL B 14 -7.62 0.30 -5.68
C VAL B 14 -7.53 1.43 -4.61
N ALA B 15 -8.25 1.26 -3.47
CA ALA B 15 -8.26 2.28 -2.35
C ALA B 15 -6.85 2.41 -1.71
N ALA B 16 -6.11 1.27 -1.60
CA ALA B 16 -4.72 1.23 -0.98
C ALA B 16 -3.72 2.13 -1.78
N VAL B 17 -3.78 2.07 -3.12
CA VAL B 17 -2.86 2.89 -4.04
C VAL B 17 -3.24 4.39 -3.96
N VAL B 18 -4.57 4.66 -4.03
CA VAL B 18 -5.15 6.07 -3.96
C VAL B 18 -4.87 6.69 -2.56
N LEU B 19 -4.85 5.86 -1.48
CA LEU B 19 -4.60 6.35 -0.06
C LEU B 19 -3.19 7.02 0.05
N ILE B 20 -2.17 6.41 -0.61
CA ILE B 20 -0.73 6.95 -0.62
C ILE B 20 -0.67 8.26 -1.47
N VAL B 21 -1.16 8.17 -2.72
CA VAL B 21 -1.14 9.30 -3.75
C VAL B 21 -2.05 10.50 -3.34
N ALA B 22 -3.24 10.24 -2.75
CA ALA B 22 -4.25 11.33 -2.39
C ALA B 22 -3.68 12.40 -1.41
N VAL B 23 -2.99 11.95 -0.35
CA VAL B 23 -2.36 12.87 0.69
C VAL B 23 -1.13 13.59 0.07
N PHE B 24 -0.38 12.89 -0.82
CA PHE B 24 0.90 13.45 -1.47
C PHE B 24 0.57 14.63 -2.44
N VAL B 25 -0.50 14.51 -3.29
CA VAL B 25 -0.89 15.64 -4.27
C VAL B 25 -1.44 16.86 -3.48
N CYS B 26 -2.11 16.61 -2.32
CA CYS B 26 -2.74 17.68 -1.46
C CYS B 26 -1.69 18.73 -0.96
N LYS B 27 -0.53 18.22 -0.47
CA LYS B 27 0.60 19.10 0.07
C LYS B 27 1.30 19.89 -1.05
N SER B 28 1.25 19.40 -2.32
CA SER B 28 1.92 20.12 -3.50
C SER B 28 1.25 21.51 -3.74
N LEU B 29 -0.04 21.63 -3.34
CA LEU B 29 -0.88 22.90 -3.46
C LEU B 29 -0.75 23.75 -2.17
N LEU B 30 -0.23 23.18 -1.05
CA LEU B 30 -0.12 23.92 0.30
C LEU B 30 1.10 24.88 0.33
N TRP B 31 2.18 24.57 -0.45
CA TRP B 31 3.46 25.45 -0.53
C TRP B 31 3.60 26.13 -1.92
N LYS B 32 2.58 25.97 -2.81
CA LYS B 32 2.58 26.63 -4.20
C LYS B 32 2.34 28.17 -4.04
N LYS B 33 1.79 28.57 -2.87
CA LYS B 33 1.47 30.02 -2.52
C LYS B 33 0.27 30.53 -3.35
N VAL B 34 -0.41 29.60 -4.09
CA VAL B 34 -1.64 29.90 -4.94
C VAL B 34 -2.68 28.79 -4.62
N LEU B 35 -3.89 29.19 -4.15
CA LEU B 35 -5.04 28.25 -3.79
C LEU B 35 -5.96 28.12 -5.04
N PRO B 36 -6.56 26.93 -5.41
CA PRO B 36 -7.45 26.81 -6.66
C PRO B 36 -8.81 27.51 -6.43
N MET C 1 -9.78 -15.55 -26.93
CA MET C 1 -8.38 -15.07 -26.73
C MET C 1 -8.35 -13.52 -27.02
N PRO C 2 -9.17 -12.67 -26.33
CA PRO C 2 -9.17 -11.15 -26.56
C PRO C 2 -7.90 -10.52 -25.96
N GLY C 3 -7.80 -9.17 -26.05
CA GLY C 3 -6.63 -8.36 -25.52
C GLY C 3 -6.55 -8.44 -23.98
N SER C 4 -5.43 -7.93 -23.42
CA SER C 4 -5.17 -7.92 -21.92
C SER C 4 -6.17 -6.97 -21.19
N LEU C 5 -6.78 -7.45 -20.07
CA LEU C 5 -7.79 -6.66 -19.24
C LEU C 5 -7.98 -7.39 -17.91
N SER C 6 -8.14 -8.73 -18.00
CA SER C 6 -8.32 -9.65 -16.79
C SER C 6 -7.00 -9.71 -15.98
N GLY C 7 -5.88 -9.65 -16.72
CA GLY C 7 -4.48 -9.69 -16.14
C GLY C 7 -4.15 -8.39 -15.39
N ILE C 8 -4.72 -7.26 -15.87
CA ILE C 8 -4.50 -5.87 -15.28
C ILE C 8 -5.07 -5.80 -13.82
N ILE C 9 -6.21 -6.49 -13.57
CA ILE C 9 -6.90 -6.51 -12.20
C ILE C 9 -5.99 -7.26 -11.17
N ILE C 10 -5.30 -8.33 -11.64
CA ILE C 10 -4.35 -9.16 -10.77
C ILE C 10 -3.09 -8.29 -10.44
N TYR C 11 -2.63 -7.54 -11.47
CA TYR C 11 -1.37 -6.68 -11.42
C TYR C 11 -1.41 -5.51 -10.38
N VAL C 12 -2.56 -4.79 -10.26
CA VAL C 12 -2.65 -3.58 -9.30
C VAL C 12 -2.46 -4.02 -7.82
N THR C 13 -2.82 -5.29 -7.49
CA THR C 13 -2.73 -5.84 -6.06
C THR C 13 -1.26 -6.02 -5.59
N VAL C 14 -0.42 -6.66 -6.44
CA VAL C 14 1.05 -6.91 -6.10
C VAL C 14 1.83 -5.57 -6.19
N ALA C 15 1.47 -4.73 -7.20
CA ALA C 15 2.13 -3.37 -7.43
C ALA C 15 2.03 -2.47 -6.16
N ALA C 16 0.89 -2.60 -5.42
CA ALA C 16 0.62 -1.79 -4.16
C ALA C 16 1.68 -2.08 -3.05
N VAL C 17 2.07 -3.37 -2.94
CA VAL C 17 3.11 -3.86 -1.91
C VAL C 17 4.50 -3.33 -2.31
N VAL C 18 4.81 -3.41 -3.63
CA VAL C 18 6.14 -2.94 -4.23
C VAL C 18 6.29 -1.41 -4.02
N LEU C 19 5.16 -0.67 -4.03
CA LEU C 19 5.13 0.85 -3.86
C LEU C 19 5.82 1.28 -2.51
N ILE C 20 5.45 0.59 -1.40
CA ILE C 20 5.98 0.92 -0.01
C ILE C 20 7.51 0.55 0.16
N VAL C 21 7.88 -0.72 -0.09
CA VAL C 21 9.32 -1.23 0.10
C VAL C 21 10.37 -0.66 -0.91
N ALA C 22 9.97 -0.48 -2.20
CA ALA C 22 10.92 -0.05 -3.32
C ALA C 22 11.60 1.33 -3.08
N VAL C 23 10.84 2.31 -2.54
CA VAL C 23 11.38 3.72 -2.29
C VAL C 23 12.42 3.75 -1.13
N PHE C 24 12.26 2.91 -0.06
CA PHE C 24 13.25 2.94 1.13
C PHE C 24 14.65 2.34 0.71
N VAL C 25 14.66 1.22 -0.05
CA VAL C 25 15.97 0.55 -0.51
C VAL C 25 16.70 1.45 -1.54
N CYS C 26 15.91 2.22 -2.33
CA CYS C 26 16.46 3.14 -3.42
C CYS C 26 17.37 4.25 -2.81
N LYS C 27 16.88 4.94 -1.74
CA LYS C 27 17.63 6.07 -1.06
C LYS C 27 18.83 5.52 -0.24
N SER C 28 18.70 4.26 0.25
CA SER C 28 19.78 3.57 1.08
C SER C 28 21.08 3.35 0.26
N LEU C 29 20.93 3.22 -1.08
CA LEU C 29 22.08 2.98 -2.05
C LEU C 29 22.93 4.27 -2.22
N LEU C 30 22.25 5.46 -2.24
CA LEU C 30 22.92 6.83 -2.43
C LEU C 30 23.36 7.39 -1.04
N TRP C 31 22.65 6.98 0.05
CA TRP C 31 22.93 7.47 1.47
C TRP C 31 23.99 6.55 2.15
N LYS C 32 24.69 5.70 1.35
CA LYS C 32 25.76 4.76 1.82
C LYS C 32 26.92 4.96 0.83
N LYS C 33 26.61 4.82 -0.49
CA LYS C 33 27.58 5.00 -1.65
C LYS C 33 28.69 3.93 -1.65
N VAL C 34 28.93 3.27 -0.49
CA VAL C 34 29.98 2.16 -0.34
C VAL C 34 29.28 0.82 -0.71
N LEU C 35 29.82 0.10 -1.72
CA LEU C 35 29.28 -1.23 -2.23
C LEU C 35 30.06 -2.37 -1.47
N PRO C 36 29.45 -3.54 -1.05
CA PRO C 36 30.22 -4.64 -0.31
C PRO C 36 31.18 -5.39 -1.27
N MET A 1 -4.45 -32.36 -1.22
CA MET A 1 -3.39 -32.79 -2.19
C MET A 1 -3.62 -32.13 -3.60
N PRO A 2 -4.88 -31.91 -4.12
CA PRO A 2 -5.09 -31.27 -5.52
C PRO A 2 -4.30 -29.93 -5.70
N GLY A 3 -4.29 -29.11 -4.62
CA GLY A 3 -3.58 -27.77 -4.59
C GLY A 3 -3.81 -27.06 -3.25
N SER A 4 -3.09 -25.93 -3.04
CA SER A 4 -3.18 -25.09 -1.77
C SER A 4 -2.47 -23.73 -2.01
N LEU A 5 -3.19 -22.78 -2.69
CA LEU A 5 -2.65 -21.40 -3.03
C LEU A 5 -3.77 -20.40 -3.37
N SER A 6 -5.05 -20.84 -3.36
CA SER A 6 -6.24 -19.96 -3.67
C SER A 6 -6.48 -18.92 -2.55
N GLY A 7 -6.30 -19.39 -1.30
CA GLY A 7 -6.48 -18.56 -0.04
C GLY A 7 -5.42 -17.45 0.06
N ILE A 8 -4.22 -17.71 -0.51
CA ILE A 8 -3.04 -16.75 -0.50
C ILE A 8 -3.38 -15.47 -1.34
N ILE A 9 -4.12 -15.64 -2.47
CA ILE A 9 -4.52 -14.48 -3.39
C ILE A 9 -5.46 -13.47 -2.63
N ILE A 10 -6.35 -14.01 -1.77
CA ILE A 10 -7.32 -13.17 -0.94
C ILE A 10 -6.52 -12.37 0.15
N TYR A 11 -5.57 -13.10 0.77
CA TYR A 11 -4.71 -12.60 1.92
C TYR A 11 -3.75 -11.41 1.56
N VAL A 12 -3.04 -11.48 0.39
CA VAL A 12 -2.03 -10.38 0.00
C VAL A 12 -2.70 -8.97 -0.11
N THR A 13 -3.98 -8.92 -0.55
CA THR A 13 -4.74 -7.61 -0.74
C THR A 13 -5.00 -6.87 0.60
N VAL A 14 -5.56 -7.61 1.61
CA VAL A 14 -5.88 -7.02 2.97
C VAL A 14 -4.57 -6.76 3.76
N ALA A 15 -3.57 -7.68 3.60
CA ALA A 15 -2.22 -7.56 4.32
C ALA A 15 -1.52 -6.21 3.97
N ALA A 16 -1.70 -5.73 2.70
CA ALA A 16 -1.07 -4.44 2.20
C ALA A 16 -1.57 -3.20 3.01
N VAL A 17 -2.90 -3.16 3.26
CA VAL A 17 -3.57 -2.01 4.02
C VAL A 17 -3.17 -2.07 5.52
N VAL A 18 -3.13 -3.30 6.08
CA VAL A 18 -2.75 -3.56 7.53
C VAL A 18 -1.26 -3.22 7.77
N LEU A 19 -0.40 -3.43 6.73
CA LEU A 19 1.11 -3.18 6.84
C LEU A 19 1.43 -1.67 7.06
N ILE A 20 0.82 -0.79 6.22
CA ILE A 20 1.09 0.72 6.27
C ILE A 20 0.50 1.43 7.53
N VAL A 21 -0.77 1.15 7.95
CA VAL A 21 -1.41 1.86 9.17
C VAL A 21 -0.71 1.48 10.52
N ALA A 22 -0.29 0.20 10.63
CA ALA A 22 0.31 -0.37 11.91
C ALA A 22 1.61 0.35 12.38
N VAL A 23 2.45 0.91 11.46
CA VAL A 23 3.77 1.59 11.86
C VAL A 23 3.49 2.87 12.71
N PHE A 24 2.37 3.60 12.39
CA PHE A 24 1.97 4.87 13.13
C PHE A 24 1.54 4.53 14.59
N VAL A 25 0.86 3.37 14.76
CA VAL A 25 0.34 2.87 16.11
C VAL A 25 1.55 2.46 17.01
N CYS A 26 2.57 1.81 16.40
CA CYS A 26 3.81 1.34 17.12
C CYS A 26 4.65 2.56 17.62
N LYS A 27 4.77 3.58 16.74
CA LYS A 27 5.56 4.86 17.02
C LYS A 27 5.06 5.57 18.30
N SER A 28 3.77 5.41 18.63
CA SER A 28 3.15 6.04 19.88
C SER A 28 3.79 5.48 21.18
N LEU A 29 4.39 4.26 21.10
CA LEU A 29 5.07 3.56 22.28
C LEU A 29 6.58 3.96 22.35
N LEU A 30 7.16 4.50 21.23
CA LEU A 30 8.63 4.93 21.19
C LEU A 30 8.77 6.33 21.86
N TRP A 31 7.69 7.14 21.83
CA TRP A 31 7.67 8.55 22.48
C TRP A 31 7.19 8.44 23.95
N LYS A 32 7.16 7.20 24.49
CA LYS A 32 6.74 6.88 25.94
C LYS A 32 7.84 5.99 26.59
N LYS A 33 8.96 5.78 25.87
CA LYS A 33 10.15 4.97 26.36
C LYS A 33 10.86 5.75 27.51
N VAL A 34 10.80 7.09 27.41
CA VAL A 34 11.39 8.07 28.43
C VAL A 34 10.29 9.13 28.72
N LEU A 35 9.88 9.27 30.02
CA LEU A 35 8.81 10.25 30.50
C LEU A 35 9.57 11.49 31.13
N PRO A 36 9.12 12.78 30.96
CA PRO A 36 9.88 13.98 31.56
C PRO A 36 9.69 14.02 33.10
N MET B 1 -31.37 -7.96 -4.51
CA MET B 1 -30.46 -8.26 -3.36
C MET B 1 -29.44 -7.08 -3.24
N PRO B 2 -28.90 -6.70 -2.01
CA PRO B 2 -27.89 -5.55 -1.88
C PRO B 2 -26.51 -6.00 -2.42
N GLY B 3 -26.41 -6.13 -3.77
CA GLY B 3 -25.15 -6.57 -4.49
C GLY B 3 -24.75 -8.01 -4.13
N SER B 4 -23.42 -8.32 -4.16
CA SER B 4 -22.86 -9.69 -3.82
C SER B 4 -21.35 -9.58 -3.56
N LEU B 5 -20.97 -8.46 -2.91
CA LEU B 5 -19.54 -8.13 -2.51
C LEU B 5 -18.54 -8.17 -3.71
N SER B 6 -19.06 -8.29 -4.96
CA SER B 6 -18.19 -8.34 -6.22
C SER B 6 -17.33 -7.06 -6.39
N GLY B 7 -17.98 -5.91 -6.15
CA GLY B 7 -17.32 -4.54 -6.28
C GLY B 7 -16.33 -4.29 -5.13
N ILE B 8 -16.69 -4.80 -3.92
CA ILE B 8 -15.88 -4.64 -2.65
C ILE B 8 -14.48 -5.34 -2.78
N ILE B 9 -14.44 -6.60 -3.31
CA ILE B 9 -13.14 -7.39 -3.49
C ILE B 9 -12.19 -6.64 -4.50
N ILE B 10 -12.78 -6.03 -5.55
CA ILE B 10 -12.00 -5.24 -6.60
C ILE B 10 -11.46 -3.92 -5.96
N TYR B 11 -12.29 -3.29 -5.10
CA TYR B 11 -11.98 -1.95 -4.43
C TYR B 11 -10.81 -2.00 -3.40
N VAL B 12 -10.75 -3.03 -2.50
CA VAL B 12 -9.65 -3.10 -1.41
C VAL B 12 -8.22 -3.06 -2.02
N THR B 13 -8.07 -3.55 -3.28
CA THR B 13 -6.74 -3.59 -4.02
C THR B 13 -6.32 -2.16 -4.44
N VAL B 14 -7.28 -1.44 -5.07
CA VAL B 14 -7.08 -0.01 -5.57
C VAL B 14 -6.94 0.95 -4.36
N ALA B 15 -7.63 0.60 -3.24
CA ALA B 15 -7.62 1.42 -1.96
C ALA B 15 -6.18 1.56 -1.39
N ALA B 16 -5.37 0.47 -1.48
CA ALA B 16 -3.94 0.45 -0.94
C ALA B 16 -3.03 1.47 -1.68
N VAL B 17 -3.21 1.55 -3.02
CA VAL B 17 -2.43 2.49 -3.92
C VAL B 17 -2.87 3.96 -3.65
N VAL B 18 -4.20 4.15 -3.41
CA VAL B 18 -4.81 5.55 -3.17
C VAL B 18 -4.16 6.26 -1.95
N LEU B 19 -3.74 5.48 -0.91
CA LEU B 19 -3.09 6.06 0.36
C LEU B 19 -1.74 6.79 0.03
N ILE B 20 -0.94 6.22 -0.91
CA ILE B 20 0.44 6.79 -1.26
C ILE B 20 0.36 8.15 -2.03
N VAL B 21 -0.37 8.15 -3.15
CA VAL B 21 -0.49 9.36 -4.08
C VAL B 21 -1.25 10.57 -3.44
N ALA B 22 -2.28 10.26 -2.62
CA ALA B 22 -3.18 11.32 -1.98
C ALA B 22 -2.41 12.35 -1.09
N VAL B 23 -1.28 11.94 -0.43
CA VAL B 23 -0.49 12.89 0.49
C VAL B 23 0.05 14.11 -0.32
N PHE B 24 0.55 13.85 -1.57
CA PHE B 24 1.11 14.94 -2.48
C PHE B 24 0.01 15.98 -2.84
N VAL B 25 -1.23 15.48 -3.08
CA VAL B 25 -2.44 16.34 -3.45
C VAL B 25 -2.80 17.28 -2.25
N CYS B 26 -2.71 16.72 -1.01
CA CYS B 26 -3.03 17.46 0.28
C CYS B 26 -2.00 18.61 0.54
N LYS B 27 -0.70 18.29 0.36
CA LYS B 27 0.45 19.26 0.58
C LYS B 27 0.48 20.35 -0.54
N SER B 28 0.24 19.94 -1.81
CA SER B 28 0.25 20.88 -3.00
C SER B 28 -0.88 21.93 -2.88
N LEU B 29 -1.97 21.56 -2.15
CA LEU B 29 -3.16 22.46 -1.88
C LEU B 29 -2.82 23.44 -0.75
N LEU B 30 -1.94 23.01 0.21
CA LEU B 30 -1.52 23.86 1.41
C LEU B 30 -0.41 24.86 1.00
N TRP B 31 0.41 24.51 -0.03
CA TRP B 31 1.52 25.41 -0.59
C TRP B 31 1.00 26.20 -1.82
N LYS B 32 -0.26 25.93 -2.25
CA LYS B 32 -0.95 26.64 -3.40
C LYS B 32 -0.24 26.39 -4.76
N LYS B 33 0.47 25.24 -4.86
CA LYS B 33 1.18 24.80 -6.13
C LYS B 33 0.10 24.33 -7.15
N VAL B 34 -0.95 23.66 -6.60
CA VAL B 34 -2.15 23.14 -7.40
C VAL B 34 -3.42 23.48 -6.57
N LEU B 35 -4.37 24.24 -7.18
CA LEU B 35 -5.69 24.67 -6.56
C LEU B 35 -6.82 24.35 -7.61
N PRO B 36 -8.08 23.86 -7.25
CA PRO B 36 -9.18 23.56 -8.30
C PRO B 36 -9.37 24.67 -9.39
N MET C 1 -7.59 -11.65 -29.41
CA MET C 1 -8.10 -10.25 -29.44
C MET C 1 -8.86 -9.90 -28.09
N PRO C 2 -9.62 -10.84 -27.42
CA PRO C 2 -10.37 -10.50 -26.11
C PRO C 2 -9.44 -9.88 -25.01
N GLY C 3 -8.12 -10.16 -25.15
CA GLY C 3 -7.05 -9.66 -24.19
C GLY C 3 -7.22 -10.28 -22.78
N SER C 4 -6.08 -10.53 -22.09
CA SER C 4 -6.06 -11.14 -20.69
C SER C 4 -6.59 -10.12 -19.65
N LEU C 5 -7.92 -9.86 -19.68
CA LEU C 5 -8.65 -8.89 -18.75
C LEU C 5 -8.60 -9.41 -17.31
N SER C 6 -8.66 -10.74 -17.15
CA SER C 6 -8.57 -11.43 -15.80
C SER C 6 -7.12 -11.33 -15.26
N GLY C 7 -6.17 -11.08 -16.18
CA GLY C 7 -4.69 -10.98 -15.88
C GLY C 7 -4.30 -9.70 -15.13
N ILE C 8 -4.74 -8.50 -15.63
CA ILE C 8 -4.37 -7.15 -15.00
C ILE C 8 -4.85 -7.08 -13.52
N ILE C 9 -6.04 -7.68 -13.20
CA ILE C 9 -6.63 -7.67 -11.79
C ILE C 9 -5.65 -8.35 -10.79
N ILE C 10 -4.92 -9.40 -11.24
CA ILE C 10 -3.90 -10.15 -10.36
C ILE C 10 -2.66 -9.21 -10.11
N TYR C 11 -2.24 -8.52 -11.19
CA TYR C 11 -1.01 -7.62 -11.20
C TYR C 11 -1.09 -6.40 -10.23
N VAL C 12 -2.26 -5.71 -10.13
CA VAL C 12 -2.37 -4.46 -9.24
C VAL C 12 -2.14 -4.79 -7.73
N THR C 13 -2.44 -6.04 -7.31
CA THR C 13 -2.28 -6.49 -5.86
C THR C 13 -0.80 -6.59 -5.42
N VAL C 14 0.04 -7.27 -6.25
CA VAL C 14 1.53 -7.44 -5.94
C VAL C 14 2.26 -6.10 -6.15
N ALA C 15 1.86 -5.36 -7.23
CA ALA C 15 2.48 -4.01 -7.57
C ALA C 15 2.36 -3.01 -6.39
N ALA C 16 1.23 -3.10 -5.63
CA ALA C 16 0.95 -2.19 -4.44
C ALA C 16 2.02 -2.35 -3.32
N VAL C 17 2.40 -3.64 -3.04
CA VAL C 17 3.43 -3.99 -1.97
C VAL C 17 4.84 -3.53 -2.44
N VAL C 18 5.15 -3.79 -3.73
CA VAL C 18 6.47 -3.39 -4.38
C VAL C 18 6.60 -1.84 -4.38
N LEU C 19 5.46 -1.12 -4.48
CA LEU C 19 5.43 0.42 -4.49
C LEU C 19 6.16 0.96 -3.22
N ILE C 20 5.81 0.39 -2.05
CA ILE C 20 6.40 0.80 -0.69
C ILE C 20 7.91 0.41 -0.61
N VAL C 21 8.21 -0.88 -0.91
CA VAL C 21 9.60 -1.48 -0.82
C VAL C 21 10.59 -0.86 -1.87
N ALA C 22 10.12 -0.57 -3.10
CA ALA C 22 11.03 -0.03 -4.22
C ALA C 22 11.73 1.31 -3.83
N VAL C 23 10.94 2.27 -3.29
CA VAL C 23 11.47 3.62 -2.82
C VAL C 23 12.36 3.41 -1.56
N PHE C 24 11.99 2.40 -0.73
CA PHE C 24 12.74 2.06 0.57
C PHE C 24 14.22 1.62 0.26
N VAL C 25 14.37 0.77 -0.80
CA VAL C 25 15.75 0.28 -1.28
C VAL C 25 16.55 1.46 -1.89
N CYS C 26 15.84 2.39 -2.58
CA CYS C 26 16.49 3.59 -3.27
C CYS C 26 17.16 4.54 -2.24
N LYS C 27 16.63 4.54 -0.99
CA LYS C 27 17.17 5.42 0.16
C LYS C 27 18.64 5.05 0.49
N SER C 28 19.00 3.76 0.28
CA SER C 28 20.42 3.25 0.57
C SER C 28 21.46 3.94 -0.34
N LEU C 29 20.98 4.43 -1.51
CA LEU C 29 21.83 5.14 -2.55
C LEU C 29 21.83 6.68 -2.30
N LEU C 30 20.77 7.21 -1.61
CA LEU C 30 20.59 8.72 -1.36
C LEU C 30 21.40 9.23 -0.11
N TRP C 31 21.64 8.34 0.90
CA TRP C 31 22.43 8.67 2.19
C TRP C 31 23.74 7.87 2.29
N LYS C 32 24.15 7.24 1.16
CA LYS C 32 25.43 6.42 1.04
C LYS C 32 26.67 7.23 1.53
N LYS C 33 26.51 8.56 1.49
CA LYS C 33 27.57 9.56 1.92
C LYS C 33 27.70 9.52 3.47
N VAL C 34 26.53 9.29 4.15
CA VAL C 34 26.45 9.20 5.67
C VAL C 34 26.50 7.69 6.04
N LEU C 35 27.50 7.28 6.87
CA LEU C 35 27.70 5.83 7.35
C LEU C 35 27.32 5.80 8.88
N PRO C 36 26.24 5.07 9.37
CA PRO C 36 25.89 5.00 10.88
C PRO C 36 27.12 4.72 11.80
N MET A 1 -9.75 -31.92 -10.13
CA MET A 1 -8.43 -32.08 -9.45
C MET A 1 -8.43 -31.17 -8.18
N PRO A 2 -7.70 -31.49 -7.06
CA PRO A 2 -7.69 -30.60 -5.80
C PRO A 2 -6.84 -29.34 -6.06
N GLY A 3 -6.58 -28.55 -4.98
CA GLY A 3 -5.77 -27.28 -5.04
C GLY A 3 -5.53 -26.73 -3.63
N SER A 4 -4.49 -25.86 -3.48
CA SER A 4 -4.09 -25.22 -2.16
C SER A 4 -3.03 -24.12 -2.47
N LEU A 5 -3.45 -23.16 -3.33
CA LEU A 5 -2.56 -21.99 -3.80
C LEU A 5 -3.39 -20.71 -4.01
N SER A 6 -4.75 -20.80 -3.96
CA SER A 6 -5.66 -19.59 -4.10
C SER A 6 -5.41 -18.56 -2.96
N GLY A 7 -4.79 -19.08 -1.87
CA GLY A 7 -4.45 -18.28 -0.64
C GLY A 7 -3.49 -17.10 -0.90
N ILE A 8 -2.46 -17.30 -1.78
CA ILE A 8 -1.41 -16.20 -2.07
C ILE A 8 -2.08 -14.92 -2.66
N ILE A 9 -3.14 -15.12 -3.49
CA ILE A 9 -3.90 -13.98 -4.18
C ILE A 9 -4.62 -13.12 -3.10
N ILE A 10 -5.16 -13.78 -2.05
CA ILE A 10 -5.90 -13.07 -0.90
C ILE A 10 -4.86 -12.28 -0.05
N TYR A 11 -3.68 -12.91 0.16
CA TYR A 11 -2.55 -12.37 1.02
C TYR A 11 -1.98 -10.99 0.53
N VAL A 12 -1.67 -10.87 -0.79
CA VAL A 12 -1.03 -9.59 -1.35
C VAL A 12 -1.92 -8.31 -1.13
N THR A 13 -3.27 -8.48 -1.14
CA THR A 13 -4.25 -7.30 -0.97
C THR A 13 -4.26 -6.78 0.49
N VAL A 14 -4.39 -7.71 1.47
CA VAL A 14 -4.45 -7.34 2.95
C VAL A 14 -3.04 -6.88 3.44
N ALA A 15 -1.97 -7.48 2.83
CA ALA A 15 -0.52 -7.17 3.18
C ALA A 15 -0.19 -5.67 2.91
N ALA A 16 -0.81 -5.10 1.85
CA ALA A 16 -0.55 -3.65 1.45
C ALA A 16 -1.13 -2.65 2.49
N VAL A 17 -2.32 -2.98 3.04
CA VAL A 17 -3.06 -2.10 4.04
C VAL A 17 -2.34 -2.04 5.43
N VAL A 18 -1.84 -3.21 5.97
CA VAL A 18 -1.17 -3.23 7.35
C VAL A 18 0.14 -2.39 7.37
N LEU A 19 0.89 -2.33 6.23
CA LEU A 19 2.21 -1.54 6.15
C LEU A 19 1.96 -0.02 6.43
N ILE A 20 0.81 0.52 5.96
CA ILE A 20 0.46 2.00 6.17
C ILE A 20 0.12 2.23 7.68
N VAL A 21 -0.74 1.35 8.23
CA VAL A 21 -1.20 1.39 9.68
C VAL A 21 -0.03 1.12 10.68
N ALA A 22 0.89 0.19 10.31
CA ALA A 22 2.04 -0.25 11.23
C ALA A 22 2.95 0.94 11.64
N VAL A 23 3.33 1.80 10.66
CA VAL A 23 4.21 3.01 10.92
C VAL A 23 3.45 4.04 11.82
N PHE A 24 2.09 4.18 11.68
CA PHE A 24 1.28 5.15 12.57
C PHE A 24 1.23 4.61 14.04
N VAL A 25 1.02 3.27 14.21
CA VAL A 25 0.96 2.61 15.59
C VAL A 25 2.38 2.65 16.25
N CYS A 26 3.44 2.60 15.42
CA CYS A 26 4.89 2.61 15.92
C CYS A 26 5.25 3.96 16.62
N LYS A 27 4.86 5.09 15.99
CA LYS A 27 5.13 6.50 16.53
C LYS A 27 4.29 6.77 17.81
N SER A 28 3.04 6.28 17.83
CA SER A 28 2.07 6.47 19.00
C SER A 28 2.62 5.77 20.28
N LEU A 29 3.29 4.61 20.06
CA LEU A 29 3.91 3.77 21.16
C LEU A 29 5.15 4.48 21.74
N LEU A 30 5.92 5.15 20.84
CA LEU A 30 7.19 5.91 21.20
C LEU A 30 6.85 7.31 21.80
N TRP A 31 5.67 7.86 21.41
CA TRP A 31 5.19 9.23 21.89
C TRP A 31 4.37 9.09 23.20
N LYS A 32 4.17 7.84 23.68
CA LYS A 32 3.41 7.53 24.97
C LYS A 32 4.36 7.76 26.19
N LYS A 33 5.67 7.54 25.94
CA LYS A 33 6.77 7.68 26.99
C LYS A 33 6.94 9.17 27.38
N VAL A 34 6.85 10.06 26.35
CA VAL A 34 6.97 11.58 26.50
C VAL A 34 5.77 12.23 25.75
N LEU A 35 4.96 13.04 26.50
CA LEU A 35 3.71 13.75 25.97
C LEU A 35 4.12 15.23 25.61
N PRO A 36 3.61 15.88 24.50
CA PRO A 36 4.04 17.31 24.15
C PRO A 36 3.43 18.34 25.14
N MET B 1 -29.98 -10.95 -3.04
CA MET B 1 -30.10 -11.78 -1.81
C MET B 1 -28.68 -12.00 -1.14
N PRO B 2 -27.53 -12.14 -1.88
CA PRO B 2 -26.14 -12.35 -1.22
C PRO B 2 -25.81 -11.32 -0.11
N GLY B 3 -26.38 -10.09 -0.27
CA GLY B 3 -26.19 -8.94 0.71
C GLY B 3 -24.72 -8.45 0.73
N SER B 4 -24.20 -8.13 -0.48
CA SER B 4 -22.78 -7.61 -0.70
C SER B 4 -21.70 -8.63 -0.20
N LEU B 5 -20.79 -9.07 -1.11
CA LEU B 5 -19.67 -10.06 -0.80
C LEU B 5 -18.67 -10.02 -1.96
N SER B 6 -19.22 -10.12 -3.19
CA SER B 6 -18.39 -10.09 -4.47
C SER B 6 -17.79 -8.68 -4.69
N GLY B 7 -18.57 -7.66 -4.27
CA GLY B 7 -18.19 -6.21 -4.38
C GLY B 7 -17.10 -5.84 -3.34
N ILE B 8 -17.14 -6.55 -2.17
CA ILE B 8 -16.16 -6.31 -1.02
C ILE B 8 -14.70 -6.67 -1.45
N ILE B 9 -14.54 -7.74 -2.28
CA ILE B 9 -13.17 -8.23 -2.77
C ILE B 9 -12.59 -7.19 -3.76
N ILE B 10 -13.45 -6.59 -4.62
CA ILE B 10 -13.02 -5.54 -5.65
C ILE B 10 -12.61 -4.23 -4.90
N TYR B 11 -13.38 -3.93 -3.82
CA TYR B 11 -13.23 -2.65 -2.99
C TYR B 11 -11.85 -2.51 -2.27
N VAL B 12 -11.35 -3.58 -1.59
CA VAL B 12 -10.04 -3.50 -0.78
C VAL B 12 -8.81 -3.18 -1.70
N THR B 13 -8.76 -3.77 -2.92
CA THR B 13 -7.60 -3.58 -3.90
C THR B 13 -7.48 -2.10 -4.38
N VAL B 14 -8.62 -1.51 -4.83
CA VAL B 14 -8.64 -0.07 -5.35
C VAL B 14 -8.47 0.93 -4.18
N ALA B 15 -9.07 0.60 -3.01
CA ALA B 15 -8.98 1.48 -1.78
C ALA B 15 -7.53 1.56 -1.24
N ALA B 16 -6.77 0.42 -1.35
CA ALA B 16 -5.35 0.33 -0.83
C ALA B 16 -4.38 1.29 -1.59
N VAL B 17 -4.40 1.26 -2.96
CA VAL B 17 -3.48 2.14 -3.81
C VAL B 17 -3.92 3.64 -3.72
N VAL B 18 -5.27 3.87 -3.69
CA VAL B 18 -5.89 5.28 -3.59
C VAL B 18 -5.52 5.93 -2.22
N LEU B 19 -5.39 5.10 -1.14
CA LEU B 19 -5.04 5.62 0.25
C LEU B 19 -3.67 6.37 0.23
N ILE B 20 -2.71 5.84 -0.58
CA ILE B 20 -1.32 6.44 -0.73
C ILE B 20 -1.42 7.79 -1.51
N VAL B 21 -2.09 7.73 -2.69
CA VAL B 21 -2.24 8.90 -3.64
C VAL B 21 -3.13 10.04 -3.04
N ALA B 22 -4.20 9.72 -2.29
CA ALA B 22 -5.17 10.78 -1.75
C ALA B 22 -4.45 11.84 -0.84
N VAL B 23 -3.62 11.36 0.10
CA VAL B 23 -2.81 12.26 1.04
C VAL B 23 -1.70 12.98 0.21
N PHE B 24 -1.17 12.29 -0.83
CA PHE B 24 -0.06 12.85 -1.72
C PHE B 24 -0.52 14.14 -2.47
N VAL B 25 -1.78 14.12 -3.00
CA VAL B 25 -2.39 15.30 -3.76
C VAL B 25 -2.59 16.52 -2.80
N CYS B 26 -2.86 16.25 -1.49
CA CYS B 26 -3.10 17.36 -0.47
C CYS B 26 -1.80 18.20 -0.24
N LYS B 27 -0.65 17.51 -0.08
CA LYS B 27 0.70 18.15 0.17
C LYS B 27 1.27 18.77 -1.13
N SER B 28 0.84 18.25 -2.31
CA SER B 28 1.33 18.76 -3.66
C SER B 28 0.87 20.23 -3.90
N LEU B 29 -0.33 20.58 -3.38
CA LEU B 29 -0.96 21.96 -3.52
C LEU B 29 -0.55 22.90 -2.33
N LEU B 30 -0.12 22.29 -1.20
CA LEU B 30 0.29 23.06 0.07
C LEU B 30 1.76 23.59 -0.11
N TRP B 31 2.54 22.93 -1.00
CA TRP B 31 4.01 23.31 -1.30
C TRP B 31 4.06 24.37 -2.44
N LYS B 32 2.89 24.73 -3.04
CA LYS B 32 2.83 25.80 -4.14
C LYS B 32 2.95 27.21 -3.50
N LYS B 33 2.83 27.28 -2.15
CA LYS B 33 2.91 28.58 -1.34
C LYS B 33 1.63 29.43 -1.54
N VAL B 34 0.75 29.00 -2.49
CA VAL B 34 -0.60 29.67 -2.81
C VAL B 34 -1.67 28.55 -2.91
N LEU B 35 -2.83 28.72 -2.21
CA LEU B 35 -3.96 27.71 -2.18
C LEU B 35 -5.01 28.12 -3.30
N PRO B 36 -5.27 27.32 -4.41
CA PRO B 36 -6.32 27.70 -5.48
C PRO B 36 -7.69 28.20 -4.90
N MET C 1 -17.58 -15.84 -24.94
CA MET C 1 -16.16 -15.80 -25.42
C MET C 1 -15.47 -14.50 -24.88
N PRO C 2 -15.53 -14.16 -23.54
CA PRO C 2 -14.85 -12.91 -22.98
C PRO C 2 -13.30 -13.07 -22.98
N GLY C 3 -12.59 -11.97 -22.64
CA GLY C 3 -11.07 -11.93 -22.59
C GLY C 3 -10.59 -10.54 -22.18
N SER C 4 -9.30 -10.44 -21.76
CA SER C 4 -8.64 -9.15 -21.30
C SER C 4 -9.41 -8.49 -20.12
N LEU C 5 -8.82 -7.39 -19.57
CA LEU C 5 -9.40 -6.60 -18.41
C LEU C 5 -9.18 -7.37 -17.08
N SER C 6 -9.22 -8.72 -17.15
CA SER C 6 -9.00 -9.63 -15.93
C SER C 6 -7.54 -9.51 -15.44
N GLY C 7 -6.61 -9.42 -16.41
CA GLY C 7 -5.12 -9.30 -16.15
C GLY C 7 -4.77 -8.03 -15.37
N ILE C 8 -5.55 -6.94 -15.61
CA ILE C 8 -5.35 -5.59 -14.94
C ILE C 8 -5.63 -5.70 -13.41
N ILE C 9 -6.63 -6.54 -13.03
CA ILE C 9 -7.03 -6.78 -11.57
C ILE C 9 -5.86 -7.43 -10.79
N ILE C 10 -5.08 -8.30 -11.47
CA ILE C 10 -3.90 -9.02 -10.85
C ILE C 10 -2.75 -8.00 -10.54
N TYR C 11 -2.52 -7.11 -11.53
CA TYR C 11 -1.41 -6.06 -11.52
C TYR C 11 -1.59 -4.93 -10.44
N VAL C 12 -2.82 -4.37 -10.26
CA VAL C 12 -3.04 -3.19 -9.28
C VAL C 12 -2.60 -3.55 -7.83
N THR C 13 -2.83 -4.83 -7.44
CA THR C 13 -2.46 -5.36 -6.05
C THR C 13 -0.93 -5.39 -5.86
N VAL C 14 -0.21 -5.96 -6.86
CA VAL C 14 1.31 -6.09 -6.84
C VAL C 14 1.97 -4.69 -6.99
N ALA C 15 1.32 -3.80 -7.78
CA ALA C 15 1.84 -2.39 -8.04
C ALA C 15 1.94 -1.56 -6.74
N ALA C 16 1.00 -1.78 -5.78
CA ALA C 16 0.97 -1.02 -4.46
C ALA C 16 2.15 -1.45 -3.55
N VAL C 17 2.46 -2.76 -3.52
CA VAL C 17 3.55 -3.34 -2.62
C VAL C 17 4.98 -2.86 -3.04
N VAL C 18 5.31 -2.86 -4.37
CA VAL C 18 6.70 -2.43 -4.85
C VAL C 18 6.93 -0.92 -4.58
N LEU C 19 5.85 -0.10 -4.63
CA LEU C 19 5.92 1.41 -4.42
C LEU C 19 6.44 1.75 -2.98
N ILE C 20 5.92 1.00 -1.97
CA ILE C 20 6.32 1.20 -0.51
C ILE C 20 7.79 0.72 -0.27
N VAL C 21 8.07 -0.52 -0.69
CA VAL C 21 9.41 -1.22 -0.49
C VAL C 21 10.57 -0.58 -1.29
N ALA C 22 10.32 -0.09 -2.53
CA ALA C 22 11.44 0.44 -3.44
C ALA C 22 12.27 1.62 -2.82
N VAL C 23 11.63 2.53 -2.04
CA VAL C 23 12.38 3.70 -1.41
C VAL C 23 13.32 3.20 -0.26
N PHE C 24 12.89 2.13 0.49
CA PHE C 24 13.72 1.54 1.63
C PHE C 24 14.98 0.82 1.06
N VAL C 25 14.81 0.05 -0.05
CA VAL C 25 15.97 -0.71 -0.72
C VAL C 25 17.02 0.30 -1.28
N CYS C 26 16.54 1.41 -1.92
CA CYS C 26 17.45 2.48 -2.52
C CYS C 26 18.20 3.25 -1.38
N LYS C 27 17.43 3.66 -0.35
CA LYS C 27 17.94 4.45 0.85
C LYS C 27 18.89 3.57 1.73
N SER C 28 18.50 2.31 1.97
CA SER C 28 19.35 1.33 2.80
C SER C 28 20.71 1.06 2.08
N LEU C 29 20.68 1.21 0.74
CA LEU C 29 21.86 0.99 -0.19
C LEU C 29 22.64 2.34 -0.39
N LEU C 30 22.01 3.50 -0.01
CA LEU C 30 22.67 4.87 -0.22
C LEU C 30 23.71 5.15 0.90
N TRP C 31 23.52 4.58 2.13
CA TRP C 31 24.53 4.77 3.29
C TRP C 31 25.61 3.64 3.21
N LYS C 32 25.31 2.55 2.48
CA LYS C 32 26.23 1.35 2.30
C LYS C 32 26.59 0.71 3.68
N LYS C 33 25.69 0.88 4.67
CA LYS C 33 25.83 0.32 6.09
C LYS C 33 26.72 1.23 6.97
N VAL C 34 27.05 2.44 6.45
CA VAL C 34 27.91 3.49 7.18
C VAL C 34 27.23 4.88 6.97
N LEU C 35 27.02 5.65 8.08
CA LEU C 35 26.34 7.02 8.04
C LEU C 35 27.46 8.12 7.93
N PRO C 36 27.38 9.19 7.06
CA PRO C 36 28.50 10.25 6.96
C PRO C 36 28.41 11.24 8.14
N MET A 1 -10.27 -30.90 0.14
CA MET A 1 -8.97 -30.19 0.28
C MET A 1 -9.07 -28.82 -0.47
N PRO A 2 -8.37 -27.72 -0.06
CA PRO A 2 -8.45 -26.37 -0.79
C PRO A 2 -7.69 -26.45 -2.14
N GLY A 3 -7.96 -25.47 -3.04
CA GLY A 3 -7.30 -25.39 -4.42
C GLY A 3 -5.81 -25.04 -4.31
N SER A 4 -5.01 -25.45 -5.33
CA SER A 4 -3.51 -25.18 -5.38
C SER A 4 -3.24 -23.69 -5.70
N LEU A 5 -2.41 -23.01 -4.87
CA LEU A 5 -2.02 -21.54 -5.05
C LEU A 5 -3.26 -20.59 -4.89
N SER A 6 -4.45 -21.18 -4.62
CA SER A 6 -5.74 -20.38 -4.44
C SER A 6 -5.72 -19.59 -3.11
N GLY A 7 -4.89 -20.05 -2.16
CA GLY A 7 -4.77 -19.41 -0.78
C GLY A 7 -3.97 -18.09 -0.78
N ILE A 8 -2.75 -18.11 -1.40
CA ILE A 8 -1.81 -16.90 -1.41
C ILE A 8 -2.39 -15.69 -2.20
N ILE A 9 -3.12 -15.93 -3.34
CA ILE A 9 -3.72 -14.81 -4.19
C ILE A 9 -4.71 -13.94 -3.35
N ILE A 10 -5.44 -14.56 -2.38
CA ILE A 10 -6.42 -13.79 -1.47
C ILE A 10 -5.59 -12.87 -0.50
N TYR A 11 -4.50 -13.45 0.06
CA TYR A 11 -3.59 -12.79 1.09
C TYR A 11 -2.74 -11.57 0.59
N VAL A 12 -2.26 -11.55 -0.69
CA VAL A 12 -1.34 -10.41 -1.19
C VAL A 12 -2.01 -9.01 -1.03
N THR A 13 -3.35 -8.97 -1.26
CA THR A 13 -4.17 -7.69 -1.15
C THR A 13 -4.24 -7.22 0.33
N VAL A 14 -4.55 -8.17 1.23
CA VAL A 14 -4.67 -7.93 2.73
C VAL A 14 -3.28 -7.59 3.32
N ALA A 15 -2.21 -8.18 2.73
CA ALA A 15 -0.77 -7.99 3.19
C ALA A 15 -0.33 -6.50 3.05
N ALA A 16 -0.81 -5.82 1.97
CA ALA A 16 -0.45 -4.38 1.67
C ALA A 16 -1.11 -3.40 2.68
N VAL A 17 -2.40 -3.68 3.03
CA VAL A 17 -3.22 -2.80 3.97
C VAL A 17 -2.63 -2.78 5.42
N VAL A 18 -2.28 -3.98 5.98
CA VAL A 18 -1.72 -4.07 7.39
C VAL A 18 -0.32 -3.39 7.50
N LEU A 19 0.47 -3.47 6.39
CA LEU A 19 1.89 -2.92 6.35
C LEU A 19 1.92 -1.36 6.39
N ILE A 20 1.09 -0.68 5.55
CA ILE A 20 1.09 0.85 5.46
C ILE A 20 0.48 1.53 6.72
N VAL A 21 -0.64 0.98 7.26
CA VAL A 21 -1.37 1.59 8.45
C VAL A 21 -0.56 1.55 9.77
N ALA A 22 0.01 0.35 10.07
CA ALA A 22 0.78 0.09 11.35
C ALA A 22 2.03 1.01 11.53
N VAL A 23 2.85 1.16 10.46
CA VAL A 23 4.13 1.99 10.52
C VAL A 23 3.86 3.49 10.89
N PHE A 24 2.74 4.15 10.40
CA PHE A 24 2.47 5.63 10.77
C PHE A 24 2.00 5.72 12.25
N VAL A 25 1.24 4.70 12.72
CA VAL A 25 0.76 4.64 14.18
C VAL A 25 1.98 4.37 15.12
N CYS A 26 2.97 3.60 14.61
CA CYS A 26 4.20 3.15 15.41
C CYS A 26 5.13 4.31 15.87
N LYS A 27 5.25 5.42 15.08
CA LYS A 27 6.14 6.62 15.44
C LYS A 27 5.38 7.61 16.36
N SER A 28 4.03 7.57 16.29
CA SER A 28 3.13 8.52 17.09
C SER A 28 3.27 8.37 18.63
N LEU A 29 3.32 7.09 19.14
CA LEU A 29 3.47 6.82 20.66
C LEU A 29 4.95 6.79 21.09
N LEU A 30 5.88 6.70 20.10
CA LEU A 30 7.39 6.65 20.37
C LEU A 30 7.90 8.11 20.62
N TRP A 31 7.20 9.10 19.99
CA TRP A 31 7.50 10.61 20.14
C TRP A 31 6.32 11.33 20.86
N LYS A 32 5.22 10.56 21.12
CA LYS A 32 3.99 11.04 21.83
C LYS A 32 3.26 12.19 21.06
N LYS A 33 3.20 12.04 19.71
CA LYS A 33 2.49 13.01 18.77
C LYS A 33 3.17 14.40 18.76
N VAL A 34 4.30 14.55 19.51
CA VAL A 34 5.12 15.84 19.59
C VAL A 34 6.59 15.49 19.20
N LEU A 35 7.13 16.17 18.16
CA LEU A 35 8.53 15.94 17.60
C LEU A 35 9.51 17.00 18.23
N PRO A 36 10.81 16.68 18.59
CA PRO A 36 11.75 17.72 19.24
C PRO A 36 12.20 18.77 18.19
N MET B 1 -29.44 -13.87 -0.29
CA MET B 1 -29.77 -13.13 -1.54
C MET B 1 -29.53 -11.57 -1.37
N PRO B 2 -29.76 -10.91 -0.18
CA PRO B 2 -29.55 -9.39 -0.03
C PRO B 2 -28.08 -9.08 0.37
N GLY B 3 -27.15 -9.19 -0.61
CA GLY B 3 -25.67 -8.94 -0.41
C GLY B 3 -24.92 -9.07 -1.74
N SER B 4 -23.57 -8.91 -1.67
CA SER B 4 -22.64 -9.01 -2.88
C SER B 4 -21.18 -9.12 -2.37
N LEU B 5 -20.81 -10.35 -1.89
CA LEU B 5 -19.42 -10.67 -1.34
C LEU B 5 -18.35 -10.49 -2.44
N SER B 6 -18.70 -10.90 -3.67
CA SER B 6 -17.78 -10.78 -4.89
C SER B 6 -17.37 -9.31 -5.14
N GLY B 7 -18.19 -8.37 -4.64
CA GLY B 7 -17.95 -6.87 -4.77
C GLY B 7 -16.84 -6.40 -3.80
N ILE B 8 -16.88 -6.95 -2.58
CA ILE B 8 -15.93 -6.59 -1.42
C ILE B 8 -14.44 -6.88 -1.77
N ILE B 9 -14.16 -8.06 -2.40
CA ILE B 9 -12.72 -8.47 -2.78
C ILE B 9 -12.12 -7.48 -3.82
N ILE B 10 -12.95 -6.91 -4.75
CA ILE B 10 -12.45 -5.91 -5.80
C ILE B 10 -12.05 -4.57 -5.09
N TYR B 11 -12.90 -4.17 -4.11
CA TYR B 11 -12.77 -2.86 -3.34
C TYR B 11 -11.48 -2.73 -2.47
N VAL B 12 -11.09 -3.79 -1.70
CA VAL B 12 -9.87 -3.70 -0.76
C VAL B 12 -8.56 -3.33 -1.55
N THR B 13 -8.48 -3.76 -2.83
CA THR B 13 -7.29 -3.50 -3.74
C THR B 13 -7.21 -1.99 -4.11
N VAL B 14 -8.37 -1.45 -4.55
CA VAL B 14 -8.51 0.02 -4.97
C VAL B 14 -8.37 0.93 -3.73
N ALA B 15 -8.83 0.42 -2.55
CA ALA B 15 -8.79 1.18 -1.24
C ALA B 15 -7.34 1.57 -0.83
N ALA B 16 -6.37 0.66 -1.11
CA ALA B 16 -4.91 0.86 -0.76
C ALA B 16 -4.25 1.97 -1.65
N VAL B 17 -4.57 1.93 -2.97
CA VAL B 17 -3.97 2.89 -3.99
C VAL B 17 -4.46 4.35 -3.76
N VAL B 18 -5.78 4.57 -3.48
CA VAL B 18 -6.33 5.99 -3.25
C VAL B 18 -5.76 6.57 -1.92
N LEU B 19 -5.53 5.69 -0.92
CA LEU B 19 -5.03 6.10 0.46
C LEU B 19 -3.59 6.70 0.41
N ILE B 20 -2.64 6.04 -0.30
CA ILE B 20 -1.18 6.50 -0.35
C ILE B 20 -0.98 7.82 -1.19
N VAL B 21 -1.63 7.95 -2.39
CA VAL B 21 -1.47 9.19 -3.29
C VAL B 21 -2.06 10.49 -2.65
N ALA B 22 -3.21 10.33 -1.95
CA ALA B 22 -4.01 11.49 -1.36
C ALA B 22 -3.21 12.39 -0.36
N VAL B 23 -2.25 11.81 0.40
CA VAL B 23 -1.44 12.64 1.43
C VAL B 23 -0.54 13.69 0.72
N PHE B 24 -0.01 13.33 -0.49
CA PHE B 24 0.89 14.26 -1.30
C PHE B 24 0.08 15.49 -1.81
N VAL B 25 -1.23 15.29 -2.12
CA VAL B 25 -2.15 16.39 -2.64
C VAL B 25 -2.34 17.47 -1.53
N CYS B 26 -2.52 17.03 -0.27
CA CYS B 26 -2.72 17.94 0.93
C CYS B 26 -1.45 18.79 1.21
N LYS B 27 -0.27 18.12 1.18
CA LYS B 27 1.08 18.77 1.44
C LYS B 27 1.49 19.70 0.26
N SER B 28 1.35 19.19 -0.99
CA SER B 28 1.73 19.97 -2.25
C SER B 28 0.86 21.25 -2.43
N LEU B 29 -0.27 21.34 -1.66
CA LEU B 29 -1.24 22.52 -1.71
C LEU B 29 -0.82 23.61 -0.69
N LEU B 30 -0.27 23.19 0.49
CA LEU B 30 0.14 24.12 1.64
C LEU B 30 1.63 24.57 1.54
N TRP B 31 2.50 23.71 0.91
CA TRP B 31 4.00 23.97 0.76
C TRP B 31 4.33 24.53 -0.65
N LYS B 32 3.30 24.97 -1.42
CA LYS B 32 3.50 25.58 -2.81
C LYS B 32 4.16 26.98 -2.69
N LYS B 33 4.42 27.43 -1.43
CA LYS B 33 5.09 28.75 -1.10
C LYS B 33 4.23 29.98 -1.51
N VAL B 34 2.93 29.75 -1.86
CA VAL B 34 1.93 30.85 -2.25
C VAL B 34 0.59 30.54 -1.51
N LEU B 35 0.09 31.52 -0.70
CA LEU B 35 -1.20 31.40 0.12
C LEU B 35 -2.19 32.52 -0.38
N PRO B 36 -3.55 32.30 -0.50
CA PRO B 36 -4.52 33.38 -1.01
C PRO B 36 -4.71 34.48 0.06
N MET C 1 1.26 -16.57 -26.24
CA MET C 1 0.18 -15.55 -26.09
C MET C 1 -0.37 -15.64 -24.62
N PRO C 2 0.46 -15.31 -23.55
CA PRO C 2 -0.02 -15.39 -22.10
C PRO C 2 -0.84 -14.14 -21.74
N GLY C 3 -1.27 -14.06 -20.45
CA GLY C 3 -2.09 -12.92 -19.90
C GLY C 3 -3.50 -12.87 -20.50
N SER C 4 -4.35 -11.96 -19.97
CA SER C 4 -5.79 -11.76 -20.43
C SER C 4 -6.33 -10.47 -19.79
N LEU C 5 -7.61 -10.14 -20.11
CA LEU C 5 -8.33 -8.91 -19.58
C LEU C 5 -8.47 -9.00 -18.05
N SER C 6 -8.79 -10.22 -17.56
CA SER C 6 -8.91 -10.50 -16.06
C SER C 6 -7.55 -10.23 -15.37
N GLY C 7 -6.48 -10.28 -16.18
CA GLY C 7 -5.05 -10.05 -15.75
C GLY C 7 -4.82 -8.64 -15.18
N ILE C 8 -5.55 -7.62 -15.72
CA ILE C 8 -5.41 -6.15 -15.25
C ILE C 8 -5.80 -6.05 -13.74
N ILE C 9 -6.83 -6.85 -13.31
CA ILE C 9 -7.31 -6.89 -11.85
C ILE C 9 -6.20 -7.49 -10.94
N ILE C 10 -5.43 -8.48 -11.47
CA ILE C 10 -4.30 -9.15 -10.70
C ILE C 10 -3.12 -8.14 -10.53
N TYR C 11 -2.88 -7.35 -11.59
CA TYR C 11 -1.74 -6.35 -11.68
C TYR C 11 -1.82 -5.19 -10.64
N VAL C 12 -3.03 -4.56 -10.44
CA VAL C 12 -3.16 -3.35 -9.48
C VAL C 12 -2.71 -3.74 -8.03
N THR C 13 -2.89 -5.04 -7.66
CA THR C 13 -2.51 -5.58 -6.28
C THR C 13 -0.97 -5.60 -6.12
N VAL C 14 -0.27 -6.15 -7.14
CA VAL C 14 1.25 -6.28 -7.16
C VAL C 14 1.88 -4.86 -7.24
N ALA C 15 1.20 -3.95 -7.99
CA ALA C 15 1.68 -2.52 -8.19
C ALA C 15 1.81 -1.75 -6.84
N ALA C 16 0.89 -2.05 -5.89
CA ALA C 16 0.89 -1.38 -4.51
C ALA C 16 2.09 -1.87 -3.65
N VAL C 17 2.43 -3.18 -3.78
CA VAL C 17 3.54 -3.84 -2.99
C VAL C 17 4.94 -3.29 -3.41
N VAL C 18 5.23 -3.16 -4.73
CA VAL C 18 6.61 -2.65 -5.20
C VAL C 18 6.80 -1.15 -4.80
N LEU C 19 5.69 -0.37 -4.81
CA LEU C 19 5.72 1.13 -4.50
C LEU C 19 6.16 1.42 -3.03
N ILE C 20 5.58 0.69 -2.03
CA ILE C 20 5.94 0.90 -0.55
C ILE C 20 7.38 0.36 -0.26
N VAL C 21 7.76 -0.79 -0.89
CA VAL C 21 9.16 -1.43 -0.76
C VAL C 21 10.26 -0.52 -1.41
N ALA C 22 9.92 0.14 -2.54
CA ALA C 22 10.94 0.94 -3.37
C ALA C 22 11.68 2.05 -2.56
N VAL C 23 10.99 2.76 -1.64
CA VAL C 23 11.63 3.89 -0.83
C VAL C 23 12.61 3.32 0.25
N PHE C 24 12.26 2.15 0.87
CA PHE C 24 13.13 1.53 1.98
C PHE C 24 14.47 0.96 1.42
N VAL C 25 14.43 0.27 0.25
CA VAL C 25 15.69 -0.37 -0.37
C VAL C 25 16.68 0.74 -0.86
N CYS C 26 16.14 1.87 -1.40
CA CYS C 26 16.99 3.03 -1.92
C CYS C 26 17.74 3.71 -0.74
N LYS C 27 17.05 3.79 0.42
CA LYS C 27 17.58 4.41 1.70
C LYS C 27 18.72 3.52 2.28
N SER C 28 18.45 2.19 2.32
CA SER C 28 19.43 1.16 2.86
C SER C 28 20.68 1.04 1.94
N LEU C 29 20.42 1.04 0.61
CA LEU C 29 21.48 0.93 -0.48
C LEU C 29 22.39 2.19 -0.50
N LEU C 30 21.78 3.38 -0.27
CA LEU C 30 22.53 4.71 -0.29
C LEU C 30 23.29 4.91 1.03
N TRP C 31 22.78 4.31 2.14
CA TRP C 31 23.44 4.38 3.53
C TRP C 31 24.41 3.17 3.69
N LYS C 32 24.21 2.13 2.83
CA LYS C 32 25.00 0.83 2.76
C LYS C 32 25.50 0.34 4.14
N LYS C 33 24.64 0.56 5.16
CA LYS C 33 24.88 0.18 6.61
C LYS C 33 25.98 1.06 7.25
N VAL C 34 26.66 1.90 6.43
CA VAL C 34 27.74 2.87 6.91
C VAL C 34 27.04 4.23 7.23
N LEU C 35 27.18 4.73 8.50
CA LEU C 35 26.56 6.02 9.00
C LEU C 35 27.72 7.01 9.40
N PRO C 36 27.96 8.21 8.73
CA PRO C 36 29.08 9.19 9.15
C PRO C 36 29.13 9.48 10.69
N MET A 1 -4.80 -33.10 -3.52
CA MET A 1 -4.34 -31.82 -4.14
C MET A 1 -3.54 -31.02 -3.04
N PRO A 2 -2.51 -30.16 -3.37
CA PRO A 2 -1.73 -29.36 -2.31
C PRO A 2 -2.60 -28.20 -1.78
N GLY A 3 -2.00 -27.37 -0.89
CA GLY A 3 -2.69 -26.17 -0.27
C GLY A 3 -3.00 -25.08 -1.32
N SER A 4 -2.23 -25.10 -2.44
CA SER A 4 -2.35 -24.12 -3.60
C SER A 4 -2.15 -22.64 -3.14
N LEU A 5 -1.99 -21.74 -4.14
CA LEU A 5 -1.76 -20.25 -3.92
C LEU A 5 -3.13 -19.53 -3.67
N SER A 6 -4.18 -20.31 -3.29
CA SER A 6 -5.57 -19.76 -3.02
C SER A 6 -5.56 -18.76 -1.83
N GLY A 7 -4.76 -19.09 -0.80
CA GLY A 7 -4.61 -18.25 0.45
C GLY A 7 -3.75 -17.00 0.17
N ILE A 8 -2.74 -17.18 -0.69
CA ILE A 8 -1.72 -16.10 -1.08
C ILE A 8 -2.43 -14.93 -1.84
N ILE A 9 -3.28 -15.25 -2.86
CA ILE A 9 -4.00 -14.18 -3.69
C ILE A 9 -4.99 -13.35 -2.79
N ILE A 10 -5.64 -14.01 -1.78
CA ILE A 10 -6.58 -13.30 -0.80
C ILE A 10 -5.72 -12.37 0.14
N TYR A 11 -4.65 -12.98 0.69
CA TYR A 11 -3.72 -12.35 1.72
C TYR A 11 -2.85 -11.14 1.20
N VAL A 12 -2.32 -11.18 -0.07
CA VAL A 12 -1.40 -10.07 -0.59
C VAL A 12 -2.11 -8.68 -0.55
N THR A 13 -3.44 -8.69 -0.83
CA THR A 13 -4.31 -7.43 -0.84
C THR A 13 -4.44 -6.84 0.59
N VAL A 14 -4.77 -7.75 1.55
CA VAL A 14 -4.96 -7.38 3.02
C VAL A 14 -3.59 -6.99 3.65
N ALA A 15 -2.49 -7.62 3.14
CA ALA A 15 -1.08 -7.36 3.65
C ALA A 15 -0.66 -5.88 3.41
N ALA A 16 -1.13 -5.30 2.27
CA ALA A 16 -0.79 -3.88 1.88
C ALA A 16 -1.50 -2.84 2.80
N VAL A 17 -2.80 -3.07 3.09
CA VAL A 17 -3.67 -2.12 3.93
C VAL A 17 -3.17 -2.04 5.41
N VAL A 18 -2.83 -3.20 6.04
CA VAL A 18 -2.37 -3.20 7.51
C VAL A 18 -1.01 -2.48 7.66
N LEU A 19 -0.15 -2.58 6.61
CA LEU A 19 1.24 -1.95 6.61
C LEU A 19 1.21 -0.40 6.77
N ILE A 20 0.18 0.28 6.17
CA ILE A 20 0.06 1.82 6.23
C ILE A 20 -0.30 2.30 7.69
N VAL A 21 -1.40 1.76 8.26
CA VAL A 21 -1.92 2.16 9.65
C VAL A 21 -0.98 1.77 10.82
N ALA A 22 -0.32 0.59 10.72
CA ALA A 22 0.51 -0.01 11.85
C ALA A 22 1.66 0.91 12.36
N VAL A 23 2.28 1.76 11.49
CA VAL A 23 3.43 2.69 11.94
C VAL A 23 2.91 3.74 12.97
N PHE A 24 1.65 4.21 12.79
CA PHE A 24 1.00 5.24 13.71
C PHE A 24 0.70 4.59 15.10
N VAL A 25 0.32 3.29 15.10
CA VAL A 25 -0.01 2.51 16.36
C VAL A 25 1.29 2.31 17.20
N CYS A 26 2.40 1.93 16.50
CA CYS A 26 3.76 1.69 17.16
C CYS A 26 4.30 2.99 17.84
N LYS A 27 4.12 4.13 17.14
CA LYS A 27 4.57 5.50 17.63
C LYS A 27 3.70 5.94 18.85
N SER A 28 2.39 5.64 18.77
CA SER A 28 1.39 5.98 19.87
C SER A 28 1.71 5.18 21.17
N LEU A 29 2.10 3.91 20.99
CA LEU A 29 2.44 2.94 22.12
C LEU A 29 3.76 3.40 22.84
N LEU A 30 4.73 3.93 22.05
CA LEU A 30 6.07 4.42 22.58
C LEU A 30 5.94 5.83 23.20
N TRP A 31 4.95 6.62 22.72
CA TRP A 31 4.66 8.04 23.24
C TRP A 31 3.63 7.97 24.39
N LYS A 32 3.14 6.75 24.73
CA LYS A 32 2.12 6.53 25.87
C LYS A 32 2.81 6.76 27.24
N LYS A 33 4.14 7.00 27.21
CA LYS A 33 5.02 7.25 28.43
C LYS A 33 5.21 5.95 29.26
N VAL A 34 4.47 4.87 28.89
CA VAL A 34 4.55 3.49 29.55
C VAL A 34 5.19 2.54 28.50
N LEU A 35 6.34 1.88 28.87
CA LEU A 35 7.12 0.91 28.00
C LEU A 35 7.41 -0.40 28.84
N PRO A 36 7.37 -1.67 28.29
CA PRO A 36 7.61 -2.93 29.13
C PRO A 36 9.11 -3.03 29.54
N MET B 1 -30.28 -12.46 1.06
CA MET B 1 -30.18 -13.26 -0.20
C MET B 1 -28.70 -13.19 -0.70
N PRO B 2 -28.13 -14.24 -1.39
CA PRO B 2 -26.67 -14.20 -1.87
C PRO B 2 -26.53 -13.20 -3.07
N GLY B 3 -25.36 -12.54 -3.16
CA GLY B 3 -25.04 -11.53 -4.25
C GLY B 3 -23.76 -10.77 -3.90
N SER B 4 -23.65 -10.40 -2.60
CA SER B 4 -22.47 -9.64 -2.02
C SER B 4 -21.21 -10.54 -1.96
N LEU B 5 -20.15 -10.03 -1.31
CA LEU B 5 -18.80 -10.72 -1.12
C LEU B 5 -17.94 -10.50 -2.39
N SER B 6 -18.60 -10.52 -3.56
CA SER B 6 -17.92 -10.27 -4.91
C SER B 6 -17.48 -8.79 -5.01
N GLY B 7 -18.30 -7.91 -4.40
CA GLY B 7 -18.05 -6.42 -4.39
C GLY B 7 -16.92 -6.02 -3.41
N ILE B 8 -16.96 -6.60 -2.17
CA ILE B 8 -15.95 -6.26 -1.06
C ILE B 8 -14.49 -6.64 -1.45
N ILE B 9 -14.30 -7.80 -2.14
CA ILE B 9 -12.89 -8.28 -2.54
C ILE B 9 -12.28 -7.35 -3.63
N ILE B 10 -13.10 -6.81 -4.57
CA ILE B 10 -12.61 -5.84 -5.65
C ILE B 10 -12.23 -4.47 -4.96
N TYR B 11 -13.09 -4.07 -3.98
CA TYR B 11 -12.97 -2.75 -3.24
C TYR B 11 -11.60 -2.54 -2.51
N VAL B 12 -11.14 -3.54 -1.71
CA VAL B 12 -9.86 -3.39 -0.89
C VAL B 12 -8.59 -3.11 -1.79
N THR B 13 -8.57 -3.70 -3.02
CA THR B 13 -7.39 -3.53 -3.97
C THR B 13 -7.28 -2.09 -4.54
N VAL B 14 -8.43 -1.54 -5.05
CA VAL B 14 -8.46 -0.14 -5.65
C VAL B 14 -8.36 0.93 -4.53
N ALA B 15 -8.92 0.61 -3.34
CA ALA B 15 -8.91 1.55 -2.13
C ALA B 15 -7.46 1.77 -1.62
N ALA B 16 -6.61 0.72 -1.72
CA ALA B 16 -5.18 0.78 -1.24
C ALA B 16 -4.32 1.78 -2.07
N VAL B 17 -4.60 1.85 -3.40
CA VAL B 17 -3.83 2.76 -4.36
C VAL B 17 -4.15 4.26 -4.09
N VAL B 18 -5.47 4.65 -4.01
CA VAL B 18 -5.87 6.12 -3.79
C VAL B 18 -5.35 6.62 -2.41
N LEU B 19 -5.29 5.69 -1.41
CA LEU B 19 -4.85 6.02 0.01
C LEU B 19 -3.40 6.62 0.03
N ILE B 20 -2.47 6.01 -0.77
CA ILE B 20 -1.03 6.49 -0.86
C ILE B 20 -0.98 7.88 -1.60
N VAL B 21 -1.67 7.95 -2.75
CA VAL B 21 -1.72 9.18 -3.65
C VAL B 21 -2.43 10.39 -2.97
N ALA B 22 -3.52 10.14 -2.19
CA ALA B 22 -4.36 11.25 -1.55
C ALA B 22 -3.51 12.16 -0.59
N VAL B 23 -2.69 11.53 0.25
CA VAL B 23 -1.77 12.27 1.22
C VAL B 23 -0.60 12.92 0.41
N PHE B 24 -0.16 12.23 -0.68
CA PHE B 24 1.02 12.70 -1.54
C PHE B 24 0.73 14.04 -2.27
N VAL B 25 -0.50 14.18 -2.86
CA VAL B 25 -0.91 15.45 -3.60
C VAL B 25 -1.06 16.64 -2.61
N CYS B 26 -1.48 16.33 -1.35
CA CYS B 26 -1.72 17.38 -0.28
C CYS B 26 -0.45 18.25 0.02
N LYS B 27 0.76 17.60 0.19
CA LYS B 27 2.05 18.37 0.50
C LYS B 27 2.57 19.11 -0.76
N SER B 28 2.34 18.53 -1.96
CA SER B 28 2.82 19.14 -3.29
C SER B 28 2.16 20.52 -3.54
N LEU B 29 0.97 20.74 -2.92
CA LEU B 29 0.18 22.05 -3.04
C LEU B 29 0.64 23.04 -1.93
N LEU B 30 1.21 22.52 -0.80
CA LEU B 30 1.68 23.41 0.37
C LEU B 30 3.06 24.03 0.04
N TRP B 31 3.86 23.33 -0.81
CA TRP B 31 5.25 23.81 -1.26
C TRP B 31 5.14 24.59 -2.59
N LYS B 32 3.91 24.68 -3.18
CA LYS B 32 3.66 25.43 -4.49
C LYS B 32 3.55 26.95 -4.21
N LYS B 33 3.27 27.31 -2.92
CA LYS B 33 3.14 28.75 -2.44
C LYS B 33 1.88 29.41 -3.05
N VAL B 34 0.81 28.59 -3.25
CA VAL B 34 -0.53 29.07 -3.81
C VAL B 34 -1.46 29.38 -2.59
N LEU B 35 -1.98 30.63 -2.49
CA LEU B 35 -2.89 31.12 -1.37
C LEU B 35 -4.25 31.57 -2.05
N PRO B 36 -5.48 31.34 -1.48
CA PRO B 36 -6.79 31.77 -2.15
C PRO B 36 -6.97 33.31 -2.07
N MET C 1 -7.49 -12.44 -28.26
CA MET C 1 -7.53 -11.25 -29.15
C MET C 1 -8.29 -10.03 -28.48
N PRO C 2 -9.39 -10.20 -27.65
CA PRO C 2 -10.15 -9.02 -27.03
C PRO C 2 -9.49 -8.56 -25.71
N GLY C 3 -10.05 -7.48 -25.11
CA GLY C 3 -9.54 -6.87 -23.83
C GLY C 3 -9.67 -7.85 -22.62
N SER C 4 -8.68 -8.77 -22.48
CA SER C 4 -8.63 -9.81 -21.37
C SER C 4 -8.40 -9.10 -20.00
N LEU C 5 -9.46 -9.01 -19.15
CA LEU C 5 -9.40 -8.35 -17.79
C LEU C 5 -8.70 -9.27 -16.75
N SER C 6 -8.24 -10.46 -17.20
CA SER C 6 -7.53 -11.46 -16.30
C SER C 6 -6.12 -10.95 -15.91
N GLY C 7 -5.52 -10.17 -16.82
CA GLY C 7 -4.14 -9.58 -16.64
C GLY C 7 -4.11 -8.41 -15.64
N ILE C 8 -5.03 -7.42 -15.85
CA ILE C 8 -5.09 -6.14 -15.00
C ILE C 8 -5.42 -6.45 -13.51
N ILE C 9 -6.39 -7.39 -13.24
CA ILE C 9 -6.80 -7.73 -11.80
C ILE C 9 -5.62 -8.34 -10.98
N ILE C 10 -4.72 -9.14 -11.64
CA ILE C 10 -3.49 -9.74 -10.94
C ILE C 10 -2.47 -8.59 -10.64
N TYR C 11 -2.27 -7.71 -11.64
CA TYR C 11 -1.25 -6.58 -11.62
C TYR C 11 -1.54 -5.45 -10.57
N VAL C 12 -2.81 -4.98 -10.44
CA VAL C 12 -3.14 -3.81 -9.50
C VAL C 12 -2.72 -4.09 -8.02
N THR C 13 -2.90 -5.36 -7.57
CA THR C 13 -2.53 -5.82 -6.16
C THR C 13 -1.00 -5.76 -5.95
N VAL C 14 -0.24 -6.33 -6.92
CA VAL C 14 1.28 -6.38 -6.88
C VAL C 14 1.87 -4.96 -7.08
N ALA C 15 1.17 -4.12 -7.89
CA ALA C 15 1.62 -2.70 -8.20
C ALA C 15 1.70 -1.82 -6.92
N ALA C 16 0.76 -2.07 -5.95
CA ALA C 16 0.70 -1.28 -4.65
C ALA C 16 1.89 -1.62 -3.72
N VAL C 17 2.26 -2.92 -3.65
CA VAL C 17 3.37 -3.44 -2.75
C VAL C 17 4.78 -2.92 -3.19
N VAL C 18 5.09 -2.95 -4.52
CA VAL C 18 6.47 -2.50 -5.04
C VAL C 18 6.67 -0.98 -4.80
N LEU C 19 5.56 -0.19 -4.88
CA LEU C 19 5.59 1.32 -4.69
C LEU C 19 6.14 1.73 -3.29
N ILE C 20 5.70 0.99 -2.24
CA ILE C 20 6.14 1.26 -0.79
C ILE C 20 7.65 0.87 -0.62
N VAL C 21 7.99 -0.34 -1.09
CA VAL C 21 9.38 -0.96 -0.99
C VAL C 21 10.44 -0.20 -1.84
N ALA C 22 10.05 0.30 -3.04
CA ALA C 22 11.04 0.96 -4.02
C ALA C 22 11.81 2.18 -3.42
N VAL C 23 11.19 2.95 -2.48
CA VAL C 23 11.88 4.17 -1.86
C VAL C 23 13.03 3.72 -0.90
N PHE C 24 12.80 2.58 -0.18
CA PHE C 24 13.83 2.00 0.80
C PHE C 24 15.02 1.39 0.01
N VAL C 25 14.73 0.67 -1.11
CA VAL C 25 15.81 0.03 -2.00
C VAL C 25 16.64 1.16 -2.68
N CYS C 26 15.98 2.29 -3.02
CA CYS C 26 16.65 3.49 -3.69
C CYS C 26 17.64 4.17 -2.70
N LYS C 27 17.22 4.23 -1.41
CA LYS C 27 18.01 4.86 -0.26
C LYS C 27 19.34 4.12 0.01
N SER C 28 19.40 2.81 -0.38
CA SER C 28 20.66 1.96 -0.20
C SER C 28 21.82 2.56 -1.06
N LEU C 29 21.43 3.22 -2.18
CA LEU C 29 22.39 3.88 -3.16
C LEU C 29 23.03 5.16 -2.53
N LEU C 30 22.27 5.80 -1.59
CA LEU C 30 22.74 7.07 -0.87
C LEU C 30 23.63 6.66 0.34
N TRP C 31 23.52 5.37 0.77
CA TRP C 31 24.30 4.81 1.98
C TRP C 31 25.70 4.24 1.58
N LYS C 32 25.95 3.92 0.28
CA LYS C 32 27.31 3.34 -0.19
C LYS C 32 28.29 4.51 -0.51
N LYS C 33 27.71 5.70 -0.81
CA LYS C 33 28.50 6.97 -1.14
C LYS C 33 29.20 7.45 0.16
N VAL C 34 28.41 7.42 1.27
CA VAL C 34 28.87 7.79 2.68
C VAL C 34 28.29 6.71 3.64
N LEU C 35 29.15 6.10 4.50
CA LEU C 35 28.76 5.01 5.50
C LEU C 35 28.44 5.72 6.87
N PRO C 36 27.41 5.33 7.71
CA PRO C 36 27.12 6.02 9.07
C PRO C 36 28.39 6.36 9.91
N MET A 1 4.58 -27.76 -6.07
CA MET A 1 3.60 -26.77 -5.52
C MET A 1 2.64 -27.54 -4.51
N PRO A 2 3.18 -28.28 -3.48
CA PRO A 2 2.29 -29.03 -2.47
C PRO A 2 1.55 -28.03 -1.54
N GLY A 3 2.19 -26.86 -1.31
CA GLY A 3 1.63 -25.76 -0.43
C GLY A 3 0.43 -25.07 -1.08
N SER A 4 -0.11 -24.04 -0.39
CA SER A 4 -1.31 -23.23 -0.87
C SER A 4 -0.93 -22.40 -2.12
N LEU A 5 -1.93 -21.70 -2.70
CA LEU A 5 -1.73 -20.82 -3.94
C LEU A 5 -2.95 -19.88 -4.05
N SER A 6 -4.15 -20.48 -3.92
CA SER A 6 -5.47 -19.71 -3.99
C SER A 6 -5.60 -18.75 -2.78
N GLY A 7 -5.05 -19.20 -1.63
CA GLY A 7 -5.06 -18.42 -0.33
C GLY A 7 -4.06 -17.26 -0.37
N ILE A 8 -2.96 -17.42 -1.15
CA ILE A 8 -1.86 -16.39 -1.30
C ILE A 8 -2.40 -15.11 -2.01
N ILE A 9 -3.31 -15.30 -3.00
CA ILE A 9 -3.93 -14.15 -3.81
C ILE A 9 -4.84 -13.28 -2.89
N ILE A 10 -5.58 -13.94 -1.98
CA ILE A 10 -6.51 -13.24 -1.00
C ILE A 10 -5.66 -12.45 0.05
N TYR A 11 -4.54 -13.07 0.48
CA TYR A 11 -3.60 -12.53 1.54
C TYR A 11 -2.84 -11.24 1.14
N VAL A 12 -2.24 -11.19 -0.09
CA VAL A 12 -1.41 -9.98 -0.54
C VAL A 12 -2.20 -8.65 -0.50
N THR A 13 -3.53 -8.69 -0.84
CA THR A 13 -4.40 -7.44 -0.87
C THR A 13 -4.62 -6.83 0.54
N VAL A 14 -5.00 -7.67 1.54
CA VAL A 14 -5.25 -7.18 2.96
C VAL A 14 -3.90 -6.83 3.64
N ALA A 15 -2.81 -7.57 3.27
CA ALA A 15 -1.42 -7.35 3.87
C ALA A 15 -0.89 -5.92 3.57
N ALA A 16 -1.21 -5.38 2.36
CA ALA A 16 -0.74 -4.00 1.93
C ALA A 16 -1.44 -2.86 2.73
N VAL A 17 -2.75 -3.05 3.00
CA VAL A 17 -3.61 -2.01 3.74
C VAL A 17 -3.20 -1.88 5.23
N VAL A 18 -2.96 -3.01 5.95
CA VAL A 18 -2.59 -2.96 7.44
C VAL A 18 -1.20 -2.30 7.64
N LEU A 19 -0.30 -2.49 6.65
CA LEU A 19 1.13 -1.94 6.67
C LEU A 19 1.15 -0.39 6.79
N ILE A 20 0.17 0.32 6.17
CA ILE A 20 0.13 1.86 6.19
C ILE A 20 -0.19 2.38 7.64
N VAL A 21 -1.32 1.91 8.23
CA VAL A 21 -1.79 2.32 9.63
C VAL A 21 -0.86 1.82 10.77
N ALA A 22 -0.31 0.59 10.61
CA ALA A 22 0.53 -0.12 11.69
C ALA A 22 1.80 0.69 12.11
N VAL A 23 2.49 1.32 11.15
CA VAL A 23 3.78 2.11 11.44
C VAL A 23 3.47 3.43 12.19
N PHE A 24 2.31 4.12 11.91
CA PHE A 24 1.97 5.46 12.61
C PHE A 24 1.63 5.24 14.12
N VAL A 25 0.84 4.17 14.45
CA VAL A 25 0.43 3.87 15.90
C VAL A 25 1.68 3.41 16.72
N CYS A 26 2.63 2.73 16.03
CA CYS A 26 3.89 2.17 16.67
C CYS A 26 4.78 3.31 17.29
N LYS A 27 4.82 4.47 16.60
CA LYS A 27 5.63 5.69 17.05
C LYS A 27 4.84 6.51 18.10
N SER A 28 3.49 6.40 18.08
CA SER A 28 2.58 7.17 19.03
C SER A 28 2.73 6.67 20.51
N LEU A 29 2.79 5.32 20.70
CA LEU A 29 2.90 4.69 22.09
C LEU A 29 4.34 4.77 22.62
N LEU A 30 5.34 4.88 21.70
CA LEU A 30 6.82 4.95 22.08
C LEU A 30 7.18 6.40 22.52
N TRP A 31 6.43 7.39 21.96
CA TRP A 31 6.62 8.87 22.27
C TRP A 31 5.74 9.30 23.49
N LYS A 32 4.77 8.42 23.88
CA LYS A 32 3.82 8.67 25.03
C LYS A 32 4.59 8.54 26.38
N LYS A 33 5.53 7.57 26.40
CA LYS A 33 6.40 7.28 27.62
C LYS A 33 7.36 8.47 27.89
N VAL A 34 8.02 8.95 26.79
CA VAL A 34 8.98 10.13 26.81
C VAL A 34 8.69 11.03 25.56
N LEU A 35 8.38 12.34 25.83
CA LEU A 35 8.07 13.41 24.78
C LEU A 35 8.95 14.66 25.14
N PRO A 36 9.55 15.45 24.17
CA PRO A 36 10.43 16.67 24.53
C PRO A 36 9.55 17.83 25.03
N MET B 1 -29.06 -16.41 2.25
CA MET B 1 -29.53 -15.37 3.22
C MET B 1 -28.44 -14.23 3.40
N PRO B 2 -27.08 -14.47 3.36
CA PRO B 2 -26.04 -13.37 3.56
C PRO B 2 -25.66 -12.67 2.22
N GLY B 3 -26.34 -13.08 1.13
CA GLY B 3 -26.11 -12.50 -0.26
C GLY B 3 -24.74 -12.94 -0.83
N SER B 4 -23.75 -12.00 -0.82
CA SER B 4 -22.34 -12.26 -1.34
C SER B 4 -21.39 -11.14 -0.88
N LEU B 5 -20.11 -11.23 -1.30
CA LEU B 5 -19.01 -10.22 -0.95
C LEU B 5 -17.94 -10.20 -2.07
N SER B 6 -18.35 -10.63 -3.28
CA SER B 6 -17.44 -10.68 -4.50
C SER B 6 -17.08 -9.26 -4.98
N GLY B 7 -17.96 -8.29 -4.69
CA GLY B 7 -17.78 -6.84 -5.08
C GLY B 7 -16.73 -6.10 -4.23
N ILE B 8 -16.85 -6.21 -2.87
CA ILE B 8 -15.93 -5.48 -1.90
C ILE B 8 -14.45 -5.97 -2.00
N ILE B 9 -14.20 -7.30 -2.24
CA ILE B 9 -12.77 -7.84 -2.34
C ILE B 9 -12.01 -7.20 -3.56
N ILE B 10 -12.73 -6.89 -4.68
CA ILE B 10 -12.08 -6.21 -5.91
C ILE B 10 -11.71 -4.74 -5.54
N TYR B 11 -12.61 -4.08 -4.77
CA TYR B 11 -12.48 -2.62 -4.38
C TYR B 11 -11.26 -2.31 -3.43
N VAL B 12 -10.99 -3.15 -2.39
CA VAL B 12 -9.84 -2.84 -1.40
C VAL B 12 -8.47 -2.71 -2.13
N THR B 13 -8.33 -3.42 -3.29
CA THR B 13 -7.06 -3.40 -4.14
C THR B 13 -6.83 -2.00 -4.76
N VAL B 14 -7.90 -1.44 -5.36
CA VAL B 14 -7.88 -0.07 -6.05
C VAL B 14 -7.73 1.04 -4.98
N ALA B 15 -8.43 0.84 -3.83
CA ALA B 15 -8.43 1.83 -2.67
C ALA B 15 -6.99 2.06 -2.12
N ALA B 16 -6.16 0.98 -2.13
CA ALA B 16 -4.74 1.05 -1.60
C ALA B 16 -3.85 2.00 -2.46
N VAL B 17 -4.13 2.04 -3.79
CA VAL B 17 -3.35 2.89 -4.78
C VAL B 17 -3.61 4.42 -4.55
N VAL B 18 -4.89 4.85 -4.43
CA VAL B 18 -5.24 6.33 -4.22
C VAL B 18 -4.76 6.80 -2.82
N LEU B 19 -4.78 5.86 -1.83
CA LEU B 19 -4.39 6.15 -0.39
C LEU B 19 -2.93 6.67 -0.25
N ILE B 20 -1.93 6.00 -0.91
CA ILE B 20 -0.47 6.45 -0.83
C ILE B 20 -0.28 7.78 -1.63
N VAL B 21 -0.97 7.95 -2.79
CA VAL B 21 -0.89 9.22 -3.64
C VAL B 21 -1.51 10.45 -2.90
N ALA B 22 -2.61 10.20 -2.16
CA ALA B 22 -3.40 11.31 -1.47
C ALA B 22 -2.56 12.16 -0.47
N VAL B 23 -1.54 11.56 0.21
CA VAL B 23 -0.68 12.34 1.22
C VAL B 23 0.23 13.36 0.49
N PHE B 24 0.75 12.97 -0.72
CA PHE B 24 1.67 13.87 -1.55
C PHE B 24 0.85 15.07 -2.14
N VAL B 25 -0.39 14.77 -2.63
CA VAL B 25 -1.32 15.84 -3.23
C VAL B 25 -1.71 16.88 -2.13
N CYS B 26 -2.03 16.39 -0.90
CA CYS B 26 -2.45 17.28 0.28
C CYS B 26 -1.25 18.16 0.76
N LYS B 27 0.00 17.65 0.57
CA LYS B 27 1.28 18.37 1.00
C LYS B 27 1.51 19.64 0.14
N SER B 28 1.14 19.56 -1.16
CA SER B 28 1.26 20.72 -2.13
C SER B 28 0.34 21.89 -1.68
N LEU B 29 -0.71 21.54 -0.89
CA LEU B 29 -1.72 22.51 -0.30
C LEU B 29 -1.01 23.35 0.82
N LEU B 30 -0.06 22.68 1.53
CA LEU B 30 0.73 23.32 2.67
C LEU B 30 1.88 24.20 2.11
N TRP B 31 2.38 23.86 0.87
CA TRP B 31 3.52 24.65 0.19
C TRP B 31 2.94 25.82 -0.66
N LYS B 32 1.62 26.15 -0.46
CA LYS B 32 0.91 27.29 -1.17
C LYS B 32 0.07 28.02 -0.10
N LYS B 33 -0.82 27.25 0.57
CA LYS B 33 -1.77 27.74 1.63
C LYS B 33 -2.90 28.60 1.00
N VAL B 34 -2.80 28.81 -0.35
CA VAL B 34 -3.84 29.59 -1.16
C VAL B 34 -4.75 28.51 -1.82
N LEU B 35 -6.08 28.59 -1.55
CA LEU B 35 -7.13 27.62 -2.10
C LEU B 35 -7.72 28.26 -3.41
N PRO B 36 -8.03 27.50 -4.52
CA PRO B 36 -8.60 28.14 -5.81
C PRO B 36 -10.06 28.60 -5.61
N MET C 1 -17.55 -9.88 -30.13
CA MET C 1 -17.19 -10.91 -29.12
C MET C 1 -17.58 -10.38 -27.70
N PRO C 2 -17.96 -11.23 -26.68
CA PRO C 2 -18.34 -10.70 -25.28
C PRO C 2 -17.09 -10.17 -24.53
N GLY C 3 -15.90 -10.60 -24.99
CA GLY C 3 -14.57 -10.18 -24.39
C GLY C 3 -14.40 -10.64 -22.93
N SER C 4 -13.25 -10.27 -22.32
CA SER C 4 -12.90 -10.63 -20.88
C SER C 4 -11.68 -9.81 -20.44
N LEU C 5 -11.30 -9.97 -19.14
CA LEU C 5 -10.12 -9.25 -18.51
C LEU C 5 -9.83 -9.85 -17.11
N SER C 6 -9.81 -11.20 -17.02
CA SER C 6 -9.51 -11.92 -15.71
C SER C 6 -8.02 -11.71 -15.33
N GLY C 7 -7.20 -11.46 -16.36
CA GLY C 7 -5.71 -11.26 -16.24
C GLY C 7 -5.29 -9.95 -15.53
N ILE C 8 -5.92 -8.79 -15.90
CA ILE C 8 -5.54 -7.42 -15.29
C ILE C 8 -5.72 -7.43 -13.75
N ILE C 9 -6.78 -8.14 -13.27
CA ILE C 9 -7.12 -8.22 -11.78
C ILE C 9 -5.89 -8.73 -10.94
N ILE C 10 -5.04 -9.66 -11.49
CA ILE C 10 -3.81 -10.19 -10.75
C ILE C 10 -2.74 -9.04 -10.66
N TYR C 11 -2.59 -8.31 -11.79
CA TYR C 11 -1.55 -7.21 -11.98
C TYR C 11 -1.68 -6.02 -10.98
N VAL C 12 -2.91 -5.50 -10.74
CA VAL C 12 -3.11 -4.28 -9.81
C VAL C 12 -2.67 -4.59 -8.34
N THR C 13 -2.94 -5.83 -7.86
CA THR C 13 -2.59 -6.26 -6.43
C THR C 13 -1.06 -6.30 -6.18
N VAL C 14 -0.29 -6.94 -7.09
CA VAL C 14 1.23 -7.05 -6.95
C VAL C 14 1.89 -5.67 -7.20
N ALA C 15 1.27 -4.84 -8.09
CA ALA C 15 1.80 -3.47 -8.44
C ALA C 15 1.74 -2.49 -7.22
N ALA C 16 0.69 -2.64 -6.37
CA ALA C 16 0.48 -1.74 -5.17
C ALA C 16 1.51 -1.99 -4.03
N VAL C 17 1.73 -3.27 -3.66
CA VAL C 17 2.65 -3.65 -2.50
C VAL C 17 4.15 -3.39 -2.81
N VAL C 18 4.60 -3.66 -4.08
CA VAL C 18 6.07 -3.46 -4.48
C VAL C 18 6.46 -1.96 -4.41
N LEU C 19 5.48 -1.06 -4.69
CA LEU C 19 5.71 0.44 -4.70
C LEU C 19 6.15 0.96 -3.29
N ILE C 20 5.61 0.34 -2.21
CA ILE C 20 5.91 0.76 -0.75
C ILE C 20 7.42 0.50 -0.39
N VAL C 21 7.88 -0.77 -0.57
CA VAL C 21 9.31 -1.22 -0.22
C VAL C 21 10.39 -0.56 -1.14
N ALA C 22 10.04 -0.35 -2.43
CA ALA C 22 11.02 0.14 -3.50
C ALA C 22 11.69 1.51 -3.17
N VAL C 23 11.01 2.44 -2.44
CA VAL C 23 11.63 3.80 -2.09
C VAL C 23 12.81 3.62 -1.08
N PHE C 24 12.68 2.62 -0.15
CA PHE C 24 13.75 2.33 0.90
C PHE C 24 15.06 1.80 0.23
N VAL C 25 14.93 1.16 -0.96
CA VAL C 25 16.13 0.60 -1.73
C VAL C 25 17.04 1.77 -2.22
N CYS C 26 16.39 2.90 -2.63
CA CYS C 26 17.10 4.14 -3.13
C CYS C 26 17.89 4.80 -1.96
N LYS C 27 17.25 4.80 -0.76
CA LYS C 27 17.84 5.37 0.53
C LYS C 27 19.03 4.50 0.98
N SER C 28 18.87 3.17 0.84
CA SER C 28 19.93 2.15 1.22
C SER C 28 21.19 2.30 0.36
N LEU C 29 21.00 2.77 -0.90
CA LEU C 29 22.10 2.97 -1.94
C LEU C 29 22.70 4.40 -1.87
N LEU C 30 21.92 5.38 -1.34
CA LEU C 30 22.35 6.86 -1.29
C LEU C 30 23.32 7.17 -0.12
N TRP C 31 23.26 6.40 1.02
CA TRP C 31 24.16 6.64 2.26
C TRP C 31 25.15 5.48 2.49
N LYS C 32 25.30 4.58 1.47
CA LYS C 32 26.28 3.42 1.53
C LYS C 32 27.71 3.97 1.25
N LYS C 33 27.76 5.03 0.41
CA LYS C 33 29.05 5.72 -0.02
C LYS C 33 29.70 6.42 1.22
N VAL C 34 28.85 7.08 2.05
CA VAL C 34 29.27 7.81 3.32
C VAL C 34 28.30 7.36 4.46
N LEU C 35 28.87 6.79 5.56
CA LEU C 35 28.08 6.28 6.78
C LEU C 35 28.07 7.44 7.84
N PRO C 36 26.96 7.72 8.61
CA PRO C 36 26.96 8.86 9.65
C PRO C 36 27.83 8.49 10.88
N MET A 1 -4.87 -26.64 -5.79
CA MET A 1 -5.93 -26.55 -4.75
C MET A 1 -5.37 -26.96 -3.32
N PRO A 2 -4.45 -27.98 -3.15
CA PRO A 2 -3.93 -28.38 -1.76
C PRO A 2 -2.71 -27.48 -1.36
N GLY A 3 -3.03 -26.20 -1.03
CA GLY A 3 -2.00 -25.16 -0.63
C GLY A 3 -1.47 -24.44 -1.89
N SER A 4 -0.13 -24.46 -2.11
CA SER A 4 0.55 -23.80 -3.30
C SER A 4 0.23 -22.28 -3.35
N LEU A 5 0.43 -21.61 -2.20
CA LEU A 5 0.20 -20.11 -2.02
C LEU A 5 -1.25 -19.69 -2.39
N SER A 6 -2.18 -20.66 -2.63
CA SER A 6 -3.62 -20.33 -3.05
C SER A 6 -4.32 -19.39 -2.02
N GLY A 7 -3.96 -19.58 -0.73
CA GLY A 7 -4.51 -18.76 0.41
C GLY A 7 -3.92 -17.34 0.43
N ILE A 8 -2.59 -17.26 0.18
CA ILE A 8 -1.79 -15.96 0.18
C ILE A 8 -2.38 -14.95 -0.87
N ILE A 9 -2.81 -15.45 -2.06
CA ILE A 9 -3.43 -14.56 -3.16
C ILE A 9 -4.64 -13.72 -2.58
N ILE A 10 -5.45 -14.27 -1.63
CA ILE A 10 -6.63 -13.50 -1.02
C ILE A 10 -6.07 -12.35 -0.10
N TYR A 11 -5.12 -12.75 0.78
CA TYR A 11 -4.47 -11.83 1.82
C TYR A 11 -3.54 -10.70 1.25
N VAL A 12 -2.90 -10.88 0.04
CA VAL A 12 -1.89 -9.84 -0.50
C VAL A 12 -2.51 -8.41 -0.60
N THR A 13 -3.79 -8.36 -1.04
CA THR A 13 -4.58 -7.06 -1.22
C THR A 13 -4.76 -6.34 0.14
N VAL A 14 -5.20 -7.13 1.15
CA VAL A 14 -5.45 -6.63 2.55
C VAL A 14 -4.10 -6.27 3.23
N ALA A 15 -3.08 -7.17 3.06
CA ALA A 15 -1.69 -6.98 3.65
C ALA A 15 -1.07 -5.59 3.26
N ALA A 16 -1.39 -5.13 2.03
CA ALA A 16 -0.85 -3.81 1.48
C ALA A 16 -1.33 -2.60 2.33
N VAL A 17 -2.65 -2.58 2.68
CA VAL A 17 -3.29 -1.48 3.50
C VAL A 17 -2.77 -1.53 4.97
N VAL A 18 -2.60 -2.77 5.49
CA VAL A 18 -2.10 -3.03 6.91
C VAL A 18 -0.62 -2.55 7.05
N LEU A 19 0.18 -2.69 5.97
CA LEU A 19 1.66 -2.30 5.96
C LEU A 19 1.86 -0.76 6.20
N ILE A 20 0.96 0.08 5.65
CA ILE A 20 1.05 1.60 5.75
C ILE A 20 0.75 2.09 7.22
N VAL A 21 -0.41 1.69 7.76
CA VAL A 21 -0.92 2.10 9.15
C VAL A 21 -0.05 1.55 10.32
N ALA A 22 0.47 0.30 10.16
CA ALA A 22 1.23 -0.43 11.27
C ALA A 22 2.48 0.34 11.79
N VAL A 23 3.17 1.15 10.92
CA VAL A 23 4.42 1.92 11.36
C VAL A 23 4.07 2.92 12.52
N PHE A 24 2.87 3.56 12.42
CA PHE A 24 2.38 4.57 13.45
C PHE A 24 2.07 3.84 14.80
N VAL A 25 1.60 2.57 14.72
CA VAL A 25 1.24 1.73 15.95
C VAL A 25 2.54 1.40 16.74
N CYS A 26 3.66 1.14 15.99
CA CYS A 26 5.01 0.81 16.59
C CYS A 26 5.60 2.04 17.33
N LYS A 27 5.53 3.22 16.64
CA LYS A 27 6.05 4.55 17.17
C LYS A 27 5.19 5.04 18.38
N SER A 28 3.90 4.63 18.45
CA SER A 28 2.98 5.05 19.58
C SER A 28 3.51 4.49 20.94
N LEU A 29 4.35 3.42 20.84
CA LEU A 29 5.00 2.74 22.04
C LEU A 29 6.40 3.36 22.34
N LEU A 30 6.99 4.12 21.35
CA LEU A 30 8.39 4.73 21.49
C LEU A 30 8.37 6.06 22.31
N TRP A 31 7.23 6.82 22.29
CA TRP A 31 7.07 8.15 23.08
C TRP A 31 6.01 8.03 24.19
N LYS A 32 5.57 6.78 24.51
CA LYS A 32 4.55 6.51 25.62
C LYS A 32 5.16 6.87 27.01
N LYS A 33 6.50 7.13 27.02
CA LYS A 33 7.34 7.51 28.24
C LYS A 33 7.96 6.25 28.89
N VAL A 34 7.39 5.06 28.54
CA VAL A 34 7.86 3.68 29.03
C VAL A 34 7.86 2.74 27.80
N LEU A 35 8.94 1.91 27.65
CA LEU A 35 9.12 0.92 26.49
C LEU A 35 8.67 -0.51 26.98
N PRO A 36 7.99 -1.40 26.18
CA PRO A 36 7.58 -2.81 26.66
C PRO A 36 8.68 -3.58 27.46
N MET B 1 -33.51 -9.81 -6.00
CA MET B 1 -32.34 -10.03 -6.90
C MET B 1 -31.23 -8.97 -6.54
N PRO B 2 -30.69 -8.93 -5.28
CA PRO B 2 -29.61 -7.92 -4.89
C PRO B 2 -28.24 -8.34 -5.48
N GLY B 3 -27.17 -7.59 -5.12
CA GLY B 3 -25.76 -7.85 -5.61
C GLY B 3 -24.74 -6.87 -4.99
N SER B 4 -25.26 -5.79 -4.36
CA SER B 4 -24.42 -4.72 -3.68
C SER B 4 -23.69 -5.31 -2.43
N LEU B 5 -22.66 -6.15 -2.69
CA LEU B 5 -21.82 -6.83 -1.60
C LEU B 5 -20.52 -7.34 -2.27
N SER B 6 -20.69 -8.08 -3.38
CA SER B 6 -19.53 -8.65 -4.20
C SER B 6 -18.55 -7.53 -4.65
N GLY B 7 -19.05 -6.29 -4.64
CA GLY B 7 -18.26 -5.06 -5.02
C GLY B 7 -17.15 -4.75 -4.00
N ILE B 8 -17.34 -5.21 -2.71
CA ILE B 8 -16.35 -4.93 -1.57
C ILE B 8 -14.92 -5.50 -1.88
N ILE B 9 -14.84 -6.79 -2.30
CA ILE B 9 -13.48 -7.46 -2.63
C ILE B 9 -12.82 -6.76 -3.86
N ILE B 10 -13.65 -6.28 -4.84
CA ILE B 10 -13.12 -5.56 -6.08
C ILE B 10 -12.54 -4.17 -5.66
N TYR B 11 -13.25 -3.52 -4.70
CA TYR B 11 -12.93 -2.11 -4.19
C TYR B 11 -11.58 -1.98 -3.40
N VAL B 12 -11.26 -2.93 -2.48
CA VAL B 12 -9.99 -2.81 -1.60
C VAL B 12 -8.70 -2.73 -2.48
N THR B 13 -8.72 -3.40 -3.65
CA THR B 13 -7.55 -3.43 -4.64
C THR B 13 -7.29 -2.02 -5.22
N VAL B 14 -8.39 -1.36 -5.68
CA VAL B 14 -8.34 0.03 -6.30
C VAL B 14 -8.03 1.07 -5.19
N ALA B 15 -8.75 0.97 -4.04
CA ALA B 15 -8.59 1.93 -2.86
C ALA B 15 -7.11 2.06 -2.41
N ALA B 16 -6.34 0.93 -2.50
CA ALA B 16 -4.88 0.89 -2.08
C ALA B 16 -4.01 1.89 -2.91
N VAL B 17 -4.20 1.88 -4.25
CA VAL B 17 -3.41 2.78 -5.21
C VAL B 17 -3.85 4.27 -5.03
N VAL B 18 -5.18 4.48 -4.84
CA VAL B 18 -5.78 5.85 -4.64
C VAL B 18 -5.32 6.46 -3.29
N LEU B 19 -5.11 5.60 -2.27
CA LEU B 19 -4.70 6.06 -0.87
C LEU B 19 -3.28 6.69 -0.83
N ILE B 20 -2.26 6.03 -1.47
CA ILE B 20 -0.82 6.55 -1.43
C ILE B 20 -0.62 7.85 -2.29
N VAL B 21 -1.22 7.94 -3.50
CA VAL B 21 -1.05 9.17 -4.43
C VAL B 21 -1.72 10.45 -3.83
N ALA B 22 -2.89 10.25 -3.16
CA ALA B 22 -3.74 11.39 -2.61
C ALA B 22 -3.01 12.30 -1.57
N VAL B 23 -2.05 11.76 -0.77
CA VAL B 23 -1.31 12.58 0.29
C VAL B 23 -0.45 13.70 -0.39
N PHE B 24 0.12 13.38 -1.59
CA PHE B 24 0.98 14.38 -2.38
C PHE B 24 0.09 15.54 -2.92
N VAL B 25 -1.13 15.18 -3.40
CA VAL B 25 -2.15 16.17 -3.97
C VAL B 25 -2.67 17.09 -2.83
N CYS B 26 -2.86 16.49 -1.62
CA CYS B 26 -3.35 17.22 -0.38
C CYS B 26 -2.32 18.30 0.06
N LYS B 27 -1.02 17.92 0.01
CA LYS B 27 0.16 18.83 0.37
C LYS B 27 0.23 20.01 -0.61
N SER B 28 0.07 19.70 -1.91
CA SER B 28 0.10 20.72 -3.02
C SER B 28 -1.09 21.71 -2.91
N LEU B 29 -2.20 21.25 -2.28
CA LEU B 29 -3.48 22.06 -2.07
C LEU B 29 -3.45 22.81 -0.71
N LEU B 30 -2.67 22.29 0.29
CA LEU B 30 -2.63 22.86 1.71
C LEU B 30 -1.71 24.12 1.84
N TRP B 31 -0.63 24.25 0.99
CA TRP B 31 0.37 25.43 1.06
C TRP B 31 0.32 26.35 -0.18
N LYS B 32 -0.73 26.21 -1.03
CA LYS B 32 -0.95 27.08 -2.27
C LYS B 32 -1.86 28.28 -1.87
N LYS B 33 -2.76 28.04 -0.89
CA LYS B 33 -3.75 29.08 -0.37
C LYS B 33 -2.99 30.24 0.34
N VAL B 34 -2.00 29.85 1.19
CA VAL B 34 -1.12 30.81 1.97
C VAL B 34 0.36 30.28 1.89
N LEU B 35 1.29 31.14 1.38
CA LEU B 35 2.77 30.80 1.20
C LEU B 35 3.52 31.40 2.44
N PRO B 36 4.58 30.77 3.05
CA PRO B 36 5.30 31.36 4.28
C PRO B 36 6.18 32.56 3.86
N MET C 1 -4.80 -7.00 -30.01
CA MET C 1 -4.73 -8.39 -29.48
C MET C 1 -6.07 -8.69 -28.69
N PRO C 2 -6.45 -9.97 -28.36
CA PRO C 2 -7.77 -10.25 -27.58
C PRO C 2 -7.86 -9.44 -26.25
N GLY C 3 -9.12 -9.24 -25.76
CA GLY C 3 -9.40 -8.47 -24.48
C GLY C 3 -8.93 -9.25 -23.24
N SER C 4 -9.15 -8.65 -22.04
CA SER C 4 -8.76 -9.24 -20.71
C SER C 4 -9.42 -8.42 -19.57
N LEU C 5 -9.41 -8.98 -18.33
CA LEU C 5 -10.02 -8.31 -17.10
C LEU C 5 -9.49 -9.07 -15.85
N SER C 6 -9.63 -10.40 -15.89
CA SER C 6 -9.20 -11.34 -14.78
C SER C 6 -7.67 -11.19 -14.50
N GLY C 7 -6.91 -10.94 -15.57
CA GLY C 7 -5.42 -10.73 -15.50
C GLY C 7 -5.08 -9.34 -14.94
N ILE C 8 -5.89 -8.33 -15.32
CA ILE C 8 -5.69 -6.87 -14.93
C ILE C 8 -5.82 -6.67 -13.39
N ILE C 9 -6.87 -7.29 -12.75
CA ILE C 9 -7.12 -7.14 -11.24
C ILE C 9 -5.94 -7.76 -10.41
N ILE C 10 -5.30 -8.86 -10.92
CA ILE C 10 -4.13 -9.52 -10.18
C ILE C 10 -2.88 -8.57 -10.20
N TYR C 11 -2.68 -7.87 -11.34
CA TYR C 11 -1.48 -6.94 -11.55
C TYR C 11 -1.48 -5.67 -10.64
N VAL C 12 -2.62 -4.93 -10.51
CA VAL C 12 -2.66 -3.63 -9.69
C VAL C 12 -2.30 -3.88 -8.18
N THR C 13 -2.71 -5.06 -7.65
CA THR C 13 -2.44 -5.47 -6.20
C THR C 13 -0.92 -5.69 -5.94
N VAL C 14 -0.25 -6.46 -6.84
CA VAL C 14 1.25 -6.76 -6.73
C VAL C 14 2.06 -5.46 -6.98
N ALA C 15 1.54 -4.60 -7.89
CA ALA C 15 2.21 -3.28 -8.27
C ALA C 15 2.28 -2.32 -7.05
N ALA C 16 1.24 -2.37 -6.17
CA ALA C 16 1.15 -1.49 -4.95
C ALA C 16 2.21 -1.88 -3.87
N VAL C 17 2.46 -3.20 -3.70
CA VAL C 17 3.44 -3.74 -2.65
C VAL C 17 4.91 -3.36 -3.00
N VAL C 18 5.34 -3.54 -4.29
CA VAL C 18 6.79 -3.24 -4.71
C VAL C 18 7.12 -1.73 -4.52
N LEU C 19 6.10 -0.86 -4.72
CA LEU C 19 6.25 0.65 -4.61
C LEU C 19 6.64 1.09 -3.16
N ILE C 20 6.03 0.47 -2.12
CA ILE C 20 6.29 0.85 -0.66
C ILE C 20 7.72 0.42 -0.19
N VAL C 21 8.06 -0.90 -0.33
CA VAL C 21 9.40 -1.47 0.16
C VAL C 21 10.65 -0.99 -0.65
N ALA C 22 10.53 -0.91 -2.00
CA ALA C 22 11.71 -0.58 -2.94
C ALA C 22 12.38 0.80 -2.66
N VAL C 23 11.57 1.84 -2.35
CA VAL C 23 12.13 3.25 -2.08
C VAL C 23 13.05 3.26 -0.83
N PHE C 24 12.76 2.41 0.21
CA PHE C 24 13.64 2.34 1.47
C PHE C 24 15.03 1.70 1.14
N VAL C 25 15.09 0.81 0.10
CA VAL C 25 16.39 0.11 -0.32
C VAL C 25 17.41 1.14 -0.91
N CYS C 26 16.94 1.98 -1.89
CA CYS C 26 17.84 3.00 -2.59
C CYS C 26 18.37 4.07 -1.58
N LYS C 27 17.50 4.44 -0.60
CA LYS C 27 17.82 5.46 0.48
C LYS C 27 18.95 4.91 1.41
N SER C 28 18.80 3.63 1.81
CA SER C 28 19.81 2.92 2.71
C SER C 28 21.18 2.80 1.98
N LEU C 29 21.12 2.80 0.63
CA LEU C 29 22.34 2.71 -0.29
C LEU C 29 22.95 4.15 -0.43
N LEU C 30 22.10 5.20 -0.23
CA LEU C 30 22.52 6.67 -0.36
C LEU C 30 23.26 7.12 0.94
N TRP C 31 22.92 6.46 2.09
CA TRP C 31 23.57 6.78 3.45
C TRP C 31 24.85 5.91 3.67
N LYS C 32 25.36 5.27 2.57
CA LYS C 32 26.61 4.41 2.59
C LYS C 32 27.36 4.73 1.28
N LYS C 33 26.69 4.40 0.14
CA LYS C 33 27.22 4.59 -1.28
C LYS C 33 28.36 3.59 -1.57
N VAL C 34 29.06 3.15 -0.49
CA VAL C 34 30.20 2.12 -0.53
C VAL C 34 29.98 1.14 0.66
N LEU C 35 30.16 -0.19 0.39
CA LEU C 35 30.00 -1.31 1.44
C LEU C 35 31.42 -1.58 2.04
N PRO C 36 31.60 -1.87 3.39
CA PRO C 36 33.01 -2.11 3.97
C PRO C 36 33.55 -3.50 3.53
N MET A 1 1.91 -27.80 -4.47
CA MET A 1 0.60 -27.37 -5.05
C MET A 1 -0.50 -27.41 -3.91
N PRO A 2 -0.45 -26.51 -2.87
CA PRO A 2 -1.52 -26.50 -1.73
C PRO A 2 -2.99 -26.49 -2.27
N GLY A 3 -3.84 -27.43 -1.79
CA GLY A 3 -5.29 -27.55 -2.19
C GLY A 3 -6.15 -26.45 -1.55
N SER A 4 -5.65 -25.19 -1.60
CA SER A 4 -6.36 -23.97 -1.02
C SER A 4 -5.66 -22.69 -1.52
N LEU A 5 -5.35 -22.70 -2.83
CA LEU A 5 -4.67 -21.52 -3.55
C LEU A 5 -5.58 -20.30 -3.64
N SER A 6 -6.87 -20.47 -3.26
CA SER A 6 -7.89 -19.35 -3.24
C SER A 6 -7.59 -18.36 -2.08
N GLY A 7 -7.12 -18.96 -0.96
CA GLY A 7 -6.80 -18.22 0.31
C GLY A 7 -5.77 -17.08 0.17
N ILE A 8 -4.60 -17.37 -0.50
CA ILE A 8 -3.49 -16.34 -0.69
C ILE A 8 -4.01 -15.12 -1.52
N ILE A 9 -4.90 -15.36 -2.52
CA ILE A 9 -5.46 -14.24 -3.41
C ILE A 9 -6.28 -13.22 -2.55
N ILE A 10 -7.01 -13.72 -1.51
CA ILE A 10 -7.85 -12.84 -0.59
C ILE A 10 -6.89 -11.99 0.30
N TYR A 11 -5.90 -12.69 0.89
CA TYR A 11 -4.88 -12.10 1.86
C TYR A 11 -3.88 -11.05 1.25
N VAL A 12 -3.35 -11.29 0.01
CA VAL A 12 -2.29 -10.35 -0.60
C VAL A 12 -2.80 -8.88 -0.71
N THR A 13 -4.11 -8.71 -0.96
CA THR A 13 -4.78 -7.34 -1.10
C THR A 13 -4.85 -6.65 0.30
N VAL A 14 -5.34 -7.42 1.30
CA VAL A 14 -5.49 -6.94 2.74
C VAL A 14 -4.09 -6.71 3.36
N ALA A 15 -3.08 -7.51 2.92
CA ALA A 15 -1.65 -7.45 3.43
C ALA A 15 -1.03 -6.03 3.22
N ALA A 16 -1.40 -5.36 2.09
CA ALA A 16 -0.85 -3.99 1.74
C ALA A 16 -1.40 -2.91 2.71
N VAL A 17 -2.67 -3.07 3.13
CA VAL A 17 -3.40 -2.07 4.05
C VAL A 17 -2.80 -2.11 5.50
N VAL A 18 -2.60 -3.32 6.09
CA VAL A 18 -2.05 -3.43 7.52
C VAL A 18 -0.63 -2.80 7.62
N LEU A 19 0.13 -2.89 6.50
CA LEU A 19 1.55 -2.35 6.38
C LEU A 19 1.62 -0.83 6.76
N ILE A 20 0.66 -0.02 6.21
CA ILE A 20 0.63 1.49 6.42
C ILE A 20 0.42 1.91 7.92
N VAL A 21 -0.66 1.40 8.54
CA VAL A 21 -1.05 1.73 9.99
C VAL A 21 -0.04 1.19 11.04
N ALA A 22 0.52 -0.02 10.78
CA ALA A 22 1.42 -0.75 11.76
C ALA A 22 2.69 0.06 12.20
N VAL A 23 3.24 0.94 11.33
CA VAL A 23 4.50 1.75 11.70
C VAL A 23 4.19 2.73 12.87
N PHE A 24 2.95 3.31 12.86
CA PHE A 24 2.49 4.31 13.93
C PHE A 24 2.33 3.60 15.30
N VAL A 25 2.00 2.27 15.29
CA VAL A 25 1.81 1.44 16.57
C VAL A 25 3.19 1.31 17.30
N CYS A 26 4.28 1.14 16.49
CA CYS A 26 5.70 1.01 17.02
C CYS A 26 6.17 2.35 17.67
N LYS A 27 5.93 3.47 16.95
CA LYS A 27 6.32 4.86 17.41
C LYS A 27 5.49 5.31 18.65
N SER A 28 4.17 5.01 18.64
CA SER A 28 3.22 5.37 19.77
C SER A 28 3.60 4.65 21.10
N LEU A 29 4.16 3.42 20.96
CA LEU A 29 4.58 2.54 22.14
C LEU A 29 5.81 3.15 22.87
N LEU A 30 6.77 3.73 22.08
CA LEU A 30 8.04 4.36 22.64
C LEU A 30 7.76 5.82 23.10
N TRP A 31 6.76 6.48 22.45
CA TRP A 31 6.31 7.91 22.81
C TRP A 31 5.21 7.84 23.89
N LYS A 32 4.93 6.62 24.41
CA LYS A 32 3.90 6.37 25.50
C LYS A 32 4.34 7.04 26.83
N LYS A 33 5.65 7.38 26.89
CA LYS A 33 6.31 8.03 28.11
C LYS A 33 6.48 7.00 29.25
N VAL A 34 5.96 5.76 29.03
CA VAL A 34 6.04 4.59 30.00
C VAL A 34 6.46 3.35 29.15
N LEU A 35 7.60 2.70 29.52
CA LEU A 35 8.18 1.47 28.82
C LEU A 35 8.51 0.40 29.94
N PRO A 36 8.30 -0.96 29.76
CA PRO A 36 8.63 -2.02 30.85
C PRO A 36 9.96 -1.76 31.64
N MET B 1 -26.34 -19.07 0.39
CA MET B 1 -27.28 -18.41 -0.57
C MET B 1 -27.19 -16.84 -0.46
N PRO B 2 -27.00 -16.18 0.73
CA PRO B 2 -26.96 -14.65 0.84
C PRO B 2 -25.51 -14.11 0.64
N GLY B 3 -24.51 -15.02 0.77
CA GLY B 3 -23.04 -14.68 0.63
C GLY B 3 -22.69 -14.29 -0.83
N SER B 4 -21.88 -13.21 -1.01
CA SER B 4 -21.44 -12.69 -2.37
C SER B 4 -20.32 -11.63 -2.15
N LEU B 5 -19.26 -12.06 -1.44
CA LEU B 5 -18.06 -11.19 -1.09
C LEU B 5 -17.18 -10.90 -2.35
N SER B 6 -17.68 -11.23 -3.56
CA SER B 6 -16.92 -10.99 -4.86
C SER B 6 -16.85 -9.48 -5.18
N GLY B 7 -17.80 -8.69 -4.61
CA GLY B 7 -17.88 -7.19 -4.82
C GLY B 7 -16.83 -6.39 -4.01
N ILE B 8 -16.76 -6.67 -2.67
CA ILE B 8 -15.84 -5.91 -1.71
C ILE B 8 -14.34 -6.16 -2.01
N ILE B 9 -13.95 -7.41 -2.35
CA ILE B 9 -12.47 -7.75 -2.64
C ILE B 9 -11.88 -6.81 -3.74
N ILE B 10 -12.72 -6.39 -4.74
CA ILE B 10 -12.26 -5.45 -5.87
C ILE B 10 -11.83 -4.06 -5.26
N TYR B 11 -12.64 -3.57 -4.30
CA TYR B 11 -12.44 -2.23 -3.62
C TYR B 11 -11.12 -2.16 -2.78
N VAL B 12 -10.72 -3.29 -2.14
CA VAL B 12 -9.45 -3.35 -1.26
C VAL B 12 -8.20 -2.93 -2.09
N THR B 13 -8.14 -3.41 -3.35
CA THR B 13 -6.96 -3.17 -4.29
C THR B 13 -6.86 -1.68 -4.67
N VAL B 14 -8.01 -1.08 -5.05
CA VAL B 14 -8.10 0.38 -5.47
C VAL B 14 -7.91 1.29 -4.22
N ALA B 15 -8.41 0.82 -3.04
CA ALA B 15 -8.33 1.60 -1.74
C ALA B 15 -6.85 1.80 -1.29
N ALA B 16 -5.99 0.79 -1.54
CA ALA B 16 -4.53 0.82 -1.12
C ALA B 16 -3.71 1.84 -1.95
N VAL B 17 -3.88 1.82 -3.29
CA VAL B 17 -3.10 2.71 -4.26
C VAL B 17 -3.48 4.21 -4.10
N VAL B 18 -4.80 4.53 -3.97
CA VAL B 18 -5.26 5.98 -3.85
C VAL B 18 -4.79 6.60 -2.50
N LEU B 19 -4.70 5.75 -1.42
CA LEU B 19 -4.28 6.20 -0.03
C LEU B 19 -2.85 6.85 -0.05
N ILE B 20 -1.92 6.23 -0.82
CA ILE B 20 -0.49 6.74 -0.96
C ILE B 20 -0.50 8.11 -1.74
N VAL B 21 -1.12 8.09 -2.91
CA VAL B 21 -1.24 9.25 -3.89
C VAL B 21 -2.08 10.43 -3.33
N ALA B 22 -3.15 10.15 -2.54
CA ALA B 22 -4.13 11.22 -2.06
C ALA B 22 -3.44 12.36 -1.25
N VAL B 23 -2.40 12.06 -0.43
CA VAL B 23 -1.70 13.14 0.40
C VAL B 23 -0.83 14.08 -0.49
N PHE B 24 -0.09 13.50 -1.49
CA PHE B 24 0.85 14.32 -2.39
C PHE B 24 0.06 15.33 -3.28
N VAL B 25 -1.10 14.91 -3.88
CA VAL B 25 -1.92 15.84 -4.78
C VAL B 25 -2.57 17.00 -3.94
N CYS B 26 -3.01 16.69 -2.69
CA CYS B 26 -3.67 17.71 -1.76
C CYS B 26 -2.64 18.80 -1.30
N LYS B 27 -1.45 18.36 -0.83
CA LYS B 27 -0.34 19.27 -0.31
C LYS B 27 0.19 20.21 -1.43
N SER B 28 0.11 19.76 -2.70
CA SER B 28 0.58 20.58 -3.89
C SER B 28 -0.26 21.89 -4.05
N LEU B 29 -1.49 21.88 -3.46
CA LEU B 29 -2.46 23.05 -3.49
C LEU B 29 -2.26 23.99 -2.27
N LEU B 30 -1.81 23.43 -1.10
CA LEU B 30 -1.61 24.23 0.19
C LEU B 30 -0.27 25.03 0.19
N TRP B 31 0.76 24.54 -0.55
CA TRP B 31 2.14 25.21 -0.63
C TRP B 31 2.28 26.05 -1.92
N LYS B 32 1.17 26.21 -2.70
CA LYS B 32 1.15 27.03 -4.00
C LYS B 32 -0.22 27.77 -4.13
N LYS B 33 -0.82 28.14 -2.97
CA LYS B 33 -2.14 28.93 -2.93
C LYS B 33 -2.30 29.57 -1.51
N VAL B 34 -2.34 28.70 -0.47
CA VAL B 34 -2.49 29.15 0.99
C VAL B 34 -1.08 29.54 1.51
N LEU B 35 -0.96 30.77 2.09
CA LEU B 35 0.33 31.35 2.66
C LEU B 35 0.37 31.03 4.20
N PRO B 36 1.55 30.70 4.85
CA PRO B 36 1.58 30.35 6.35
C PRO B 36 1.36 31.63 7.20
N MET C 1 -10.52 -5.37 -26.93
CA MET C 1 -9.49 -5.72 -27.95
C MET C 1 -8.31 -6.55 -27.31
N PRO C 2 -7.86 -6.33 -26.02
CA PRO C 2 -6.69 -7.13 -25.41
C PRO C 2 -7.21 -8.42 -24.70
N GLY C 3 -8.07 -9.15 -25.43
CA GLY C 3 -8.69 -10.45 -24.93
C GLY C 3 -9.68 -10.20 -23.78
N SER C 4 -9.14 -9.82 -22.60
CA SER C 4 -9.96 -9.54 -21.34
C SER C 4 -9.06 -8.81 -20.31
N LEU C 5 -9.70 -8.25 -19.25
CA LEU C 5 -8.99 -7.48 -18.13
C LEU C 5 -8.39 -8.46 -17.09
N SER C 6 -8.19 -9.74 -17.50
CA SER C 6 -7.62 -10.83 -16.61
C SER C 6 -6.14 -10.53 -16.25
N GLY C 7 -5.46 -9.75 -17.11
CA GLY C 7 -4.01 -9.39 -16.90
C GLY C 7 -3.82 -8.30 -15.81
N ILE C 8 -4.59 -7.19 -15.93
CA ILE C 8 -4.49 -6.00 -14.98
C ILE C 8 -4.97 -6.36 -13.54
N ILE C 9 -6.05 -7.22 -13.41
CA ILE C 9 -6.62 -7.60 -12.03
C ILE C 9 -5.56 -8.36 -11.17
N ILE C 10 -4.73 -9.22 -11.82
CA ILE C 10 -3.62 -9.99 -11.10
C ILE C 10 -2.48 -8.99 -10.67
N TYR C 11 -2.06 -8.15 -11.64
CA TYR C 11 -0.90 -7.16 -11.49
C TYR C 11 -1.15 -5.99 -10.48
N VAL C 12 -2.38 -5.40 -10.44
CA VAL C 12 -2.67 -4.18 -9.53
C VAL C 12 -2.37 -4.49 -8.03
N THR C 13 -2.70 -5.71 -7.58
CA THR C 13 -2.48 -6.18 -6.13
C THR C 13 -0.98 -6.21 -5.80
N VAL C 14 -0.18 -6.81 -6.73
CA VAL C 14 1.31 -6.96 -6.59
C VAL C 14 1.98 -5.55 -6.68
N ALA C 15 1.58 -4.77 -7.72
CA ALA C 15 2.13 -3.38 -7.99
C ALA C 15 2.02 -2.46 -6.72
N ALA C 16 0.94 -2.66 -5.92
CA ALA C 16 0.68 -1.85 -4.66
C ALA C 16 1.80 -2.09 -3.59
N VAL C 17 2.22 -3.38 -3.46
CA VAL C 17 3.30 -3.81 -2.46
C VAL C 17 4.68 -3.26 -2.93
N VAL C 18 4.93 -3.32 -4.26
CA VAL C 18 6.22 -2.83 -4.91
C VAL C 18 6.41 -1.30 -4.66
N LEU C 19 5.28 -0.56 -4.60
CA LEU C 19 5.29 0.96 -4.37
C LEU C 19 5.95 1.32 -2.99
N ILE C 20 5.51 0.59 -1.94
CA ILE C 20 5.96 0.84 -0.50
C ILE C 20 7.47 0.50 -0.26
N VAL C 21 7.89 -0.74 -0.59
CA VAL C 21 9.32 -1.24 -0.33
C VAL C 21 10.42 -0.52 -1.17
N ALA C 22 10.10 -0.18 -2.43
CA ALA C 22 11.09 0.42 -3.42
C ALA C 22 11.74 1.76 -2.95
N VAL C 23 11.03 2.61 -2.17
CA VAL C 23 11.61 3.95 -1.69
C VAL C 23 12.82 3.71 -0.74
N PHE C 24 12.72 2.66 0.13
CA PHE C 24 13.81 2.30 1.13
C PHE C 24 15.11 1.85 0.39
N VAL C 25 14.96 1.22 -0.80
CA VAL C 25 16.14 0.72 -1.65
C VAL C 25 16.98 1.95 -2.13
N CYS C 26 16.27 3.03 -2.55
CA CYS C 26 16.90 4.32 -3.06
C CYS C 26 17.68 5.04 -1.92
N LYS C 27 17.08 5.05 -0.69
CA LYS C 27 17.67 5.72 0.53
C LYS C 27 18.85 4.88 1.10
N SER C 28 18.67 3.55 1.15
CA SER C 28 19.74 2.58 1.69
C SER C 28 21.02 2.61 0.83
N LEU C 29 20.96 3.22 -0.38
CA LEU C 29 22.15 3.29 -1.32
C LEU C 29 23.17 4.36 -0.83
N LEU C 30 22.66 5.51 -0.27
CA LEU C 30 23.53 6.69 0.21
C LEU C 30 23.60 6.83 1.77
N TRP C 31 22.55 6.38 2.52
CA TRP C 31 22.48 6.52 4.06
C TRP C 31 23.11 5.30 4.79
N LYS C 32 23.44 4.20 4.07
CA LYS C 32 24.08 2.95 4.69
C LYS C 32 25.61 3.16 4.87
N LYS C 33 26.13 4.29 4.31
CA LYS C 33 27.59 4.70 4.41
C LYS C 33 28.54 3.70 3.69
N VAL C 34 27.96 2.66 3.05
CA VAL C 34 28.73 1.60 2.25
C VAL C 34 28.01 1.45 0.89
N LEU C 35 28.75 1.67 -0.24
CA LEU C 35 28.21 1.59 -1.66
C LEU C 35 28.58 0.19 -2.27
N PRO C 36 27.72 -0.53 -3.09
CA PRO C 36 28.12 -1.90 -3.70
C PRO C 36 29.58 -1.98 -4.26
N MET A 1 2.40 -28.09 4.21
CA MET A 1 1.46 -29.18 3.82
C MET A 1 0.57 -28.74 2.59
N PRO A 2 0.10 -27.44 2.43
CA PRO A 2 -0.79 -27.02 1.26
C PRO A 2 0.06 -26.56 0.05
N GLY A 3 -0.61 -25.96 -0.96
CA GLY A 3 0.06 -25.46 -2.23
C GLY A 3 -0.92 -24.69 -3.12
N SER A 4 -2.22 -24.64 -2.70
CA SER A 4 -3.33 -23.92 -3.47
C SER A 4 -3.07 -22.39 -3.46
N LEU A 5 -2.72 -21.81 -4.65
CA LEU A 5 -2.42 -20.32 -4.82
C LEU A 5 -3.68 -19.46 -4.59
N SER A 6 -4.85 -20.12 -4.34
CA SER A 6 -6.17 -19.41 -4.10
C SER A 6 -6.13 -18.54 -2.81
N GLY A 7 -5.51 -19.08 -1.76
CA GLY A 7 -5.39 -18.38 -0.42
C GLY A 7 -4.34 -17.26 -0.48
N ILE A 8 -3.27 -17.48 -1.29
CA ILE A 8 -2.11 -16.52 -1.46
C ILE A 8 -2.60 -15.19 -2.14
N ILE A 9 -3.35 -15.28 -3.26
CA ILE A 9 -3.87 -14.04 -4.02
C ILE A 9 -4.85 -13.21 -3.13
N ILE A 10 -5.65 -13.90 -2.25
CA ILE A 10 -6.62 -13.20 -1.30
C ILE A 10 -5.78 -12.46 -0.19
N TYR A 11 -4.71 -13.13 0.28
CA TYR A 11 -3.81 -12.63 1.42
C TYR A 11 -2.97 -11.35 1.09
N VAL A 12 -2.34 -11.26 -0.11
CA VAL A 12 -1.43 -10.06 -0.47
C VAL A 12 -2.19 -8.70 -0.37
N THR A 13 -3.48 -8.70 -0.78
CA THR A 13 -4.37 -7.47 -0.75
C THR A 13 -4.61 -6.99 0.70
N VAL A 14 -4.98 -7.94 1.59
CA VAL A 14 -5.26 -7.66 3.06
C VAL A 14 -3.93 -7.27 3.77
N ALA A 15 -2.85 -8.04 3.50
CA ALA A 15 -1.48 -7.80 4.12
C ALA A 15 -0.97 -6.36 3.83
N ALA A 16 -1.31 -5.82 2.62
CA ALA A 16 -0.88 -4.44 2.17
C ALA A 16 -1.51 -3.33 3.07
N VAL A 17 -2.82 -3.48 3.41
CA VAL A 17 -3.58 -2.49 4.28
C VAL A 17 -3.06 -2.57 5.75
N VAL A 18 -2.83 -3.81 6.24
CA VAL A 18 -2.32 -4.10 7.65
C VAL A 18 -0.88 -3.52 7.83
N LEU A 19 -0.07 -3.54 6.73
CA LEU A 19 1.36 -3.04 6.75
C LEU A 19 1.45 -1.50 7.01
N ILE A 20 0.54 -0.71 6.39
CA ILE A 20 0.54 0.81 6.51
C ILE A 20 0.10 1.28 7.94
N VAL A 21 -1.06 0.78 8.43
CA VAL A 21 -1.65 1.23 9.77
C VAL A 21 -0.79 0.80 11.00
N ALA A 22 -0.17 -0.41 10.95
CA ALA A 22 0.64 -1.00 12.11
C ALA A 22 1.85 -0.10 12.50
N VAL A 23 2.61 0.39 11.51
CA VAL A 23 3.81 1.31 11.74
C VAL A 23 3.31 2.71 12.16
N PHE A 24 2.13 3.12 11.61
CA PHE A 24 1.50 4.50 11.86
C PHE A 24 1.12 4.70 13.35
N VAL A 25 0.50 3.67 14.00
CA VAL A 25 0.07 3.75 15.48
C VAL A 25 1.32 3.79 16.41
N CYS A 26 2.42 3.11 15.98
CA CYS A 26 3.72 3.04 16.79
C CYS A 26 4.34 4.46 16.98
N LYS A 27 4.14 5.34 15.97
CA LYS A 27 4.67 6.77 15.97
C LYS A 27 3.97 7.61 17.06
N SER A 28 2.62 7.47 17.14
CA SER A 28 1.77 8.22 18.15
C SER A 28 2.13 7.74 19.59
N LEU A 29 2.33 6.42 19.71
CA LEU A 29 2.72 5.72 21.03
C LEU A 29 4.14 6.18 21.48
N LEU A 30 5.03 6.43 20.48
CA LEU A 30 6.47 6.87 20.73
C LEU A 30 6.51 8.39 21.03
N TRP A 31 5.46 9.13 20.60
CA TRP A 31 5.35 10.65 20.82
C TRP A 31 4.66 10.96 22.18
N LYS A 32 4.52 9.92 23.06
CA LYS A 32 3.92 10.05 24.47
C LYS A 32 4.97 9.58 25.52
N LYS A 33 6.23 9.35 25.05
CA LYS A 33 7.41 8.92 25.91
C LYS A 33 7.24 7.50 26.53
N VAL A 34 5.97 7.00 26.70
CA VAL A 34 5.70 5.63 27.31
C VAL A 34 5.82 4.56 26.18
N LEU A 35 6.73 3.55 26.39
CA LEU A 35 7.03 2.40 25.40
C LEU A 35 6.35 1.12 26.01
N PRO A 36 5.73 0.17 25.22
CA PRO A 36 5.06 -1.08 25.82
C PRO A 36 6.11 -2.08 26.36
N MET B 1 -30.88 -5.15 -8.50
CA MET B 1 -29.97 -5.58 -7.40
C MET B 1 -28.70 -4.64 -7.42
N PRO B 2 -28.81 -3.33 -7.03
CA PRO B 2 -27.60 -2.36 -7.03
C PRO B 2 -26.35 -2.93 -6.26
N GLY B 3 -25.20 -3.10 -6.97
CA GLY B 3 -23.91 -3.64 -6.37
C GLY B 3 -24.07 -5.11 -5.93
N SER B 4 -23.04 -5.64 -5.24
CA SER B 4 -23.01 -7.07 -4.72
C SER B 4 -21.84 -7.24 -3.73
N LEU B 5 -21.81 -8.41 -3.04
CA LEU B 5 -20.73 -8.79 -2.02
C LEU B 5 -19.38 -8.94 -2.73
N SER B 6 -19.43 -9.54 -3.93
CA SER B 6 -18.20 -9.78 -4.82
C SER B 6 -17.44 -8.45 -5.11
N GLY B 7 -18.14 -7.31 -4.92
CA GLY B 7 -17.57 -5.94 -5.13
C GLY B 7 -16.62 -5.55 -3.98
N ILE B 8 -16.79 -6.20 -2.79
CA ILE B 8 -15.94 -5.88 -1.54
C ILE B 8 -14.42 -6.20 -1.78
N ILE B 9 -14.12 -7.44 -2.27
CA ILE B 9 -12.68 -7.91 -2.52
C ILE B 9 -12.02 -7.06 -3.65
N ILE B 10 -12.81 -6.62 -4.66
CA ILE B 10 -12.28 -5.75 -5.81
C ILE B 10 -11.92 -4.33 -5.26
N TYR B 11 -12.76 -3.83 -4.32
CA TYR B 11 -12.63 -2.43 -3.72
C TYR B 11 -11.36 -2.21 -2.84
N VAL B 12 -11.01 -3.17 -1.93
CA VAL B 12 -9.81 -2.99 -0.98
C VAL B 12 -8.48 -2.75 -1.76
N THR B 13 -8.34 -3.39 -2.95
CA THR B 13 -7.11 -3.25 -3.85
C THR B 13 -6.96 -1.81 -4.37
N VAL B 14 -8.09 -1.25 -4.90
CA VAL B 14 -8.15 0.14 -5.49
C VAL B 14 -7.95 1.19 -4.36
N ALA B 15 -8.58 0.94 -3.20
CA ALA B 15 -8.50 1.87 -1.99
C ALA B 15 -7.04 1.94 -1.42
N ALA B 16 -6.31 0.79 -1.49
CA ALA B 16 -4.90 0.69 -0.93
C ALA B 16 -3.85 1.51 -1.74
N VAL B 17 -3.89 1.41 -3.10
CA VAL B 17 -2.86 2.12 -3.98
C VAL B 17 -3.05 3.68 -3.99
N VAL B 18 -4.33 4.17 -3.99
CA VAL B 18 -4.60 5.68 -4.01
C VAL B 18 -4.12 6.34 -2.68
N LEU B 19 -4.21 5.59 -1.55
CA LEU B 19 -3.84 6.09 -0.17
C LEU B 19 -2.37 6.66 -0.11
N ILE B 20 -1.43 6.05 -0.90
CA ILE B 20 0.04 6.49 -0.88
C ILE B 20 0.21 7.91 -1.54
N VAL B 21 -0.26 8.06 -2.80
CA VAL B 21 -0.15 9.36 -3.61
C VAL B 21 -1.01 10.52 -3.04
N ALA B 22 -2.20 10.16 -2.50
CA ALA B 22 -3.24 11.18 -2.00
C ALA B 22 -2.68 12.14 -0.91
N VAL B 23 -1.72 11.69 -0.05
CA VAL B 23 -1.15 12.59 1.06
C VAL B 23 -0.52 13.88 0.46
N PHE B 24 0.13 13.73 -0.74
CA PHE B 24 0.80 14.90 -1.47
C PHE B 24 -0.29 15.85 -2.06
N VAL B 25 -1.43 15.25 -2.52
CA VAL B 25 -2.60 16.03 -3.13
C VAL B 25 -3.28 16.88 -2.02
N CYS B 26 -3.34 16.32 -0.79
CA CYS B 26 -3.96 17.00 0.42
C CYS B 26 -3.10 18.23 0.84
N LYS B 27 -1.76 18.05 0.82
CA LYS B 27 -0.74 19.12 1.20
C LYS B 27 -0.68 20.23 0.12
N SER B 28 -0.82 19.83 -1.17
CA SER B 28 -0.76 20.79 -2.35
C SER B 28 -1.93 21.81 -2.31
N LEU B 29 -2.99 21.50 -1.52
CA LEU B 29 -4.23 22.40 -1.39
C LEU B 29 -3.97 23.51 -0.33
N LEU B 30 -3.25 23.16 0.77
CA LEU B 30 -2.92 24.11 1.92
C LEU B 30 -1.63 24.91 1.62
N TRP B 31 -0.78 24.37 0.70
CA TRP B 31 0.55 25.01 0.25
C TRP B 31 0.44 25.41 -1.25
N LYS B 32 -0.81 25.43 -1.79
CA LYS B 32 -1.10 25.81 -3.25
C LYS B 32 -0.54 27.24 -3.51
N LYS B 33 -0.80 28.12 -2.51
CA LYS B 33 -0.34 29.58 -2.49
C LYS B 33 -0.90 30.24 -1.20
N VAL B 34 -2.12 29.82 -0.78
CA VAL B 34 -2.84 30.36 0.45
C VAL B 34 -2.34 29.60 1.70
N LEU B 35 -1.90 30.35 2.76
CA LEU B 35 -1.37 29.76 4.07
C LEU B 35 -2.57 29.70 5.07
N PRO B 36 -2.75 28.65 5.95
CA PRO B 36 -3.95 28.59 6.92
C PRO B 36 -3.77 29.61 8.07
N MET C 1 -14.33 -9.62 -26.80
CA MET C 1 -13.37 -9.64 -27.94
C MET C 1 -12.17 -8.64 -27.69
N PRO C 2 -12.34 -7.42 -27.04
CA PRO C 2 -11.18 -6.44 -26.80
C PRO C 2 -10.46 -6.74 -25.46
N GLY C 3 -9.77 -7.91 -25.40
CA GLY C 3 -9.01 -8.37 -24.17
C GLY C 3 -9.97 -8.70 -23.01
N SER C 4 -9.50 -8.50 -21.74
CA SER C 4 -10.31 -8.77 -20.49
C SER C 4 -9.64 -8.07 -19.28
N LEU C 5 -10.46 -7.56 -18.32
CA LEU C 5 -9.96 -6.84 -17.07
C LEU C 5 -9.35 -7.84 -16.08
N SER C 6 -9.38 -9.15 -16.42
CA SER C 6 -8.82 -10.24 -15.53
C SER C 6 -7.29 -10.14 -15.44
N GLY C 7 -6.65 -9.55 -16.47
CA GLY C 7 -5.14 -9.38 -16.51
C GLY C 7 -4.62 -8.24 -15.59
N ILE C 8 -5.22 -7.01 -15.74
CA ILE C 8 -4.77 -5.78 -14.96
C ILE C 8 -5.05 -5.89 -13.44
N ILE C 9 -6.25 -6.45 -13.07
CA ILE C 9 -6.66 -6.56 -11.59
C ILE C 9 -5.57 -7.31 -10.73
N ILE C 10 -4.85 -8.31 -11.33
CA ILE C 10 -3.76 -9.09 -10.57
C ILE C 10 -2.55 -8.15 -10.28
N TYR C 11 -2.19 -7.33 -11.31
CA TYR C 11 -1.00 -6.39 -11.29
C TYR C 11 -1.08 -5.24 -10.24
N VAL C 12 -2.26 -4.55 -10.11
CA VAL C 12 -2.39 -3.34 -9.15
C VAL C 12 -2.04 -3.73 -7.67
N THR C 13 -2.41 -4.99 -7.27
CA THR C 13 -2.14 -5.55 -5.87
C THR C 13 -0.62 -5.62 -5.60
N VAL C 14 0.11 -6.20 -6.58
CA VAL C 14 1.62 -6.39 -6.50
C VAL C 14 2.31 -5.00 -6.55
N ALA C 15 1.91 -4.16 -7.54
CA ALA C 15 2.50 -2.77 -7.74
C ALA C 15 2.45 -1.92 -6.43
N ALA C 16 1.35 -2.09 -5.64
CA ALA C 16 1.15 -1.33 -4.33
C ALA C 16 2.24 -1.68 -3.28
N VAL C 17 2.55 -2.99 -3.15
CA VAL C 17 3.60 -3.52 -2.16
C VAL C 17 5.02 -3.10 -2.64
N VAL C 18 5.27 -3.21 -3.97
CA VAL C 18 6.60 -2.83 -4.60
C VAL C 18 6.87 -1.30 -4.39
N LEU C 19 5.79 -0.49 -4.38
CA LEU C 19 5.90 1.04 -4.18
C LEU C 19 6.64 1.36 -2.85
N ILE C 20 6.23 0.66 -1.76
CA ILE C 20 6.81 0.84 -0.37
C ILE C 20 8.29 0.29 -0.33
N VAL C 21 8.48 -0.96 -0.77
CA VAL C 21 9.82 -1.69 -0.78
C VAL C 21 10.87 -1.05 -1.74
N ALA C 22 10.43 -0.52 -2.91
CA ALA C 22 11.39 -0.01 -3.98
C ALA C 22 12.34 1.12 -3.48
N VAL C 23 11.86 2.05 -2.62
CA VAL C 23 12.73 3.19 -2.09
C VAL C 23 13.79 2.69 -1.05
N PHE C 24 13.41 1.69 -0.17
CA PHE C 24 14.36 1.16 0.90
C PHE C 24 15.54 0.35 0.29
N VAL C 25 15.26 -0.53 -0.73
CA VAL C 25 16.36 -1.37 -1.39
C VAL C 25 17.32 -0.46 -2.20
N CYS C 26 16.77 0.64 -2.77
CA CYS C 26 17.56 1.65 -3.60
C CYS C 26 18.57 2.42 -2.70
N LYS C 27 18.13 2.75 -1.47
CA LYS C 27 18.93 3.52 -0.44
C LYS C 27 20.14 2.70 0.08
N SER C 28 20.03 1.35 0.04
CA SER C 28 21.14 0.41 0.52
C SER C 28 22.42 0.59 -0.34
N LEU C 29 22.22 0.99 -1.62
CA LEU C 29 23.33 1.24 -2.64
C LEU C 29 23.79 2.72 -2.60
N LEU C 30 23.00 3.63 -1.94
CA LEU C 30 23.33 5.14 -1.91
C LEU C 30 24.41 5.45 -0.85
N TRP C 31 24.51 4.65 0.26
CA TRP C 31 25.56 4.86 1.38
C TRP C 31 26.66 3.76 1.35
N LYS C 32 26.57 2.82 0.38
CA LYS C 32 27.61 1.70 0.21
C LYS C 32 28.88 2.31 -0.45
N LYS C 33 28.64 3.17 -1.46
CA LYS C 33 29.72 3.89 -2.24
C LYS C 33 30.38 4.98 -1.35
N VAL C 34 29.53 5.90 -0.84
CA VAL C 34 29.97 7.04 0.08
C VAL C 34 29.75 6.55 1.54
N LEU C 35 30.83 6.53 2.37
CA LEU C 35 30.81 6.08 3.83
C LEU C 35 30.76 7.39 4.70
N PRO C 36 30.01 7.48 5.86
CA PRO C 36 29.96 8.77 6.70
C PRO C 36 31.29 8.95 7.49
N MET A 1 -0.29 -28.26 -5.83
CA MET A 1 -1.46 -28.08 -4.91
C MET A 1 -1.33 -29.16 -3.76
N PRO A 2 -0.30 -29.07 -2.85
CA PRO A 2 -0.13 -30.10 -1.72
C PRO A 2 -1.10 -29.81 -0.55
N GLY A 3 -1.59 -28.54 -0.49
CA GLY A 3 -2.56 -28.06 0.57
C GLY A 3 -2.86 -26.56 0.35
N SER A 4 -4.11 -26.22 -0.06
CA SER A 4 -4.59 -24.81 -0.34
C SER A 4 -3.75 -24.12 -1.46
N LEU A 5 -4.34 -23.09 -2.12
CA LEU A 5 -3.67 -22.31 -3.26
C LEU A 5 -4.49 -21.02 -3.48
N SER A 6 -5.80 -21.20 -3.69
CA SER A 6 -6.81 -20.08 -3.93
C SER A 6 -6.77 -19.04 -2.77
N GLY A 7 -6.25 -19.47 -1.61
CA GLY A 7 -6.11 -18.61 -0.38
C GLY A 7 -4.95 -17.60 -0.54
N ILE A 8 -3.93 -17.95 -1.37
CA ILE A 8 -2.68 -17.08 -1.60
C ILE A 8 -3.06 -15.68 -2.21
N ILE A 9 -3.88 -15.68 -3.29
CA ILE A 9 -4.31 -14.38 -4.00
C ILE A 9 -5.22 -13.52 -3.07
N ILE A 10 -6.07 -14.17 -2.22
CA ILE A 10 -6.98 -13.43 -1.24
C ILE A 10 -6.10 -12.76 -0.12
N TYR A 11 -5.05 -13.50 0.31
CA TYR A 11 -4.11 -13.06 1.44
C TYR A 11 -3.30 -11.77 1.14
N VAL A 12 -2.64 -11.66 -0.04
CA VAL A 12 -1.74 -10.45 -0.37
C VAL A 12 -2.52 -9.09 -0.31
N THR A 13 -3.81 -9.08 -0.72
CA THR A 13 -4.66 -7.81 -0.74
C THR A 13 -4.95 -7.26 0.69
N VAL A 14 -5.43 -8.16 1.61
CA VAL A 14 -5.76 -7.74 3.04
C VAL A 14 -4.45 -7.46 3.83
N ALA A 15 -3.38 -8.22 3.49
CA ALA A 15 -2.02 -8.07 4.18
C ALA A 15 -1.41 -6.66 3.94
N ALA A 16 -1.66 -6.10 2.74
CA ALA A 16 -1.10 -4.73 2.33
C ALA A 16 -1.72 -3.58 3.18
N VAL A 17 -3.03 -3.70 3.48
CA VAL A 17 -3.80 -2.63 4.27
C VAL A 17 -3.34 -2.59 5.76
N VAL A 18 -3.19 -3.76 6.43
CA VAL A 18 -2.76 -3.79 7.90
C VAL A 18 -1.31 -3.29 8.06
N LEU A 19 -0.47 -3.57 7.04
CA LEU A 19 1.02 -3.21 7.05
C LEU A 19 1.27 -1.68 7.15
N ILE A 20 0.57 -0.86 6.30
CA ILE A 20 0.78 0.65 6.27
C ILE A 20 0.23 1.39 7.55
N VAL A 21 -0.99 1.04 8.03
CA VAL A 21 -1.62 1.73 9.27
C VAL A 21 -0.84 1.41 10.58
N ALA A 22 -0.33 0.15 10.69
CA ALA A 22 0.34 -0.39 11.94
C ALA A 22 1.57 0.43 12.42
N VAL A 23 2.33 1.07 11.49
CA VAL A 23 3.59 1.85 11.87
C VAL A 23 3.23 3.17 12.64
N PHE A 24 2.13 3.86 12.23
CA PHE A 24 1.72 5.19 12.88
C PHE A 24 1.30 5.02 14.38
N VAL A 25 0.50 3.95 14.70
CA VAL A 25 0.05 3.67 16.14
C VAL A 25 1.27 3.23 17.00
N CYS A 26 2.24 2.52 16.36
CA CYS A 26 3.49 2.00 17.05
C CYS A 26 4.39 3.18 17.53
N LYS A 27 4.60 4.16 16.62
CA LYS A 27 5.47 5.39 16.89
C LYS A 27 4.80 6.33 17.93
N SER A 28 3.45 6.41 17.91
CA SER A 28 2.66 7.31 18.85
C SER A 28 2.81 6.86 20.34
N LEU A 29 2.91 5.52 20.55
CA LEU A 29 3.05 4.89 21.93
C LEU A 29 4.56 4.77 22.36
N LEU A 30 5.51 4.83 21.39
CA LEU A 30 7.01 4.72 21.68
C LEU A 30 7.57 6.07 22.18
N TRP A 31 6.94 7.20 21.75
CA TRP A 31 7.33 8.63 22.14
C TRP A 31 6.38 9.16 23.25
N LYS A 32 5.55 8.27 23.83
CA LYS A 32 4.58 8.60 24.96
C LYS A 32 5.32 8.45 26.31
N LYS A 33 6.43 7.64 26.29
CA LYS A 33 7.30 7.37 27.50
C LYS A 33 8.01 8.69 27.92
N VAL A 34 8.51 9.40 26.88
CA VAL A 34 9.22 10.75 27.01
C VAL A 34 8.66 11.67 25.89
N LEU A 35 8.15 12.88 26.27
CA LEU A 35 7.54 13.90 25.30
C LEU A 35 8.68 14.93 24.93
N PRO A 36 8.82 15.45 23.65
CA PRO A 36 9.93 16.48 23.29
C PRO A 36 10.18 17.59 24.37
N MET B 1 -28.21 -17.00 0.45
CA MET B 1 -27.39 -15.76 0.60
C MET B 1 -26.06 -16.17 1.34
N PRO B 2 -25.09 -16.91 0.68
CA PRO B 2 -23.77 -17.33 1.35
C PRO B 2 -23.01 -16.15 2.05
N GLY B 3 -22.80 -15.05 1.26
CA GLY B 3 -22.09 -13.81 1.75
C GLY B 3 -21.90 -12.81 0.59
N SER B 4 -22.68 -11.69 0.60
CA SER B 4 -22.60 -10.61 -0.47
C SER B 4 -21.32 -9.74 -0.24
N LEU B 5 -20.36 -9.78 -1.21
CA LEU B 5 -19.06 -8.98 -1.12
C LEU B 5 -18.33 -9.00 -2.50
N SER B 6 -19.07 -9.27 -3.61
CA SER B 6 -18.49 -9.32 -5.01
C SER B 6 -17.93 -7.94 -5.44
N GLY B 7 -18.60 -6.87 -4.98
CA GLY B 7 -18.18 -5.44 -5.27
C GLY B 7 -16.97 -5.03 -4.42
N ILE B 8 -17.00 -5.46 -3.14
CA ILE B 8 -15.96 -5.12 -2.09
C ILE B 8 -14.55 -5.70 -2.46
N ILE B 9 -14.47 -6.99 -2.90
CA ILE B 9 -13.13 -7.64 -3.29
C ILE B 9 -12.41 -6.77 -4.39
N ILE B 10 -13.20 -6.12 -5.28
CA ILE B 10 -12.64 -5.22 -6.39
C ILE B 10 -12.02 -3.92 -5.73
N TYR B 11 -12.81 -3.34 -4.80
CA TYR B 11 -12.50 -2.04 -4.08
C TYR B 11 -11.27 -2.08 -3.10
N VAL B 12 -11.11 -3.17 -2.28
CA VAL B 12 -9.99 -3.24 -1.22
C VAL B 12 -8.58 -3.06 -1.86
N THR B 13 -8.39 -3.66 -3.06
CA THR B 13 -7.08 -3.60 -3.83
C THR B 13 -6.73 -2.14 -4.25
N VAL B 14 -7.75 -1.45 -4.82
CA VAL B 14 -7.62 -0.02 -5.31
C VAL B 14 -7.46 0.92 -4.07
N ALA B 15 -8.32 0.69 -3.04
CA ALA B 15 -8.31 1.53 -1.76
C ALA B 15 -6.88 1.59 -1.13
N ALA B 16 -6.11 0.47 -1.24
CA ALA B 16 -4.71 0.38 -0.66
C ALA B 16 -3.75 1.44 -1.29
N VAL B 17 -3.87 1.60 -2.63
CA VAL B 17 -3.02 2.60 -3.43
C VAL B 17 -3.44 4.06 -3.08
N VAL B 18 -4.76 4.28 -2.90
CA VAL B 18 -5.35 5.65 -2.55
C VAL B 18 -4.75 6.21 -1.23
N LEU B 19 -4.41 5.32 -0.24
CA LEU B 19 -3.80 5.78 1.10
C LEU B 19 -2.46 6.55 0.83
N ILE B 20 -1.62 6.00 -0.07
CA ILE B 20 -0.27 6.59 -0.45
C ILE B 20 -0.48 7.91 -1.26
N VAL B 21 -1.26 7.81 -2.36
CA VAL B 21 -1.52 8.95 -3.34
C VAL B 21 -2.34 10.13 -2.70
N ALA B 22 -3.34 9.82 -1.83
CA ALA B 22 -4.25 10.91 -1.21
C ALA B 22 -3.45 11.98 -0.41
N VAL B 23 -2.49 11.54 0.43
CA VAL B 23 -1.62 12.48 1.25
C VAL B 23 -0.59 13.19 0.32
N PHE B 24 -0.13 12.46 -0.73
CA PHE B 24 0.92 12.98 -1.72
C PHE B 24 0.41 14.20 -2.53
N VAL B 25 -0.86 14.15 -3.04
CA VAL B 25 -1.46 15.30 -3.86
C VAL B 25 -1.71 16.55 -2.94
N CYS B 26 -2.12 16.28 -1.68
CA CYS B 26 -2.41 17.37 -0.65
C CYS B 26 -1.10 18.13 -0.26
N LYS B 27 0.00 17.35 -0.12
CA LYS B 27 1.37 17.89 0.28
C LYS B 27 2.01 18.71 -0.88
N SER B 28 1.69 18.35 -2.14
CA SER B 28 2.27 19.04 -3.37
C SER B 28 1.60 20.42 -3.58
N LEU B 29 0.27 20.46 -3.42
CA LEU B 29 -0.58 21.72 -3.63
C LEU B 29 -0.46 22.71 -2.41
N LEU B 30 -0.26 22.17 -1.18
CA LEU B 30 -0.20 23.01 0.11
C LEU B 30 1.21 23.66 0.30
N TRP B 31 2.28 23.02 -0.24
CA TRP B 31 3.73 23.55 -0.13
C TRP B 31 4.08 24.45 -1.36
N LYS B 32 3.10 24.65 -2.30
CA LYS B 32 3.29 25.51 -3.57
C LYS B 32 2.54 26.87 -3.38
N LYS B 33 1.63 26.91 -2.36
CA LYS B 33 0.80 28.13 -2.02
C LYS B 33 -0.16 28.52 -3.18
N VAL B 34 -0.94 27.50 -3.63
CA VAL B 34 -2.01 27.63 -4.72
C VAL B 34 -3.27 26.94 -4.15
N LEU B 35 -4.41 27.70 -4.06
CA LEU B 35 -5.76 27.22 -3.53
C LEU B 35 -6.83 27.60 -4.64
N PRO B 36 -7.89 26.77 -4.94
CA PRO B 36 -8.91 27.14 -6.04
C PRO B 36 -9.81 28.31 -5.59
N MET C 1 -10.22 -10.86 -30.29
CA MET C 1 -10.14 -12.31 -29.91
C MET C 1 -10.21 -12.39 -28.34
N PRO C 2 -10.57 -13.55 -27.69
CA PRO C 2 -10.63 -13.63 -26.14
C PRO C 2 -9.31 -13.17 -25.45
N GLY C 3 -9.43 -12.62 -24.21
CA GLY C 3 -8.25 -12.11 -23.39
C GLY C 3 -8.74 -11.39 -22.14
N SER C 4 -9.71 -10.47 -22.35
CA SER C 4 -10.36 -9.62 -21.26
C SER C 4 -9.31 -8.75 -20.48
N LEU C 5 -9.81 -7.68 -19.82
CA LEU C 5 -8.96 -6.71 -18.98
C LEU C 5 -8.69 -7.32 -17.59
N SER C 6 -9.01 -8.63 -17.43
CA SER C 6 -8.79 -9.39 -16.13
C SER C 6 -7.29 -9.44 -15.76
N GLY C 7 -6.45 -9.21 -16.80
CA GLY C 7 -4.95 -9.23 -16.67
C GLY C 7 -4.39 -8.19 -15.69
N ILE C 8 -4.89 -6.90 -15.78
CA ILE C 8 -4.38 -5.79 -14.85
C ILE C 8 -4.77 -6.06 -13.37
N ILE C 9 -5.98 -6.66 -13.17
CA ILE C 9 -6.52 -6.98 -11.77
C ILE C 9 -5.47 -7.83 -10.97
N ILE C 10 -4.74 -8.70 -11.70
CA ILE C 10 -3.65 -9.59 -11.08
C ILE C 10 -2.44 -8.69 -10.65
N TYR C 11 -2.07 -7.75 -11.57
CA TYR C 11 -0.87 -6.80 -11.41
C TYR C 11 -1.03 -5.73 -10.27
N VAL C 12 -2.22 -5.06 -10.15
CA VAL C 12 -2.40 -3.93 -9.13
C VAL C 12 -2.13 -4.39 -7.65
N THR C 13 -2.48 -5.65 -7.30
CA THR C 13 -2.31 -6.21 -5.89
C THR C 13 -0.81 -6.34 -5.51
N VAL C 14 0.00 -6.98 -6.40
CA VAL C 14 1.49 -7.19 -6.14
C VAL C 14 2.24 -5.84 -6.26
N ALA C 15 1.82 -4.98 -7.24
CA ALA C 15 2.47 -3.63 -7.48
C ALA C 15 2.39 -2.73 -6.20
N ALA C 16 1.26 -2.86 -5.44
CA ALA C 16 1.03 -2.05 -4.17
C ALA C 16 2.12 -2.33 -3.09
N VAL C 17 2.45 -3.63 -2.88
CA VAL C 17 3.48 -4.09 -1.85
C VAL C 17 4.91 -3.67 -2.31
N VAL C 18 5.18 -3.86 -3.62
CA VAL C 18 6.53 -3.51 -4.26
C VAL C 18 6.76 -1.98 -4.21
N LEU C 19 5.67 -1.17 -4.31
CA LEU C 19 5.77 0.35 -4.32
C LEU C 19 6.31 0.90 -2.96
N ILE C 20 5.91 0.27 -1.83
CA ILE C 20 6.33 0.74 -0.43
C ILE C 20 7.87 0.48 -0.16
N VAL C 21 8.32 -0.77 -0.34
CA VAL C 21 9.77 -1.20 -0.06
C VAL C 21 10.81 -0.55 -1.03
N ALA C 22 10.43 -0.40 -2.32
CA ALA C 22 11.37 0.09 -3.43
C ALA C 22 11.99 1.50 -3.16
N VAL C 23 11.28 2.42 -2.45
CA VAL C 23 11.85 3.83 -2.18
C VAL C 23 13.09 3.75 -1.23
N PHE C 24 13.06 2.80 -0.25
CA PHE C 24 14.20 2.60 0.75
C PHE C 24 15.49 2.10 0.03
N VAL C 25 15.31 1.34 -1.09
CA VAL C 25 16.47 0.79 -1.92
C VAL C 25 17.21 1.98 -2.63
N CYS C 26 16.40 2.94 -3.15
CA CYS C 26 16.94 4.17 -3.88
C CYS C 26 17.73 5.11 -2.90
N LYS C 27 17.10 5.40 -1.73
CA LYS C 27 17.69 6.31 -0.66
C LYS C 27 19.00 5.73 -0.05
N SER C 28 19.16 4.38 -0.11
CA SER C 28 20.40 3.68 0.44
C SER C 28 21.67 4.11 -0.34
N LEU C 29 21.53 4.22 -1.67
CA LEU C 29 22.63 4.62 -2.63
C LEU C 29 22.96 6.13 -2.49
N LEU C 30 21.92 6.97 -2.22
CA LEU C 30 22.08 8.49 -2.09
C LEU C 30 22.62 8.86 -0.68
N TRP C 31 22.45 7.94 0.32
CA TRP C 31 22.95 8.19 1.76
C TRP C 31 24.42 7.67 1.88
N LYS C 32 24.84 6.83 0.92
CA LYS C 32 26.25 6.27 0.83
C LYS C 32 26.67 5.45 2.09
N LYS C 33 25.71 5.22 3.03
CA LYS C 33 25.96 4.42 4.30
C LYS C 33 26.08 2.91 3.94
N VAL C 34 25.24 2.46 2.97
CA VAL C 34 25.18 1.03 2.47
C VAL C 34 25.09 1.07 0.91
N LEU C 35 26.05 0.39 0.22
CA LEU C 35 26.14 0.31 -1.30
C LEU C 35 25.61 -1.10 -1.76
N PRO C 36 24.84 -1.27 -2.89
CA PRO C 36 24.33 -2.66 -3.32
C PRO C 36 25.47 -3.53 -3.88
N MET A 1 -0.07 -34.40 -4.74
CA MET A 1 0.87 -33.36 -5.25
C MET A 1 0.10 -32.01 -5.49
N PRO A 2 -0.72 -31.49 -4.52
CA PRO A 2 -1.47 -30.15 -4.70
C PRO A 2 -0.48 -28.96 -4.60
N GLY A 3 -0.87 -27.78 -5.15
CA GLY A 3 -0.02 -26.52 -5.12
C GLY A 3 0.06 -25.97 -3.68
N SER A 4 -1.10 -25.96 -3.00
CA SER A 4 -1.25 -25.46 -1.57
C SER A 4 -0.76 -23.98 -1.41
N LEU A 5 -1.62 -23.02 -1.85
CA LEU A 5 -1.33 -21.52 -1.78
C LEU A 5 -2.63 -20.70 -1.91
N SER A 6 -3.78 -21.35 -1.61
CA SER A 6 -5.16 -20.71 -1.71
C SER A 6 -5.35 -19.66 -0.60
N GLY A 7 -4.64 -19.85 0.53
CA GLY A 7 -4.71 -18.91 1.72
C GLY A 7 -3.93 -17.60 1.49
N ILE A 8 -2.65 -17.73 1.04
CA ILE A 8 -1.73 -16.52 0.84
C ILE A 8 -2.19 -15.57 -0.30
N ILE A 9 -2.75 -16.13 -1.42
CA ILE A 9 -3.22 -15.27 -2.61
C ILE A 9 -4.32 -14.26 -2.14
N ILE A 10 -5.18 -14.67 -1.16
CA ILE A 10 -6.27 -13.75 -0.60
C ILE A 10 -5.59 -12.61 0.26
N TYR A 11 -4.58 -13.02 1.06
CA TYR A 11 -3.85 -12.12 2.06
C TYR A 11 -3.05 -10.93 1.44
N VAL A 12 -2.51 -11.04 0.19
CA VAL A 12 -1.62 -9.95 -0.41
C VAL A 12 -2.30 -8.54 -0.48
N THR A 13 -3.59 -8.48 -0.91
CA THR A 13 -4.36 -7.17 -1.07
C THR A 13 -4.54 -6.42 0.28
N VAL A 14 -5.01 -7.15 1.32
CA VAL A 14 -5.23 -6.56 2.70
C VAL A 14 -3.88 -6.27 3.39
N ALA A 15 -2.86 -7.16 3.18
CA ALA A 15 -1.46 -6.98 3.81
C ALA A 15 -0.84 -5.61 3.44
N ALA A 16 -1.07 -5.14 2.18
CA ALA A 16 -0.53 -3.81 1.68
C ALA A 16 -1.08 -2.61 2.51
N VAL A 17 -2.41 -2.63 2.79
CA VAL A 17 -3.12 -1.53 3.57
C VAL A 17 -2.69 -1.58 5.07
N VAL A 18 -2.60 -2.82 5.64
CA VAL A 18 -2.19 -3.04 7.09
C VAL A 18 -0.73 -2.58 7.32
N LEU A 19 0.14 -2.73 6.28
CA LEU A 19 1.62 -2.34 6.38
C LEU A 19 1.81 -0.81 6.62
N ILE A 20 0.97 0.02 5.95
CA ILE A 20 1.08 1.55 6.05
C ILE A 20 0.64 2.06 7.46
N VAL A 21 -0.59 1.72 7.91
CA VAL A 21 -1.18 2.20 9.24
C VAL A 21 -0.45 1.63 10.50
N ALA A 22 -0.02 0.34 10.44
CA ALA A 22 0.61 -0.40 11.63
C ALA A 22 1.90 0.28 12.19
N VAL A 23 2.76 0.80 11.29
CA VAL A 23 4.07 1.47 11.69
C VAL A 23 3.84 2.85 12.37
N PHE A 24 2.79 3.64 11.95
CA PHE A 24 2.54 5.03 12.58
C PHE A 24 1.98 4.90 14.04
N VAL A 25 1.02 3.96 14.27
CA VAL A 25 0.38 3.79 15.66
C VAL A 25 1.38 3.24 16.72
N CYS A 26 2.37 2.40 16.30
CA CYS A 26 3.38 1.79 17.28
C CYS A 26 4.32 2.89 17.87
N LYS A 27 4.70 3.88 17.01
CA LYS A 27 5.64 5.02 17.40
C LYS A 27 4.97 5.96 18.44
N SER A 28 3.63 6.04 18.44
CA SER A 28 2.85 6.94 19.40
C SER A 28 2.88 6.38 20.84
N LEU A 29 3.24 5.07 21.00
CA LEU A 29 3.27 4.36 22.35
C LEU A 29 4.67 4.45 23.04
N LEU A 30 5.78 4.38 22.25
CA LEU A 30 7.23 4.40 22.81
C LEU A 30 7.71 5.86 23.01
N TRP A 31 7.19 6.84 22.22
CA TRP A 31 7.58 8.33 22.33
C TRP A 31 6.50 9.10 23.16
N LYS A 32 5.32 8.47 23.31
CA LYS A 32 4.13 8.99 24.10
C LYS A 32 3.62 10.35 23.55
N LYS A 33 3.61 10.46 22.21
CA LYS A 33 3.11 11.68 21.45
C LYS A 33 3.90 12.96 21.79
N VAL A 34 5.02 12.81 22.55
CA VAL A 34 5.95 13.97 22.95
C VAL A 34 7.39 13.64 22.46
N LEU A 35 7.97 14.56 21.62
CA LEU A 35 9.34 14.43 21.00
C LEU A 35 10.34 15.23 21.92
N PRO A 36 11.36 14.64 22.64
CA PRO A 36 12.36 15.45 23.49
C PRO A 36 12.96 16.70 22.78
N MET B 1 -25.43 -15.01 2.41
CA MET B 1 -25.36 -15.26 0.94
C MET B 1 -24.39 -14.20 0.31
N PRO B 2 -23.63 -14.48 -0.80
CA PRO B 2 -22.66 -13.45 -1.41
C PRO B 2 -23.46 -12.33 -2.14
N GLY B 3 -24.17 -11.51 -1.34
CA GLY B 3 -25.02 -10.35 -1.84
C GLY B 3 -24.13 -9.22 -2.40
N SER B 4 -23.72 -9.36 -3.69
CA SER B 4 -22.83 -8.35 -4.42
C SER B 4 -21.47 -8.16 -3.70
N LEU B 5 -21.03 -9.26 -3.05
CA LEU B 5 -19.72 -9.33 -2.28
C LEU B 5 -18.51 -9.38 -3.26
N SER B 6 -18.80 -9.72 -4.54
CA SER B 6 -17.74 -9.84 -5.63
C SER B 6 -17.10 -8.46 -5.93
N GLY B 7 -17.95 -7.42 -5.93
CA GLY B 7 -17.54 -5.99 -6.22
C GLY B 7 -16.60 -5.43 -5.14
N ILE B 8 -16.80 -5.89 -3.88
CA ILE B 8 -15.99 -5.45 -2.67
C ILE B 8 -14.50 -5.90 -2.80
N ILE B 9 -14.27 -7.12 -3.37
CA ILE B 9 -12.87 -7.70 -3.56
C ILE B 9 -12.08 -6.86 -4.62
N ILE B 10 -12.78 -6.38 -5.68
CA ILE B 10 -12.14 -5.53 -6.77
C ILE B 10 -11.74 -4.13 -6.19
N TYR B 11 -12.63 -3.62 -5.31
CA TYR B 11 -12.50 -2.23 -4.67
C TYR B 11 -11.27 -2.07 -3.72
N VAL B 12 -11.01 -3.04 -2.80
CA VAL B 12 -9.86 -2.91 -1.79
C VAL B 12 -8.46 -2.74 -2.48
N THR B 13 -8.31 -3.33 -3.70
CA THR B 13 -7.00 -3.30 -4.47
C THR B 13 -6.66 -1.87 -5.01
N VAL B 14 -7.64 -1.21 -5.69
CA VAL B 14 -7.44 0.21 -6.26
C VAL B 14 -7.39 1.23 -5.10
N ALA B 15 -8.15 0.92 -4.01
CA ALA B 15 -8.22 1.82 -2.77
C ALA B 15 -6.82 1.98 -2.11
N ALA B 16 -6.00 0.90 -2.17
CA ALA B 16 -4.60 0.88 -1.56
C ALA B 16 -3.65 1.89 -2.26
N VAL B 17 -3.82 2.04 -3.60
CA VAL B 17 -2.94 2.95 -4.46
C VAL B 17 -3.21 4.45 -4.14
N VAL B 18 -4.52 4.88 -4.10
CA VAL B 18 -4.88 6.34 -3.81
C VAL B 18 -4.43 6.74 -2.39
N LEU B 19 -4.46 5.75 -1.44
CA LEU B 19 -4.05 5.95 0.02
C LEU B 19 -2.63 6.63 0.10
N ILE B 20 -1.68 6.07 -0.71
CA ILE B 20 -0.24 6.57 -0.78
C ILE B 20 -0.19 8.00 -1.45
N VAL B 21 -0.76 8.13 -2.65
CA VAL B 21 -0.78 9.40 -3.48
C VAL B 21 -1.60 10.57 -2.85
N ALA B 22 -2.73 10.25 -2.20
CA ALA B 22 -3.70 11.30 -1.65
C ALA B 22 -3.06 12.29 -0.63
N VAL B 23 -2.06 11.86 0.17
CA VAL B 23 -1.40 12.78 1.21
C VAL B 23 -0.56 13.89 0.50
N PHE B 24 0.11 13.52 -0.64
CA PHE B 24 0.98 14.48 -1.45
C PHE B 24 0.08 15.52 -2.18
N VAL B 25 -1.04 15.03 -2.78
CA VAL B 25 -2.04 15.93 -3.53
C VAL B 25 -2.77 16.88 -2.52
N CYS B 26 -3.10 16.34 -1.31
CA CYS B 26 -3.82 17.13 -0.22
C CYS B 26 -2.92 18.27 0.33
N LYS B 27 -1.61 17.97 0.49
CA LYS B 27 -0.56 18.92 1.04
C LYS B 27 -0.29 20.08 0.06
N SER B 28 -0.54 19.83 -1.26
CA SER B 28 -0.33 20.86 -2.34
C SER B 28 -1.40 21.99 -2.23
N LEU B 29 -2.61 21.61 -1.75
CA LEU B 29 -3.79 22.57 -1.55
C LEU B 29 -3.55 23.46 -0.30
N LEU B 30 -2.84 22.89 0.73
CA LEU B 30 -2.52 23.64 2.02
C LEU B 30 -1.30 24.58 1.80
N TRP B 31 -0.55 24.34 0.69
CA TRP B 31 0.66 25.19 0.29
C TRP B 31 0.17 26.38 -0.61
N LYS B 32 -1.06 26.25 -1.15
CA LYS B 32 -1.74 27.34 -1.99
C LYS B 32 -0.89 27.82 -3.21
N LYS B 33 0.18 27.06 -3.56
CA LYS B 33 1.08 27.40 -4.75
C LYS B 33 0.34 27.04 -6.08
N VAL B 34 -0.79 26.30 -5.94
CA VAL B 34 -1.69 25.88 -7.11
C VAL B 34 -3.15 26.16 -6.64
N LEU B 35 -3.92 26.96 -7.45
CA LEU B 35 -5.35 27.40 -7.14
C LEU B 35 -6.30 26.84 -8.27
N PRO B 36 -7.57 26.36 -8.01
CA PRO B 36 -8.48 25.79 -9.11
C PRO B 36 -9.00 26.93 -10.04
N MET C 1 -7.00 -18.04 -25.73
CA MET C 1 -8.41 -17.58 -25.86
C MET C 1 -9.01 -17.30 -24.44
N PRO C 2 -8.33 -16.52 -23.53
CA PRO C 2 -8.89 -16.20 -22.12
C PRO C 2 -10.10 -15.24 -22.23
N GLY C 3 -10.94 -15.20 -21.17
CA GLY C 3 -12.18 -14.31 -21.10
C GLY C 3 -11.81 -12.82 -21.02
N SER C 4 -10.50 -12.54 -20.80
CA SER C 4 -9.93 -11.13 -20.70
C SER C 4 -10.63 -10.31 -19.58
N LEU C 5 -10.13 -9.06 -19.38
CA LEU C 5 -10.63 -8.06 -18.35
C LEU C 5 -10.28 -8.50 -16.91
N SER C 6 -10.25 -9.82 -16.67
CA SER C 6 -9.85 -10.42 -15.32
C SER C 6 -8.32 -10.21 -15.10
N GLY C 7 -7.58 -10.05 -16.22
CA GLY C 7 -6.08 -9.89 -16.23
C GLY C 7 -5.57 -8.59 -15.59
N ILE C 8 -6.14 -7.41 -15.97
CA ILE C 8 -5.67 -6.05 -15.42
C ILE C 8 -5.83 -6.01 -13.88
N ILE C 9 -6.91 -6.65 -13.35
CA ILE C 9 -7.20 -6.67 -11.85
C ILE C 9 -6.01 -7.32 -11.06
N ILE C 10 -5.32 -8.35 -11.67
CA ILE C 10 -4.14 -9.06 -10.99
C ILE C 10 -2.94 -8.06 -10.86
N TYR C 11 -2.72 -7.27 -11.93
CA TYR C 11 -1.57 -6.27 -12.01
C TYR C 11 -1.59 -5.26 -10.83
N VAL C 12 -2.81 -4.76 -10.48
CA VAL C 12 -2.98 -3.74 -9.35
C VAL C 12 -2.41 -4.28 -7.99
N THR C 13 -2.74 -5.55 -7.65
CA THR C 13 -2.35 -6.18 -6.32
C THR C 13 -0.82 -6.30 -6.14
N VAL C 14 -0.15 -6.86 -7.17
CA VAL C 14 1.36 -7.06 -7.16
C VAL C 14 2.08 -5.70 -7.29
N ALA C 15 1.53 -4.78 -8.14
CA ALA C 15 2.13 -3.41 -8.38
C ALA C 15 2.09 -2.50 -7.11
N ALA C 16 1.00 -2.64 -6.30
CA ALA C 16 0.79 -1.79 -5.06
C ALA C 16 1.79 -2.12 -3.92
N VAL C 17 1.98 -3.42 -3.62
CA VAL C 17 2.86 -3.87 -2.46
C VAL C 17 4.37 -3.61 -2.73
N VAL C 18 4.87 -3.81 -4.00
CA VAL C 18 6.34 -3.59 -4.35
C VAL C 18 6.72 -2.09 -4.21
N LEU C 19 5.74 -1.19 -4.52
CA LEU C 19 5.95 0.32 -4.49
C LEU C 19 6.44 0.83 -3.09
N ILE C 20 5.92 0.21 -2.00
CA ILE C 20 6.25 0.64 -0.57
C ILE C 20 7.74 0.30 -0.21
N VAL C 21 8.14 -0.98 -0.37
CA VAL C 21 9.55 -1.50 -0.04
C VAL C 21 10.65 -0.91 -0.98
N ALA C 22 10.31 -0.71 -2.28
CA ALA C 22 11.30 -0.27 -3.36
C ALA C 22 12.04 1.07 -3.04
N VAL C 23 11.39 2.02 -2.32
CA VAL C 23 12.07 3.37 -2.01
C VAL C 23 13.29 3.17 -1.06
N PHE C 24 13.17 2.18 -0.11
CA PHE C 24 14.28 1.85 0.89
C PHE C 24 15.51 1.23 0.16
N VAL C 25 15.25 0.45 -0.93
CA VAL C 25 16.36 -0.22 -1.76
C VAL C 25 17.29 0.86 -2.38
N CYS C 26 16.68 1.95 -2.91
CA CYS C 26 17.44 3.10 -3.57
C CYS C 26 18.34 3.85 -2.52
N LYS C 27 17.72 4.20 -1.37
CA LYS C 27 18.39 4.95 -0.24
C LYS C 27 19.47 4.07 0.47
N SER C 28 19.16 2.77 0.68
CA SER C 28 20.11 1.78 1.37
C SER C 28 21.33 1.48 0.46
N LEU C 29 21.12 1.54 -0.87
CA LEU C 29 22.20 1.24 -1.91
C LEU C 29 23.10 2.49 -2.18
N LEU C 30 22.49 3.71 -2.13
CA LEU C 30 23.20 5.03 -2.44
C LEU C 30 24.05 5.57 -1.25
N TRP C 31 23.66 5.24 0.01
CA TRP C 31 24.36 5.72 1.31
C TRP C 31 25.24 4.60 1.93
N LYS C 32 25.51 3.51 1.15
CA LYS C 32 26.36 2.30 1.62
C LYS C 32 27.62 2.14 0.73
N LYS C 33 27.73 2.91 -0.39
CA LYS C 33 28.96 2.84 -1.32
C LYS C 33 30.19 3.43 -0.56
N VAL C 34 29.96 4.57 0.13
CA VAL C 34 31.01 5.31 0.95
C VAL C 34 30.93 4.81 2.43
N LEU C 35 32.07 4.27 2.96
CA LEU C 35 32.21 3.70 4.36
C LEU C 35 33.10 4.71 5.19
N PRO C 36 32.85 5.00 6.51
CA PRO C 36 33.74 5.98 7.30
C PRO C 36 35.11 5.32 7.63
N MET A 1 -5.20 -33.16 -7.48
CA MET A 1 -3.75 -32.86 -7.70
C MET A 1 -3.27 -31.90 -6.56
N PRO A 2 -1.98 -31.92 -6.10
CA PRO A 2 -1.49 -30.97 -4.98
C PRO A 2 -1.37 -29.51 -5.52
N GLY A 3 -2.53 -28.80 -5.58
CA GLY A 3 -2.61 -27.37 -6.08
C GLY A 3 -1.84 -26.40 -5.16
N SER A 4 -1.73 -25.12 -5.58
CA SER A 4 -1.00 -24.03 -4.80
C SER A 4 -1.33 -22.65 -5.41
N LEU A 5 -0.74 -21.60 -4.79
CA LEU A 5 -0.90 -20.15 -5.21
C LEU A 5 -2.35 -19.61 -5.00
N SER A 6 -3.31 -20.52 -4.68
CA SER A 6 -4.77 -20.14 -4.45
C SER A 6 -4.94 -19.36 -3.13
N GLY A 7 -4.17 -19.77 -2.11
CA GLY A 7 -4.20 -19.12 -0.73
C GLY A 7 -3.46 -17.77 -0.72
N ILE A 8 -2.30 -17.74 -1.43
CA ILE A 8 -1.38 -16.53 -1.50
C ILE A 8 -2.10 -15.32 -2.20
N ILE A 9 -2.74 -15.57 -3.38
CA ILE A 9 -3.44 -14.44 -4.18
C ILE A 9 -4.52 -13.70 -3.32
N ILE A 10 -5.22 -14.45 -2.40
CA ILE A 10 -6.26 -13.83 -1.47
C ILE A 10 -5.54 -12.91 -0.41
N TYR A 11 -4.41 -13.45 0.12
CA TYR A 11 -3.59 -12.81 1.23
C TYR A 11 -2.86 -11.47 0.86
N VAL A 12 -2.26 -11.36 -0.36
CA VAL A 12 -1.45 -10.10 -0.75
C VAL A 12 -2.30 -8.79 -0.66
N THR A 13 -3.61 -8.87 -0.97
CA THR A 13 -4.54 -7.65 -0.96
C THR A 13 -4.75 -7.07 0.46
N VAL A 14 -5.10 -7.94 1.45
CA VAL A 14 -5.35 -7.51 2.89
C VAL A 14 -4.01 -7.15 3.57
N ALA A 15 -2.91 -7.85 3.15
CA ALA A 15 -1.51 -7.62 3.71
C ALA A 15 -1.02 -6.17 3.46
N ALA A 16 -1.44 -5.58 2.30
CA ALA A 16 -1.01 -4.17 1.90
C ALA A 16 -1.66 -3.09 2.83
N VAL A 17 -2.95 -3.30 3.15
CA VAL A 17 -3.77 -2.32 3.99
C VAL A 17 -3.27 -2.27 5.47
N VAL A 18 -2.97 -3.45 6.09
CA VAL A 18 -2.50 -3.50 7.55
C VAL A 18 -1.10 -2.84 7.70
N LEU A 19 -0.26 -2.97 6.64
CA LEU A 19 1.18 -2.43 6.63
C LEU A 19 1.23 -0.89 6.87
N ILE A 20 0.26 -0.12 6.30
CA ILE A 20 0.24 1.40 6.44
C ILE A 20 -0.11 1.86 7.89
N VAL A 21 -1.27 1.39 8.41
CA VAL A 21 -1.82 1.80 9.78
C VAL A 21 -0.95 1.32 10.98
N ALA A 22 -0.39 0.09 10.88
CA ALA A 22 0.41 -0.56 12.02
C ALA A 22 1.64 0.27 12.47
N VAL A 23 2.44 0.77 11.50
CA VAL A 23 3.66 1.63 11.83
C VAL A 23 3.20 3.04 12.30
N PHE A 24 2.07 3.51 11.71
CA PHE A 24 1.49 4.90 11.99
C PHE A 24 1.06 5.08 13.47
N VAL A 25 0.38 4.04 14.06
CA VAL A 25 -0.07 4.10 15.53
C VAL A 25 1.16 4.02 16.47
N CYS A 26 2.17 3.22 16.06
CA CYS A 26 3.44 2.99 16.86
C CYS A 26 4.30 4.30 16.94
N LYS A 27 4.53 4.96 15.78
CA LYS A 27 5.37 6.22 15.70
C LYS A 27 4.62 7.43 16.31
N SER A 28 3.32 7.57 15.98
CA SER A 28 2.46 8.73 16.47
C SER A 28 2.24 8.72 18.01
N LEU A 29 2.04 7.51 18.61
CA LEU A 29 1.75 7.35 20.10
C LEU A 29 3.02 7.62 20.97
N LEU A 30 4.21 7.18 20.48
CA LEU A 30 5.54 7.31 21.23
C LEU A 30 6.18 8.71 20.99
N TRP A 31 5.84 9.40 19.87
CA TRP A 31 6.41 10.79 19.52
C TRP A 31 5.52 11.91 20.14
N LYS A 32 4.35 11.53 20.72
CA LYS A 32 3.39 12.51 21.39
C LYS A 32 3.91 12.81 22.82
N LYS A 33 4.44 11.76 23.48
CA LYS A 33 5.01 11.83 24.88
C LYS A 33 6.35 12.60 24.83
N VAL A 34 7.29 12.08 24.01
CA VAL A 34 8.67 12.70 23.78
C VAL A 34 8.54 13.61 22.53
N LEU A 35 8.86 14.93 22.68
CA LEU A 35 8.80 15.97 21.56
C LEU A 35 10.26 16.10 20.97
N PRO A 36 10.49 16.28 19.63
CA PRO A 36 11.91 16.40 19.06
C PRO A 36 12.55 17.76 19.42
N MET B 1 -26.14 -19.62 -4.12
CA MET B 1 -25.85 -18.41 -4.94
C MET B 1 -25.42 -17.23 -3.98
N PRO B 2 -24.21 -17.29 -3.31
CA PRO B 2 -23.73 -16.16 -2.37
C PRO B 2 -23.78 -14.75 -3.02
N GLY B 3 -23.47 -13.71 -2.20
CA GLY B 3 -23.45 -12.25 -2.64
C GLY B 3 -23.02 -11.34 -1.49
N SER B 4 -22.81 -10.04 -1.81
CA SER B 4 -22.38 -8.99 -0.81
C SER B 4 -21.04 -9.38 -0.10
N LEU B 5 -20.02 -9.70 -0.94
CA LEU B 5 -18.64 -10.11 -0.46
C LEU B 5 -17.70 -10.04 -1.69
N SER B 6 -18.16 -10.62 -2.81
CA SER B 6 -17.38 -10.64 -4.12
C SER B 6 -17.13 -9.21 -4.64
N GLY B 7 -18.03 -8.28 -4.25
CA GLY B 7 -17.94 -6.81 -4.62
C GLY B 7 -16.85 -6.10 -3.79
N ILE B 8 -16.84 -6.38 -2.47
CA ILE B 8 -15.90 -5.73 -1.45
C ILE B 8 -14.40 -5.97 -1.80
N ILE B 9 -14.04 -7.23 -2.16
CA ILE B 9 -12.58 -7.59 -2.52
C ILE B 9 -12.08 -6.70 -3.71
N ILE B 10 -12.97 -6.30 -4.65
CA ILE B 10 -12.56 -5.43 -5.86
C ILE B 10 -12.02 -4.03 -5.37
N TYR B 11 -12.79 -3.37 -4.46
CA TYR B 11 -12.47 -1.97 -3.94
C TYR B 11 -11.19 -1.86 -3.03
N VAL B 12 -10.92 -2.84 -2.11
CA VAL B 12 -9.71 -2.71 -1.14
C VAL B 12 -8.36 -2.53 -1.91
N THR B 13 -8.20 -3.25 -3.04
CA THR B 13 -6.95 -3.21 -3.92
C THR B 13 -6.71 -1.78 -4.48
N VAL B 14 -7.79 -1.19 -5.04
CA VAL B 14 -7.76 0.20 -5.66
C VAL B 14 -7.58 1.27 -4.54
N ALA B 15 -8.34 1.11 -3.43
CA ALA B 15 -8.28 2.08 -2.24
C ALA B 15 -6.85 2.11 -1.62
N ALA B 16 -6.15 0.94 -1.62
CA ALA B 16 -4.76 0.80 -1.04
C ALA B 16 -3.74 1.74 -1.74
N VAL B 17 -3.82 1.83 -3.10
CA VAL B 17 -2.89 2.71 -3.94
C VAL B 17 -3.22 4.21 -3.69
N VAL B 18 -4.53 4.52 -3.68
CA VAL B 18 -5.06 5.93 -3.45
C VAL B 18 -4.71 6.42 -2.02
N LEU B 19 -4.72 5.48 -1.03
CA LEU B 19 -4.41 5.80 0.44
C LEU B 19 -2.98 6.41 0.60
N ILE B 20 -2.00 5.90 -0.19
CA ILE B 20 -0.55 6.40 -0.15
C ILE B 20 -0.51 7.84 -0.75
N VAL B 21 -1.14 8.00 -1.93
CA VAL B 21 -1.24 9.30 -2.72
C VAL B 21 -2.08 10.38 -1.98
N ALA B 22 -3.14 9.95 -1.26
CA ALA B 22 -4.13 10.90 -0.59
C ALA B 22 -3.46 11.90 0.42
N VAL B 23 -2.38 11.47 1.13
CA VAL B 23 -1.66 12.39 2.12
C VAL B 23 -0.82 13.48 1.39
N PHE B 24 -0.08 13.06 0.32
CA PHE B 24 0.85 13.99 -0.47
C PHE B 24 0.06 15.14 -1.19
N VAL B 25 -1.12 14.83 -1.81
CA VAL B 25 -1.93 15.90 -2.56
C VAL B 25 -2.48 16.97 -1.57
N CYS B 26 -2.83 16.53 -0.32
CA CYS B 26 -3.37 17.47 0.76
C CYS B 26 -2.29 18.48 1.23
N LYS B 27 -1.05 17.96 1.42
CA LYS B 27 0.15 18.79 1.88
C LYS B 27 0.64 19.70 0.72
N SER B 28 0.48 19.23 -0.54
CA SER B 28 0.93 20.00 -1.77
C SER B 28 0.19 21.35 -1.96
N LEU B 29 -1.16 21.34 -1.75
CA LEU B 29 -2.06 22.55 -1.94
C LEU B 29 -2.13 23.43 -0.67
N LEU B 30 -1.68 22.90 0.50
CA LEU B 30 -1.77 23.63 1.86
C LEU B 30 -0.53 24.51 2.20
N TRP B 31 0.71 24.18 1.67
CA TRP B 31 2.01 24.97 2.00
C TRP B 31 2.54 25.84 0.83
N LYS B 32 1.70 26.08 -0.23
CA LYS B 32 2.13 26.97 -1.40
C LYS B 32 2.37 28.44 -0.94
N LYS B 33 2.10 28.71 0.38
CA LYS B 33 2.24 30.07 1.03
C LYS B 33 0.98 30.91 0.76
N VAL B 34 -0.19 30.26 1.00
CA VAL B 34 -1.58 30.88 0.85
C VAL B 34 -2.40 30.44 2.10
N LEU B 35 -2.93 31.43 2.88
CA LEU B 35 -3.73 31.22 4.16
C LEU B 35 -5.23 31.57 3.83
N PRO B 36 -6.29 30.85 4.35
CA PRO B 36 -7.75 31.18 4.00
C PRO B 36 -8.19 32.49 4.71
N MET C 1 -16.05 -11.85 -29.37
CA MET C 1 -15.44 -10.50 -29.44
C MET C 1 -15.27 -9.91 -28.00
N PRO C 2 -14.67 -10.66 -27.00
CA PRO C 2 -14.48 -10.13 -25.57
C PRO C 2 -13.39 -9.00 -25.56
N GLY C 3 -13.58 -7.99 -24.67
CA GLY C 3 -12.63 -6.81 -24.52
C GLY C 3 -11.29 -7.24 -23.90
N SER C 4 -11.35 -8.30 -23.06
CA SER C 4 -10.14 -8.88 -22.33
C SER C 4 -9.42 -7.78 -21.46
N LEU C 5 -9.69 -7.78 -20.12
CA LEU C 5 -9.09 -6.76 -19.14
C LEU C 5 -8.90 -7.40 -17.73
N SER C 6 -9.37 -8.66 -17.53
CA SER C 6 -9.22 -9.41 -16.21
C SER C 6 -7.75 -9.48 -15.75
N GLY C 7 -6.83 -9.31 -16.73
CA GLY C 7 -5.33 -9.36 -16.50
C GLY C 7 -4.82 -8.18 -15.64
N ILE C 8 -5.37 -6.95 -15.86
CA ILE C 8 -4.91 -5.69 -15.08
C ILE C 8 -5.19 -5.87 -13.56
N ILE C 9 -6.36 -6.50 -13.25
CA ILE C 9 -6.81 -6.77 -11.80
C ILE C 9 -5.72 -7.59 -11.04
N ILE C 10 -5.01 -8.49 -11.75
CA ILE C 10 -3.93 -9.36 -11.14
C ILE C 10 -2.68 -8.47 -10.77
N TYR C 11 -2.34 -7.59 -11.73
CA TYR C 11 -1.12 -6.67 -11.66
C TYR C 11 -1.19 -5.56 -10.56
N VAL C 12 -2.36 -4.91 -10.34
CA VAL C 12 -2.48 -3.75 -9.34
C VAL C 12 -2.13 -4.19 -7.88
N THR C 13 -2.52 -5.43 -7.49
CA THR C 13 -2.30 -5.98 -6.09
C THR C 13 -0.78 -6.12 -5.75
N VAL C 14 0.00 -6.76 -6.67
CA VAL C 14 1.49 -6.97 -6.45
C VAL C 14 2.24 -5.63 -6.61
N ALA C 15 1.80 -4.78 -7.58
CA ALA C 15 2.44 -3.43 -7.84
C ALA C 15 2.37 -2.52 -6.59
N ALA C 16 1.24 -2.65 -5.82
CA ALA C 16 0.99 -1.82 -4.56
C ALA C 16 2.09 -2.06 -3.47
N VAL C 17 2.40 -3.35 -3.21
CA VAL C 17 3.43 -3.77 -2.17
C VAL C 17 4.85 -3.39 -2.65
N VAL C 18 5.12 -3.61 -3.95
CA VAL C 18 6.46 -3.31 -4.61
C VAL C 18 6.72 -1.78 -4.63
N LEU C 19 5.64 -0.95 -4.76
CA LEU C 19 5.79 0.56 -4.84
C LEU C 19 6.36 1.16 -3.51
N ILE C 20 5.79 0.76 -2.34
CA ILE C 20 6.24 1.31 -0.97
C ILE C 20 7.64 0.79 -0.49
N VAL C 21 7.87 -0.55 -0.48
CA VAL C 21 9.16 -1.17 0.08
C VAL C 21 10.45 -0.86 -0.73
N ALA C 22 10.30 -0.81 -2.07
CA ALA C 22 11.46 -0.61 -3.04
C ALA C 22 12.28 0.70 -2.82
N VAL C 23 11.63 1.82 -2.35
CA VAL C 23 12.38 3.15 -2.14
C VAL C 23 13.50 2.99 -1.06
N PHE C 24 13.24 2.13 -0.02
CA PHE C 24 14.23 1.85 1.10
C PHE C 24 15.45 1.05 0.53
N VAL C 25 15.16 0.10 -0.39
CA VAL C 25 16.19 -0.79 -1.07
C VAL C 25 17.10 0.07 -2.00
N CYS C 26 16.47 1.01 -2.74
CA CYS C 26 17.18 1.95 -3.72
C CYS C 26 18.17 2.87 -2.95
N LYS C 27 17.76 3.35 -1.76
CA LYS C 27 18.59 4.26 -0.87
C LYS C 27 19.76 3.45 -0.24
N SER C 28 19.42 2.26 0.29
CA SER C 28 20.41 1.32 0.96
C SER C 28 21.48 0.79 -0.02
N LEU C 29 21.26 1.00 -1.35
CA LEU C 29 22.19 0.51 -2.46
C LEU C 29 23.28 1.59 -2.83
N LEU C 30 22.88 2.90 -2.83
CA LEU C 30 23.81 4.06 -3.22
C LEU C 30 24.55 4.65 -1.97
N TRP C 31 23.91 4.53 -0.78
CA TRP C 31 24.49 5.04 0.55
C TRP C 31 25.15 3.85 1.31
N LYS C 32 25.37 2.72 0.59
CA LYS C 32 26.05 1.46 1.14
C LYS C 32 27.51 1.78 1.53
N LYS C 33 28.03 2.87 0.93
CA LYS C 33 29.45 3.38 1.16
C LYS C 33 29.62 3.85 2.64
N VAL C 34 28.46 4.15 3.30
CA VAL C 34 28.40 4.59 4.77
C VAL C 34 27.23 3.81 5.45
N LEU C 35 27.55 3.06 6.56
CA LEU C 35 26.57 2.20 7.34
C LEU C 35 26.46 2.78 8.81
N PRO C 36 25.26 2.82 9.49
CA PRO C 36 25.16 3.41 10.92
C PRO C 36 25.81 2.45 11.95
N MET A 1 -0.95 -29.33 -6.38
CA MET A 1 -1.56 -28.64 -7.54
C MET A 1 -3.06 -28.21 -7.25
N PRO A 2 -3.91 -28.98 -6.47
CA PRO A 2 -5.38 -28.58 -6.20
C PRO A 2 -5.49 -27.68 -4.95
N GLY A 3 -4.37 -27.01 -4.58
CA GLY A 3 -4.31 -26.09 -3.37
C GLY A 3 -5.20 -24.85 -3.55
N SER A 4 -5.58 -24.19 -2.43
CA SER A 4 -6.45 -22.94 -2.42
C SER A 4 -5.65 -21.73 -2.96
N LEU A 5 -5.28 -21.81 -4.27
CA LEU A 5 -4.49 -20.72 -4.99
C LEU A 5 -5.33 -19.44 -5.12
N SER A 6 -6.65 -19.65 -5.33
CA SER A 6 -7.66 -18.51 -5.43
C SER A 6 -7.86 -17.85 -4.05
N GLY A 7 -7.51 -18.60 -2.98
CA GLY A 7 -7.64 -18.15 -1.54
C GLY A 7 -6.56 -17.12 -1.11
N ILE A 8 -5.25 -17.45 -1.39
CA ILE A 8 -4.09 -16.56 -0.94
C ILE A 8 -4.07 -15.18 -1.65
N ILE A 9 -4.46 -15.11 -2.96
CA ILE A 9 -4.46 -13.77 -3.73
C ILE A 9 -5.38 -12.73 -3.02
N ILE A 10 -6.51 -13.21 -2.39
CA ILE A 10 -7.48 -12.30 -1.63
C ILE A 10 -6.76 -11.68 -0.38
N TYR A 11 -5.94 -12.50 0.30
CA TYR A 11 -5.18 -12.07 1.57
C TYR A 11 -4.16 -10.93 1.27
N VAL A 12 -3.55 -10.94 0.05
CA VAL A 12 -2.52 -9.87 -0.38
C VAL A 12 -3.17 -8.45 -0.31
N THR A 13 -4.46 -8.38 -0.70
CA THR A 13 -5.25 -7.07 -0.77
C THR A 13 -5.45 -6.47 0.64
N VAL A 14 -5.92 -7.33 1.57
CA VAL A 14 -6.18 -6.93 3.01
C VAL A 14 -4.81 -6.65 3.72
N ALA A 15 -3.82 -7.57 3.50
CA ALA A 15 -2.43 -7.45 4.12
C ALA A 15 -1.75 -6.09 3.77
N ALA A 16 -2.02 -5.58 2.53
CA ALA A 16 -1.43 -4.27 2.03
C ALA A 16 -1.87 -3.06 2.91
N VAL A 17 -3.18 -3.06 3.30
CA VAL A 17 -3.78 -1.95 4.16
C VAL A 17 -3.21 -2.03 5.60
N VAL A 18 -3.03 -3.28 6.11
CA VAL A 18 -2.48 -3.56 7.50
C VAL A 18 -1.01 -3.05 7.60
N LEU A 19 -0.27 -3.12 6.47
CA LEU A 19 1.20 -2.68 6.40
C LEU A 19 1.34 -1.14 6.71
N ILE A 20 0.47 -0.34 6.06
CA ILE A 20 0.47 1.18 6.17
C ILE A 20 0.17 1.69 7.63
N VAL A 21 -0.96 1.24 8.23
CA VAL A 21 -1.41 1.70 9.63
C VAL A 21 -0.46 1.23 10.77
N ALA A 22 0.09 0.00 10.63
CA ALA A 22 0.95 -0.66 11.72
C ALA A 22 2.22 0.15 12.11
N VAL A 23 2.85 0.93 11.18
CA VAL A 23 4.12 1.74 11.51
C VAL A 23 3.79 2.87 12.55
N PHE A 24 2.56 3.46 12.44
CA PHE A 24 2.11 4.58 13.38
C PHE A 24 1.97 4.03 14.84
N VAL A 25 1.52 2.77 14.97
CA VAL A 25 1.32 2.06 16.31
C VAL A 25 2.70 1.83 17.00
N CYS A 26 3.73 1.50 16.17
CA CYS A 26 5.15 1.23 16.68
C CYS A 26 5.80 2.53 17.26
N LYS A 27 5.71 3.64 16.49
CA LYS A 27 6.30 4.99 16.88
C LYS A 27 5.48 5.61 18.06
N SER A 28 4.18 5.26 18.16
CA SER A 28 3.27 5.78 19.28
C SER A 28 3.76 5.30 20.67
N LEU A 29 4.26 4.04 20.70
CA LEU A 29 4.79 3.36 21.96
C LEU A 29 6.13 4.01 22.40
N LEU A 30 6.97 4.39 21.41
CA LEU A 30 8.34 5.03 21.66
C LEU A 30 8.18 6.55 21.97
N TRP A 31 7.06 7.16 21.51
CA TRP A 31 6.74 8.64 21.72
C TRP A 31 5.95 8.83 23.05
N LYS A 32 5.53 7.71 23.68
CA LYS A 32 4.74 7.68 24.99
C LYS A 32 5.49 6.75 25.99
N LYS A 33 6.83 6.91 26.03
CA LYS A 33 7.75 6.10 26.94
C LYS A 33 9.10 6.86 27.12
N VAL A 34 9.43 7.74 26.14
CA VAL A 34 10.71 8.58 26.17
C VAL A 34 10.43 9.83 27.05
N LEU A 35 11.28 10.04 28.11
CA LEU A 35 11.13 11.19 29.10
C LEU A 35 12.52 11.94 29.22
N PRO A 36 12.71 13.25 28.81
CA PRO A 36 14.07 13.98 28.96
C PRO A 36 14.73 13.82 30.37
N MET B 1 -32.10 -9.46 -0.91
CA MET B 1 -31.50 -9.31 0.45
C MET B 1 -29.95 -9.08 0.26
N PRO B 2 -29.17 -8.49 1.24
CA PRO B 2 -27.65 -8.28 1.04
C PRO B 2 -26.89 -9.58 0.60
N GLY B 3 -25.88 -9.42 -0.30
CA GLY B 3 -25.05 -10.57 -0.84
C GLY B 3 -24.09 -10.06 -1.93
N SER B 4 -23.57 -11.00 -2.76
CA SER B 4 -22.61 -10.70 -3.91
C SER B 4 -21.31 -9.98 -3.40
N LEU B 5 -20.60 -10.66 -2.48
CA LEU B 5 -19.30 -10.14 -1.87
C LEU B 5 -18.13 -10.27 -2.88
N SER B 6 -18.43 -10.53 -4.17
CA SER B 6 -17.37 -10.62 -5.26
C SER B 6 -16.79 -9.22 -5.57
N GLY B 7 -17.71 -8.24 -5.65
CA GLY B 7 -17.40 -6.80 -6.02
C GLY B 7 -16.50 -6.04 -5.01
N ILE B 8 -16.79 -6.16 -3.67
CA ILE B 8 -15.99 -5.41 -2.59
C ILE B 8 -14.49 -5.78 -2.66
N ILE B 9 -14.17 -7.05 -3.00
CA ILE B 9 -12.71 -7.54 -3.10
C ILE B 9 -11.86 -6.65 -4.09
N ILE B 10 -12.45 -6.23 -5.25
CA ILE B 10 -11.71 -5.37 -6.29
C ILE B 10 -11.42 -3.97 -5.68
N TYR B 11 -12.41 -3.41 -4.94
CA TYR B 11 -12.32 -2.02 -4.31
C TYR B 11 -11.11 -1.91 -3.31
N VAL B 12 -10.82 -3.01 -2.54
CA VAL B 12 -9.64 -3.01 -1.54
C VAL B 12 -8.30 -2.69 -2.29
N THR B 13 -8.13 -3.31 -3.48
CA THR B 13 -6.86 -3.17 -4.34
C THR B 13 -6.67 -1.70 -4.79
N VAL B 14 -7.76 -1.12 -5.33
CA VAL B 14 -7.80 0.30 -5.84
C VAL B 14 -7.65 1.29 -4.64
N ALA B 15 -8.37 1.01 -3.53
CA ALA B 15 -8.35 1.88 -2.28
C ALA B 15 -6.92 1.96 -1.68
N ALA B 16 -6.16 0.83 -1.78
CA ALA B 16 -4.74 0.75 -1.24
C ALA B 16 -3.77 1.68 -2.01
N VAL B 17 -3.81 1.62 -3.37
CA VAL B 17 -2.92 2.46 -4.27
C VAL B 17 -3.34 3.96 -4.20
N VAL B 18 -4.67 4.21 -4.15
CA VAL B 18 -5.25 5.63 -4.08
C VAL B 18 -4.86 6.31 -2.73
N LEU B 19 -4.74 5.52 -1.64
CA LEU B 19 -4.38 6.06 -0.24
C LEU B 19 -2.94 6.67 -0.21
N ILE B 20 -2.00 6.06 -0.98
CA ILE B 20 -0.54 6.52 -1.00
C ILE B 20 -0.40 7.91 -1.71
N VAL B 21 -0.91 8.03 -2.96
CA VAL B 21 -0.82 9.31 -3.79
C VAL B 21 -1.65 10.49 -3.21
N ALA B 22 -2.84 10.17 -2.64
CA ALA B 22 -3.83 11.22 -2.12
C ALA B 22 -3.23 12.15 -1.01
N VAL B 23 -2.43 11.58 -0.09
CA VAL B 23 -1.81 12.39 1.05
C VAL B 23 -0.66 13.31 0.53
N PHE B 24 0.13 12.88 -0.51
CA PHE B 24 1.29 13.74 -1.05
C PHE B 24 0.77 15.01 -1.79
N VAL B 25 -0.33 14.90 -2.59
CA VAL B 25 -0.89 16.09 -3.38
C VAL B 25 -1.49 17.16 -2.41
N CYS B 26 -2.05 16.72 -1.25
CA CYS B 26 -2.68 17.67 -0.21
C CYS B 26 -1.62 18.68 0.35
N LYS B 27 -0.38 18.19 0.61
CA LYS B 27 0.75 19.04 1.16
C LYS B 27 1.33 19.93 0.04
N SER B 28 1.57 19.34 -1.15
CA SER B 28 2.16 20.08 -2.35
C SER B 28 1.23 21.21 -2.83
N LEU B 29 -0.04 21.21 -2.34
CA LEU B 29 -1.10 22.24 -2.70
C LEU B 29 -1.03 23.45 -1.71
N LEU B 30 -0.70 23.15 -0.42
CA LEU B 30 -0.63 24.20 0.71
C LEU B 30 0.78 24.89 0.73
N TRP B 31 1.82 24.16 0.25
CA TRP B 31 3.28 24.65 0.17
C TRP B 31 3.67 24.91 -1.31
N LYS B 32 2.65 24.95 -2.21
CA LYS B 32 2.84 25.16 -3.71
C LYS B 32 3.73 26.39 -4.06
N LYS B 33 3.73 27.42 -3.17
CA LYS B 33 4.51 28.73 -3.41
C LYS B 33 4.60 29.55 -2.11
N VAL B 34 3.83 29.17 -1.06
CA VAL B 34 3.84 29.89 0.28
C VAL B 34 5.05 29.33 1.08
N LEU B 35 5.99 30.23 1.49
CA LEU B 35 7.26 29.86 2.28
C LEU B 35 6.97 30.18 3.78
N PRO B 36 7.44 29.37 4.81
CA PRO B 36 7.13 29.67 6.29
C PRO B 36 7.91 30.92 6.77
N MET C 1 -17.97 -15.21 -16.87
CA MET C 1 -18.03 -15.28 -18.37
C MET C 1 -17.03 -14.25 -19.01
N PRO C 2 -16.76 -13.01 -18.44
CA PRO C 2 -15.78 -12.01 -19.09
C PRO C 2 -14.37 -12.63 -19.45
N GLY C 3 -14.14 -12.91 -20.77
CA GLY C 3 -12.85 -13.52 -21.29
C GLY C 3 -11.70 -12.50 -21.21
N SER C 4 -10.44 -13.00 -21.07
CA SER C 4 -9.18 -12.13 -20.98
C SER C 4 -9.28 -11.09 -19.82
N LEU C 5 -8.24 -10.25 -19.71
CA LEU C 5 -8.13 -9.15 -18.65
C LEU C 5 -7.99 -9.76 -17.22
N SER C 6 -8.02 -11.11 -17.11
CA SER C 6 -7.87 -11.82 -15.77
C SER C 6 -6.43 -11.69 -15.22
N GLY C 7 -5.48 -11.40 -16.13
CA GLY C 7 -4.00 -11.28 -15.78
C GLY C 7 -3.66 -10.01 -14.97
N ILE C 8 -4.12 -8.81 -15.44
CA ILE C 8 -3.80 -7.48 -14.75
C ILE C 8 -4.39 -7.44 -13.30
N ILE C 9 -5.60 -8.05 -13.08
CA ILE C 9 -6.28 -8.07 -11.70
C ILE C 9 -5.36 -8.79 -10.64
N ILE C 10 -4.60 -9.84 -11.06
CA ILE C 10 -3.65 -10.60 -10.13
C ILE C 10 -2.43 -9.69 -9.78
N TYR C 11 -1.92 -8.99 -10.81
CA TYR C 11 -0.67 -8.11 -10.73
C TYR C 11 -0.81 -6.84 -9.82
N VAL C 12 -1.96 -6.11 -9.90
CA VAL C 12 -2.15 -4.81 -9.09
C VAL C 12 -2.00 -5.02 -7.56
N THR C 13 -2.42 -6.22 -7.06
CA THR C 13 -2.38 -6.54 -5.57
C THR C 13 -0.92 -6.66 -5.02
N VAL C 14 -0.06 -7.45 -5.72
CA VAL C 14 1.39 -7.64 -5.30
C VAL C 14 2.19 -6.35 -5.60
N ALA C 15 1.91 -5.70 -6.76
CA ALA C 15 2.63 -4.41 -7.19
C ALA C 15 2.48 -3.29 -6.12
N ALA C 16 1.30 -3.26 -5.43
CA ALA C 16 1.00 -2.23 -4.36
C ALA C 16 1.98 -2.36 -3.16
N VAL C 17 2.31 -3.63 -2.78
CA VAL C 17 3.24 -3.95 -1.63
C VAL C 17 4.71 -3.56 -2.01
N VAL C 18 5.08 -3.85 -3.29
CA VAL C 18 6.47 -3.54 -3.85
C VAL C 18 6.75 -2.01 -3.83
N LEU C 19 5.68 -1.19 -4.05
CA LEU C 19 5.80 0.33 -4.09
C LEU C 19 6.19 0.92 -2.69
N ILE C 20 5.66 0.30 -1.60
CA ILE C 20 5.91 0.79 -0.17
C ILE C 20 7.40 0.51 0.25
N VAL C 21 7.86 -0.75 0.13
CA VAL C 21 9.25 -1.16 0.58
C VAL C 21 10.40 -0.54 -0.29
N ALA C 22 10.20 -0.51 -1.62
CA ALA C 22 11.24 -0.03 -2.62
C ALA C 22 11.71 1.44 -2.41
N VAL C 23 10.75 2.37 -2.13
CA VAL C 23 11.07 3.85 -1.96
C VAL C 23 12.04 4.11 -0.76
N PHE C 24 11.93 3.36 0.41
CA PHE C 24 12.90 3.61 1.60
C PHE C 24 14.31 3.05 1.25
N VAL C 25 14.35 1.89 0.52
CA VAL C 25 15.66 1.22 0.08
C VAL C 25 16.36 2.11 -1.00
N CYS C 26 15.55 2.83 -1.82
CA CYS C 26 16.06 3.72 -2.95
C CYS C 26 16.98 4.86 -2.39
N LYS C 27 16.58 5.40 -1.21
CA LYS C 27 17.33 6.52 -0.49
C LYS C 27 18.83 6.18 -0.32
N SER C 28 19.16 4.87 -0.33
CA SER C 28 20.60 4.39 -0.19
C SER C 28 21.48 4.86 -1.39
N LEU C 29 20.88 4.82 -2.60
CA LEU C 29 21.56 5.23 -3.90
C LEU C 29 21.80 6.77 -3.96
N LEU C 30 20.91 7.58 -3.33
CA LEU C 30 21.01 9.11 -3.36
C LEU C 30 22.07 9.57 -2.31
N TRP C 31 22.25 8.77 -1.22
CA TRP C 31 23.26 9.08 -0.11
C TRP C 31 24.65 8.46 -0.45
N LYS C 32 24.67 7.52 -1.45
CA LYS C 32 25.93 6.82 -2.00
C LYS C 32 26.20 5.44 -1.35
N LYS C 33 25.22 4.52 -1.48
CA LYS C 33 25.30 3.10 -0.97
C LYS C 33 25.70 3.02 0.53
N VAL C 34 24.93 3.72 1.40
CA VAL C 34 25.15 3.71 2.92
C VAL C 34 24.26 2.58 3.50
N LEU C 35 24.86 1.59 4.21
CA LEU C 35 24.12 0.39 4.83
C LEU C 35 24.60 0.32 6.34
N PRO C 36 23.72 0.14 7.39
CA PRO C 36 24.21 0.07 8.85
C PRO C 36 24.84 -1.31 9.16
#